data_7CAF
#
_entry.id   7CAF
#
_cell.length_a   1.00
_cell.length_b   1.00
_cell.length_c   1.00
_cell.angle_alpha   90.00
_cell.angle_beta   90.00
_cell.angle_gamma   90.00
#
_symmetry.space_group_name_H-M   'P 1'
#
loop_
_entity.id
_entity.type
_entity.pdbx_description
1 polymer 'Bacterial extracellular solute-binding protein'
2 polymer 'ABC transporter, ATP-binding protein SugC'
3 polymer 'ABC sugar transporter, permease component'
4 polymer 'ABC transporter, permease protein SugB'
5 branched alpha-D-glucopyranose-(1-1)-alpha-D-glucopyranose
#
loop_
_entity_poly.entity_id
_entity_poly.type
_entity_poly.pdbx_seq_one_letter_code
_entity_poly.pdbx_strand_id
1 'polypeptide(L)'
;MRARRLCAAAVAAMAAASMVSACGSQTGGIVINYYTPANEEATFKAVANRCNEQLGGRFQIAQRNLPKGADDQRLQLARR
LTGNDKSLDVMALDVVWTAEFAEAGWAVPLSEDPAGLAEADATENTLPGPLETARWQDELYAAPITTNTQLLWYRADLMP
APPTTWDGMLDEANRLYREGGPSWIAVQGKQYEGMVVWFNTLLQSAGGQVLSDDGQRVTLTDTPEHRAATVKALRIIKSV
ATAPGADPSITQTDENTARLALEQGKAALEVNWPYVLPSLLENAVKGGVSFLPLDGDPALQGSINDVGTFSPTDEQFDIA
FDASKKVFGFAPYPGVNPDEPARVTLGGLNLAVASTSQHKAEAFEAIRCLRNVENQRYTSIEGGLPAVRTSLYDDPAFQK
KYPQYEIIRQQLTNAAVRPATPVYQAVSTRMSATLAPISDIDPERTADELTEAVQKAIDGKGLIP
;
E
2 'polypeptide(L)'
;MAEIVLDRVTKSYPDGAGGVRAAVKEFSMTIADGEFIILVGPSGCGKSTTLNMIAGLEEITSGELRIGGERVNEKAPKDR
DIAMVFQSYALYPHMTVRQNIAFPLTLAKVPKAEIAAKVEETAKILDLSELLDRKPGQLSGGQRQRVAMGRAIVRSPKAF
LMDQPLSNLDAKLRVQMRAEISRLQDRLGTTTVYVTHDQTEAMTLGDRVVVMLAGEVQQIGTPDELYSSPANLFVAGFIG
SPAMNFFPATRTDVGVRLPFGEVTLTPHMLDLLDKQARPENIIVGIRPEHIEDSALLDGYARIRALTFSVRADIVESLGA
DKYVHFTTEGAGAESAQLAELAADSGAGTNQFIARVSADSRVRTGEQIELAIDTTKLSIFDAATGLNLTRDITPTDPTEA
AGPDAG
;
C,D
3 'polypeptide(L)'
;MTAAVTPSASAVASDDKKSERRLAFWLIAPAVLLMLAVTAYPIGYAVWLSLQRYNLAEPHDTEFIGLANYVTVLTDGYWW
TAFAVTLGITVVSVAIEFALGLALALVMHRTIFGKGAVRTAILIPYGIVTVAASYSWYYAWTPGTGYLANLLPEGSAPLT
DQLPSLAIVVLAEVWKTTPFMALLLLAGLALVPQDLLNAAQVDGAGPWKRLTKVILPMIKPAILVALLFRTLDAFRIFDN
IYILTGGSNDTGSVSILGYDNLFKAFNVGLGSAISVLIFLSVAIIAFIYIKIFGAAAPGSDEEVR
;
A
4 'polypeptide(L)'
;MADRVDARRATWWSVVNILVIVYALIPVLWILSLSLKPTSSVKDGKLIPTEITFANYKAIFSGDAFTSALFNSIGIGLIT
TIIAVVIGGMAAYAVARLQFPGKQLLIGVALLIAMFPHISLVTPIFNMWRGIGLFDTWPGLIIPYITFALPLAIYTLSAF
FREIPWDLEKAAKMDGATPAQAFRKVIAPLAAPGIVTAAILVFIFAWNDLLLALSLTATQRAITAPVAIANFTGSSQFEE
PTGSIAAGAMVITIPIIIFVLIFQRRIVAGLTSGAVKG
;
B
#
loop_
_chem_comp.id
_chem_comp.type
_chem_comp.name
_chem_comp.formula
GLC D-saccharide, alpha linking alpha-D-glucopyranose 'C6 H12 O6'
#
# COMPACT_ATOMS: atom_id res chain seq x y z
N CYS A 23 -17.38 -22.08 -31.82
CA CYS A 23 -18.71 -22.06 -32.49
C CYS A 23 -19.62 -23.13 -31.86
N GLY A 24 -20.41 -22.74 -30.86
CA GLY A 24 -21.33 -23.66 -30.17
C GLY A 24 -22.07 -22.99 -29.04
N SER A 25 -22.86 -21.96 -29.36
CA SER A 25 -23.64 -21.21 -28.34
C SER A 25 -24.66 -22.15 -27.67
N GLN A 26 -25.66 -22.60 -28.43
CA GLN A 26 -26.69 -23.50 -27.91
C GLN A 26 -27.28 -24.46 -28.94
N THR A 27 -27.24 -24.16 -30.23
CA THR A 27 -27.95 -24.96 -31.21
C THR A 27 -27.23 -26.28 -31.47
N GLY A 28 -28.00 -27.32 -31.74
CA GLY A 28 -27.45 -28.63 -32.02
C GLY A 28 -28.44 -29.73 -31.73
N GLY A 29 -28.00 -30.95 -32.01
CA GLY A 29 -28.79 -32.13 -31.72
C GLY A 29 -29.15 -32.22 -30.25
N ILE A 30 -30.24 -32.92 -29.92
CA ILE A 30 -30.68 -32.99 -28.54
C ILE A 30 -29.65 -33.69 -27.68
N VAL A 31 -29.39 -33.14 -26.50
CA VAL A 31 -28.59 -33.79 -25.47
C VAL A 31 -29.42 -33.84 -24.21
N ILE A 32 -29.42 -35.00 -23.55
CA ILE A 32 -30.25 -35.19 -22.37
C ILE A 32 -29.36 -35.33 -21.14
N ASN A 33 -29.15 -34.23 -20.44
CA ASN A 33 -28.29 -34.25 -19.27
C ASN A 33 -28.82 -35.22 -18.23
N TYR A 34 -27.98 -36.17 -17.86
CA TYR A 34 -28.35 -37.28 -16.97
C TYR A 34 -27.51 -37.19 -15.71
N TYR A 35 -28.15 -36.87 -14.60
CA TYR A 35 -27.44 -36.58 -13.35
C TYR A 35 -27.37 -37.81 -12.47
N THR A 36 -26.16 -38.16 -12.06
CA THR A 36 -25.91 -39.30 -11.17
C THR A 36 -24.95 -38.87 -10.09
N PRO A 37 -24.89 -39.60 -8.97
CA PRO A 37 -23.87 -39.31 -7.96
C PRO A 37 -22.48 -39.59 -8.49
N ALA A 38 -21.51 -38.92 -7.88
CA ALA A 38 -20.12 -39.11 -8.29
C ALA A 38 -19.58 -40.48 -7.94
N ASN A 39 -20.31 -41.28 -7.14
CA ASN A 39 -19.87 -42.63 -6.84
C ASN A 39 -20.09 -43.57 -8.01
N GLU A 40 -20.75 -43.11 -9.07
CA GLU A 40 -20.92 -43.87 -10.30
C GLU A 40 -20.68 -43.01 -11.55
N GLU A 41 -19.64 -42.19 -11.55
CA GLU A 41 -19.34 -41.38 -12.72
C GLU A 41 -18.57 -42.17 -13.78
N ALA A 42 -18.40 -43.47 -13.59
CA ALA A 42 -17.77 -44.29 -14.60
C ALA A 42 -18.63 -45.46 -15.06
N THR A 43 -19.31 -46.14 -14.13
CA THR A 43 -20.24 -47.19 -14.50
C THR A 43 -21.54 -46.64 -15.07
N PHE A 44 -21.79 -45.35 -14.97
CA PHE A 44 -22.92 -44.75 -15.66
C PHE A 44 -22.51 -43.95 -16.88
N LYS A 45 -21.28 -43.44 -16.94
CA LYS A 45 -20.77 -42.96 -18.21
C LYS A 45 -20.64 -44.11 -19.19
N ALA A 46 -20.26 -45.29 -18.71
CA ALA A 46 -20.21 -46.44 -19.60
C ALA A 46 -21.59 -46.84 -20.11
N VAL A 47 -22.62 -46.69 -19.28
CA VAL A 47 -23.97 -47.04 -19.72
C VAL A 47 -24.52 -46.00 -20.68
N ALA A 48 -24.30 -44.72 -20.38
CA ALA A 48 -24.66 -43.66 -21.32
C ALA A 48 -23.95 -43.85 -22.66
N ASN A 49 -22.72 -44.37 -22.65
CA ASN A 49 -22.03 -44.63 -23.90
C ASN A 49 -22.54 -45.88 -24.59
N ARG A 50 -23.00 -46.88 -23.83
CA ARG A 50 -23.58 -48.06 -24.45
C ARG A 50 -24.90 -47.75 -25.13
N CYS A 51 -25.67 -46.81 -24.57
CA CYS A 51 -26.99 -46.52 -25.11
C CYS A 51 -27.00 -45.36 -26.09
N ASN A 52 -26.04 -44.44 -26.00
CA ASN A 52 -25.95 -43.33 -26.93
C ASN A 52 -25.92 -43.83 -28.37
N GLU A 53 -24.92 -44.65 -28.71
CA GLU A 53 -24.76 -45.13 -30.06
C GLU A 53 -25.91 -46.03 -30.52
N GLN A 54 -26.82 -46.40 -29.63
CA GLN A 54 -27.97 -47.21 -30.02
C GLN A 54 -29.12 -46.35 -30.52
N LEU A 55 -29.32 -45.18 -29.93
CA LEU A 55 -30.33 -44.26 -30.41
C LEU A 55 -30.03 -43.74 -31.80
N GLY A 56 -28.84 -44.04 -32.33
CA GLY A 56 -28.44 -43.61 -33.65
C GLY A 56 -28.23 -42.11 -33.75
N GLY A 57 -29.13 -41.43 -34.44
CA GLY A 57 -29.02 -40.00 -34.62
C GLY A 57 -30.10 -39.22 -33.90
N ARG A 58 -31.01 -39.91 -33.21
CA ARG A 58 -32.12 -39.23 -32.54
C ARG A 58 -31.61 -38.20 -31.54
N PHE A 59 -30.90 -38.65 -30.51
CA PHE A 59 -30.34 -37.74 -29.54
C PHE A 59 -29.19 -38.44 -28.82
N GLN A 60 -28.52 -37.69 -27.95
CA GLN A 60 -27.41 -38.21 -27.17
C GLN A 60 -27.71 -38.01 -25.69
N ILE A 61 -27.12 -38.86 -24.87
CA ILE A 61 -27.33 -38.83 -23.43
C ILE A 61 -26.03 -38.42 -22.78
N ALA A 62 -25.91 -37.14 -22.42
CA ALA A 62 -24.78 -36.68 -21.64
C ALA A 62 -24.87 -37.27 -20.24
N GLN A 63 -23.88 -36.96 -19.42
CA GLN A 63 -23.86 -37.45 -18.04
C GLN A 63 -23.16 -36.42 -17.15
N ARG A 64 -23.94 -35.55 -16.52
CA ARG A 64 -23.42 -34.71 -15.47
C ARG A 64 -23.55 -35.43 -14.14
N ASN A 65 -22.77 -35.00 -13.15
CA ASN A 65 -22.71 -35.73 -11.89
C ASN A 65 -23.01 -34.81 -10.71
N LEU A 66 -23.32 -35.45 -9.59
CA LEU A 66 -23.69 -34.82 -8.33
C LEU A 66 -22.65 -35.18 -7.27
N PRO A 67 -22.65 -34.54 -6.11
CA PRO A 67 -21.68 -34.89 -5.08
C PRO A 67 -21.86 -36.31 -4.58
N LYS A 68 -20.91 -36.74 -3.75
CA LYS A 68 -20.96 -38.09 -3.22
C LYS A 68 -21.87 -38.18 -1.99
N GLY A 69 -21.99 -37.09 -1.24
CA GLY A 69 -22.83 -37.12 -0.05
C GLY A 69 -24.28 -37.43 -0.40
N ALA A 70 -24.94 -38.15 0.49
CA ALA A 70 -26.31 -38.56 0.22
C ALA A 70 -27.32 -37.45 0.43
N ASP A 71 -26.95 -36.39 1.14
CA ASP A 71 -27.82 -35.23 1.34
C ASP A 71 -27.25 -33.97 0.71
N ASP A 72 -26.14 -34.08 0.00
CA ASP A 72 -25.60 -32.97 -0.78
C ASP A 72 -26.07 -33.04 -2.22
N GLN A 73 -26.30 -34.24 -2.74
CA GLN A 73 -26.84 -34.34 -4.09
C GLN A 73 -28.29 -33.88 -4.14
N ARG A 74 -29.05 -34.06 -3.06
CA ARG A 74 -30.37 -33.45 -3.00
C ARG A 74 -30.27 -31.94 -3.01
N LEU A 75 -29.31 -31.39 -2.28
CA LEU A 75 -29.05 -29.95 -2.30
C LEU A 75 -28.82 -29.46 -3.72
N GLN A 76 -27.88 -30.07 -4.44
CA GLN A 76 -27.59 -29.62 -5.80
C GLN A 76 -28.79 -29.80 -6.72
N LEU A 77 -29.46 -30.94 -6.61
CA LEU A 77 -30.55 -31.27 -7.51
C LEU A 77 -31.73 -30.32 -7.31
N ALA A 78 -32.04 -29.98 -6.06
CA ALA A 78 -33.13 -29.05 -5.79
C ALA A 78 -32.75 -27.61 -6.02
N ARG A 79 -31.45 -27.28 -5.93
CA ARG A 79 -31.01 -25.95 -6.33
C ARG A 79 -31.13 -25.76 -7.84
N ARG A 80 -30.93 -26.83 -8.61
CA ARG A 80 -31.18 -26.74 -10.05
C ARG A 80 -32.66 -26.78 -10.38
N LEU A 81 -33.47 -27.44 -9.57
CA LEU A 81 -34.89 -27.56 -9.87
C LEU A 81 -35.66 -26.30 -9.51
N THR A 82 -35.40 -25.71 -8.34
CA THR A 82 -36.16 -24.53 -7.92
C THR A 82 -35.82 -23.33 -8.79
N GLY A 83 -34.57 -22.89 -8.75
CA GLY A 83 -34.14 -21.89 -9.71
C GLY A 83 -34.14 -22.52 -11.08
N ASN A 84 -35.09 -22.14 -11.94
CA ASN A 84 -35.35 -22.85 -13.17
C ASN A 84 -34.10 -23.00 -14.02
N ASP A 85 -33.61 -24.23 -14.15
CA ASP A 85 -32.45 -24.55 -14.95
C ASP A 85 -32.91 -25.46 -16.08
N LYS A 86 -33.01 -24.89 -17.29
CA LYS A 86 -33.55 -25.61 -18.43
C LYS A 86 -32.60 -26.67 -18.98
N SER A 87 -31.45 -26.89 -18.33
CA SER A 87 -30.48 -27.88 -18.76
C SER A 87 -30.42 -29.07 -17.80
N LEU A 88 -31.57 -29.45 -17.24
CA LEU A 88 -31.69 -30.59 -16.33
C LEU A 88 -32.84 -31.44 -16.88
N ASP A 89 -32.51 -32.63 -17.37
CA ASP A 89 -33.50 -33.46 -18.07
C ASP A 89 -33.88 -34.73 -17.34
N VAL A 90 -32.91 -35.58 -17.02
CA VAL A 90 -33.14 -36.79 -16.24
C VAL A 90 -32.32 -36.66 -14.97
N MET A 91 -32.77 -37.30 -13.90
CA MET A 91 -32.02 -37.25 -12.66
C MET A 91 -32.21 -38.56 -11.91
N ALA A 92 -31.13 -39.06 -11.33
CA ALA A 92 -31.15 -40.29 -10.55
C ALA A 92 -31.26 -39.89 -9.09
N LEU A 93 -32.49 -39.84 -8.59
CA LEU A 93 -32.74 -39.40 -7.22
C LEU A 93 -32.88 -40.60 -6.31
N ASP A 94 -32.54 -40.42 -5.04
CA ASP A 94 -32.50 -41.50 -4.06
C ASP A 94 -33.91 -42.03 -3.83
N VAL A 95 -34.03 -43.03 -2.95
CA VAL A 95 -35.33 -43.66 -2.77
C VAL A 95 -36.21 -42.92 -1.78
N VAL A 96 -35.64 -42.04 -0.93
CA VAL A 96 -36.43 -41.32 0.06
C VAL A 96 -36.88 -39.95 -0.43
N TRP A 97 -36.54 -39.56 -1.65
CA TRP A 97 -36.91 -38.26 -2.19
C TRP A 97 -38.09 -38.30 -3.15
N THR A 98 -38.68 -39.47 -3.38
CA THR A 98 -39.82 -39.51 -4.30
C THR A 98 -41.02 -38.77 -3.71
N ALA A 99 -41.23 -38.86 -2.40
CA ALA A 99 -42.38 -38.19 -1.82
C ALA A 99 -42.21 -36.68 -1.83
N GLU A 100 -41.03 -36.21 -1.46
CA GLU A 100 -40.79 -34.77 -1.42
C GLU A 100 -40.67 -34.16 -2.80
N PHE A 101 -40.15 -34.92 -3.77
CA PHE A 101 -40.02 -34.47 -5.14
C PHE A 101 -41.29 -34.66 -5.94
N ALA A 102 -42.27 -35.40 -5.44
CA ALA A 102 -43.56 -35.54 -6.11
C ALA A 102 -44.62 -34.62 -5.54
N GLU A 103 -44.67 -34.45 -4.21
CA GLU A 103 -45.60 -33.50 -3.63
C GLU A 103 -45.27 -32.06 -3.98
N ALA A 104 -44.01 -31.77 -4.27
CA ALA A 104 -43.58 -30.40 -4.56
C ALA A 104 -43.77 -30.00 -6.01
N GLY A 105 -44.17 -30.94 -6.89
CA GLY A 105 -44.45 -30.65 -8.28
C GLY A 105 -43.40 -31.15 -9.24
N TRP A 106 -42.15 -31.30 -8.77
CA TRP A 106 -41.05 -31.76 -9.59
C TRP A 106 -41.26 -33.21 -10.01
N ALA A 107 -40.33 -33.74 -10.80
CA ALA A 107 -40.29 -35.16 -11.13
C ALA A 107 -41.64 -35.65 -11.68
N VAL A 108 -42.00 -35.17 -12.87
CA VAL A 108 -43.31 -35.43 -13.46
C VAL A 108 -43.65 -36.91 -13.47
N PRO A 109 -44.91 -37.29 -13.29
CA PRO A 109 -45.24 -38.70 -13.15
C PRO A 109 -45.00 -39.47 -14.42
N LEU A 110 -45.10 -40.80 -14.31
CA LEU A 110 -44.79 -41.67 -15.43
C LEU A 110 -45.94 -41.82 -16.41
N SER A 111 -47.12 -41.30 -16.09
CA SER A 111 -48.26 -41.34 -17.01
C SER A 111 -48.35 -40.08 -17.86
N GLU A 112 -47.28 -39.29 -17.92
CA GLU A 112 -47.25 -38.06 -18.70
C GLU A 112 -46.13 -38.19 -19.73
N ASP A 113 -46.43 -38.86 -20.83
CA ASP A 113 -45.59 -38.88 -22.02
C ASP A 113 -46.42 -38.44 -23.22
N PRO A 114 -45.78 -38.01 -24.29
CA PRO A 114 -46.49 -37.97 -25.58
C PRO A 114 -46.94 -39.34 -26.03
N ALA A 115 -46.38 -40.42 -25.46
CA ALA A 115 -46.82 -41.76 -25.75
C ALA A 115 -47.60 -42.43 -24.63
N GLY A 116 -47.04 -42.47 -23.41
CA GLY A 116 -47.74 -43.05 -22.29
C GLY A 116 -47.47 -44.52 -22.05
N LEU A 117 -46.20 -44.95 -22.11
CA LEU A 117 -45.85 -46.34 -21.87
C LEU A 117 -44.66 -46.53 -20.94
N ALA A 118 -44.09 -45.44 -20.42
CA ALA A 118 -43.00 -45.58 -19.45
C ALA A 118 -43.48 -46.23 -18.16
N GLU A 119 -44.76 -46.07 -17.82
CA GLU A 119 -45.31 -46.78 -16.66
C GLU A 119 -45.37 -48.27 -16.93
N ALA A 120 -45.85 -48.66 -18.12
CA ALA A 120 -45.85 -50.07 -18.48
C ALA A 120 -44.44 -50.64 -18.46
N ASP A 121 -43.44 -49.83 -18.83
CA ASP A 121 -42.07 -50.31 -18.77
C ASP A 121 -41.58 -50.45 -17.34
N ALA A 122 -41.90 -49.49 -16.48
CA ALA A 122 -41.39 -49.52 -15.11
C ALA A 122 -42.00 -50.66 -14.31
N THR A 123 -43.33 -50.76 -14.31
CA THR A 123 -43.99 -51.77 -13.49
C THR A 123 -43.72 -53.19 -13.98
N GLU A 124 -43.18 -53.33 -15.19
CA GLU A 124 -43.17 -54.62 -15.86
C GLU A 124 -42.38 -55.67 -15.10
N ASN A 125 -41.07 -55.48 -14.94
CA ASN A 125 -40.19 -56.55 -14.52
C ASN A 125 -39.47 -56.33 -13.20
N THR A 126 -39.53 -55.14 -12.63
CA THR A 126 -38.70 -54.83 -11.47
C THR A 126 -39.04 -55.71 -10.28
N LEU A 127 -38.16 -55.68 -9.29
CA LEU A 127 -38.47 -56.27 -8.01
C LEU A 127 -39.58 -55.46 -7.33
N PRO A 128 -40.38 -56.10 -6.47
CA PRO A 128 -41.44 -55.33 -5.80
C PRO A 128 -40.92 -54.39 -4.73
N GLY A 129 -39.88 -54.79 -4.00
CA GLY A 129 -39.31 -53.99 -2.96
C GLY A 129 -38.91 -52.60 -3.40
N PRO A 130 -37.99 -52.50 -4.36
CA PRO A 130 -37.61 -51.18 -4.88
C PRO A 130 -38.75 -50.44 -5.54
N LEU A 131 -39.60 -51.14 -6.29
CA LEU A 131 -40.66 -50.47 -7.04
C LEU A 131 -41.65 -49.80 -6.11
N GLU A 132 -41.94 -50.42 -4.96
CA GLU A 132 -42.87 -49.81 -4.02
C GLU A 132 -42.34 -48.53 -3.39
N THR A 133 -41.06 -48.22 -3.56
CA THR A 133 -40.47 -47.01 -3.01
C THR A 133 -40.43 -45.88 -4.02
N ALA A 134 -41.05 -46.05 -5.19
CA ALA A 134 -41.11 -45.02 -6.22
C ALA A 134 -42.44 -44.28 -6.22
N ARG A 135 -43.55 -45.01 -6.22
CA ARG A 135 -44.87 -44.40 -6.25
C ARG A 135 -45.14 -43.64 -4.96
N TRP A 136 -45.60 -42.41 -5.09
CA TRP A 136 -45.94 -41.67 -3.88
C TRP A 136 -47.32 -42.03 -3.35
N GLN A 137 -48.38 -41.74 -4.10
CA GLN A 137 -49.70 -42.11 -3.59
C GLN A 137 -50.19 -43.43 -4.15
N ASP A 138 -50.44 -43.50 -5.45
CA ASP A 138 -50.70 -44.76 -6.12
C ASP A 138 -49.97 -44.80 -7.44
N GLU A 139 -49.65 -43.63 -7.99
CA GLU A 139 -49.00 -43.53 -9.28
C GLU A 139 -47.49 -43.38 -9.10
N LEU A 140 -46.74 -44.02 -10.00
CA LEU A 140 -45.30 -43.90 -9.97
C LEU A 140 -44.88 -42.48 -10.30
N TYR A 141 -43.71 -42.09 -9.80
CA TYR A 141 -43.08 -40.85 -10.18
C TYR A 141 -41.65 -41.04 -10.66
N ALA A 142 -41.07 -42.22 -10.47
CA ALA A 142 -39.72 -42.52 -10.90
C ALA A 142 -39.62 -44.00 -11.17
N ALA A 143 -38.76 -44.38 -12.10
CA ALA A 143 -38.59 -45.78 -12.46
C ALA A 143 -37.28 -46.29 -11.87
N PRO A 144 -37.30 -47.30 -11.01
CA PRO A 144 -36.09 -47.67 -10.27
C PRO A 144 -35.01 -48.25 -11.18
N ILE A 145 -33.77 -48.11 -10.74
CA ILE A 145 -32.61 -48.58 -11.49
C ILE A 145 -31.62 -49.35 -10.63
N THR A 146 -31.77 -49.37 -9.31
CA THR A 146 -30.77 -49.93 -8.41
C THR A 146 -31.40 -50.16 -7.06
N THR A 147 -30.92 -51.19 -6.34
CA THR A 147 -31.41 -51.51 -5.02
C THR A 147 -30.26 -51.93 -4.11
N ASN A 148 -29.69 -50.98 -3.39
CA ASN A 148 -28.58 -51.25 -2.51
C ASN A 148 -29.05 -51.98 -1.26
N THR A 149 -28.09 -52.61 -0.57
CA THR A 149 -28.34 -53.30 0.68
C THR A 149 -27.01 -53.59 1.35
N GLN A 150 -26.86 -53.14 2.59
CA GLN A 150 -25.59 -53.26 3.29
C GLN A 150 -25.24 -54.71 3.55
N LEU A 151 -23.93 -55.00 3.50
CA LEU A 151 -23.39 -56.31 3.78
C LEU A 151 -22.24 -56.18 4.77
N LEU A 152 -21.76 -57.31 5.26
CA LEU A 152 -20.63 -57.34 6.18
C LEU A 152 -19.41 -57.87 5.44
N TRP A 153 -18.38 -57.04 5.33
CA TRP A 153 -17.11 -57.42 4.72
C TRP A 153 -16.08 -57.61 5.81
N TYR A 154 -15.33 -58.70 5.73
CA TYR A 154 -14.36 -59.05 6.75
C TYR A 154 -13.16 -59.74 6.11
N ARG A 155 -11.97 -59.46 6.60
CA ARG A 155 -10.80 -60.16 6.10
C ARG A 155 -10.82 -61.61 6.55
N ALA A 156 -10.52 -62.52 5.64
CA ALA A 156 -10.71 -63.95 5.91
C ALA A 156 -9.46 -64.62 6.46
N ASP A 157 -8.29 -64.02 6.31
CA ASP A 157 -7.08 -64.59 6.88
C ASP A 157 -6.86 -64.15 8.32
N LEU A 158 -7.52 -63.08 8.77
CA LEU A 158 -7.45 -62.69 10.17
C LEU A 158 -8.44 -63.47 11.02
N MET A 159 -9.73 -63.32 10.73
CA MET A 159 -10.75 -63.94 11.55
C MET A 159 -11.55 -64.97 10.76
N PRO A 160 -11.73 -66.17 11.29
CA PRO A 160 -12.74 -67.09 10.76
C PRO A 160 -14.08 -66.88 11.45
N ALA A 161 -15.13 -67.43 10.83
CA ALA A 161 -16.46 -67.40 11.42
C ALA A 161 -16.88 -65.97 11.77
N PRO A 162 -17.31 -65.18 10.79
CA PRO A 162 -17.55 -63.75 11.02
C PRO A 162 -18.49 -63.50 12.18
N PRO A 163 -18.51 -62.27 12.71
CA PRO A 163 -19.27 -61.97 13.93
C PRO A 163 -20.71 -62.48 14.01
N THR A 164 -21.53 -62.15 13.02
CA THR A 164 -22.97 -62.45 12.93
C THR A 164 -23.78 -61.89 14.09
N THR A 165 -23.21 -61.00 14.89
CA THR A 165 -23.91 -60.32 15.98
C THR A 165 -23.07 -59.14 16.43
N TRP A 166 -23.71 -58.00 16.66
CA TRP A 166 -22.97 -56.78 16.97
C TRP A 166 -22.10 -56.95 18.21
N ASP A 167 -22.58 -57.68 19.21
CA ASP A 167 -21.76 -57.96 20.38
C ASP A 167 -20.54 -58.79 20.01
N GLY A 168 -20.73 -59.84 19.20
CA GLY A 168 -19.60 -60.59 18.69
C GLY A 168 -18.69 -59.75 17.83
N MET A 169 -19.24 -58.76 17.13
CA MET A 169 -18.43 -57.88 16.29
C MET A 169 -17.49 -57.04 17.14
N LEU A 170 -18.04 -56.51 18.22
CA LEU A 170 -17.25 -55.67 19.16
C LEU A 170 -16.22 -56.54 19.87
N ASP A 171 -16.59 -57.78 20.16
CA ASP A 171 -15.67 -58.73 20.77
C ASP A 171 -14.50 -59.03 19.83
N GLU A 172 -14.79 -59.23 18.55
CA GLU A 172 -13.73 -59.52 17.58
C GLU A 172 -12.80 -58.32 17.40
N ALA A 173 -13.36 -57.12 17.36
CA ALA A 173 -12.51 -55.94 17.28
C ALA A 173 -11.58 -55.84 18.48
N ASN A 174 -12.11 -56.09 19.68
CA ASN A 174 -11.28 -56.03 20.87
C ASN A 174 -10.20 -57.10 20.85
N ARG A 175 -10.55 -58.31 20.39
CA ARG A 175 -9.56 -59.38 20.34
C ARG A 175 -8.43 -59.04 19.38
N LEU A 176 -8.77 -58.44 18.23
CA LEU A 176 -7.72 -58.04 17.31
C LEU A 176 -6.94 -56.83 17.80
N TYR A 177 -7.52 -56.02 18.69
CA TYR A 177 -6.75 -54.93 19.27
C TYR A 177 -5.75 -55.45 20.29
N ARG A 178 -6.18 -56.38 21.15
CA ARG A 178 -5.25 -56.96 22.12
C ARG A 178 -4.12 -57.70 21.41
N GLU A 179 -4.41 -58.32 20.27
CA GLU A 179 -3.39 -59.03 19.52
C GLU A 179 -2.48 -58.06 18.77
N GLY A 180 -2.99 -56.90 18.39
CA GLY A 180 -2.18 -55.90 17.72
C GLY A 180 -2.23 -55.96 16.21
N GLY A 181 -3.43 -55.98 15.64
CA GLY A 181 -3.59 -55.94 14.21
C GLY A 181 -4.55 -54.84 13.79
N PRO A 182 -5.31 -55.06 12.73
CA PRO A 182 -6.38 -54.12 12.38
C PRO A 182 -7.52 -54.23 13.38
N SER A 183 -7.85 -53.11 14.02
CA SER A 183 -8.79 -53.11 15.11
C SER A 183 -10.04 -52.28 14.88
N TRP A 184 -10.12 -51.54 13.79
CA TRP A 184 -11.24 -50.65 13.57
C TRP A 184 -12.50 -51.46 13.24
N ILE A 185 -13.62 -50.75 13.08
CA ILE A 185 -14.87 -51.37 12.65
C ILE A 185 -15.33 -50.73 11.35
N ALA A 186 -14.96 -49.47 11.14
CA ALA A 186 -15.25 -48.76 9.91
C ALA A 186 -16.75 -48.78 9.60
N VAL A 187 -17.51 -48.14 10.48
CA VAL A 187 -18.95 -47.94 10.31
C VAL A 187 -19.18 -46.48 9.96
N GLN A 188 -20.26 -46.21 9.23
CA GLN A 188 -20.49 -44.88 8.67
C GLN A 188 -21.19 -44.02 9.71
N GLY A 189 -20.42 -43.52 10.66
CA GLY A 189 -20.94 -42.60 11.64
C GLY A 189 -20.48 -41.18 11.40
N LYS A 190 -21.36 -40.35 10.85
CA LYS A 190 -21.01 -38.99 10.49
C LYS A 190 -22.31 -38.21 10.34
N GLN A 191 -22.23 -36.90 10.51
CA GLN A 191 -23.43 -36.08 10.49
C GLN A 191 -23.92 -36.01 9.04
N TYR A 192 -24.50 -37.11 8.57
CA TYR A 192 -25.11 -37.17 7.24
C TYR A 192 -26.07 -38.34 7.16
N GLU A 193 -26.63 -38.60 5.98
CA GLU A 193 -27.71 -39.57 5.85
C GLU A 193 -27.25 -40.99 6.14
N GLY A 194 -25.96 -41.29 5.98
CA GLY A 194 -25.48 -42.64 6.25
C GLY A 194 -25.66 -43.04 7.70
N MET A 195 -25.50 -42.10 8.62
CA MET A 195 -25.72 -42.44 10.02
C MET A 195 -27.19 -42.70 10.31
N VAL A 196 -28.10 -42.00 9.64
CA VAL A 196 -29.50 -42.30 9.84
C VAL A 196 -29.85 -43.66 9.24
N VAL A 197 -29.18 -44.04 8.15
CA VAL A 197 -29.37 -45.40 7.63
C VAL A 197 -28.90 -46.43 8.63
N TRP A 198 -27.75 -46.19 9.25
CA TRP A 198 -27.24 -47.11 10.26
C TRP A 198 -28.20 -47.22 11.45
N PHE A 199 -28.56 -46.07 12.02
CA PHE A 199 -29.45 -46.07 13.17
C PHE A 199 -30.81 -46.66 12.84
N ASN A 200 -31.26 -46.49 11.59
CA ASN A 200 -32.56 -47.06 11.23
C ASN A 200 -32.47 -48.57 11.10
N THR A 201 -31.37 -49.09 10.59
CA THR A 201 -31.20 -50.53 10.60
C THR A 201 -31.20 -51.07 12.02
N LEU A 202 -30.46 -50.41 12.91
CA LEU A 202 -30.35 -50.88 14.30
C LEU A 202 -31.64 -50.67 15.09
N LEU A 203 -32.49 -49.74 14.66
CA LEU A 203 -33.75 -49.50 15.33
C LEU A 203 -34.86 -50.41 14.82
N GLN A 204 -34.86 -50.73 13.53
CA GLN A 204 -35.83 -51.66 12.98
C GLN A 204 -35.52 -53.10 13.39
N SER A 205 -34.23 -53.45 13.51
CA SER A 205 -33.88 -54.81 13.93
C SER A 205 -34.40 -55.09 15.33
N ALA A 206 -34.24 -54.12 16.25
CA ALA A 206 -34.62 -54.35 17.63
C ALA A 206 -36.13 -54.34 17.82
N GLY A 207 -36.87 -53.64 16.96
CA GLY A 207 -38.31 -53.67 17.02
C GLY A 207 -39.01 -52.35 16.78
N GLY A 208 -38.35 -51.23 17.09
CA GLY A 208 -38.98 -49.94 16.95
C GLY A 208 -39.15 -49.48 15.53
N GLN A 209 -39.41 -48.19 15.34
CA GLN A 209 -39.45 -47.53 14.04
C GLN A 209 -39.59 -46.05 14.28
N VAL A 210 -39.02 -45.25 13.37
CA VAL A 210 -38.91 -43.81 13.61
C VAL A 210 -40.29 -43.16 13.65
N LEU A 211 -41.02 -43.23 12.55
CA LEU A 211 -42.35 -42.65 12.43
C LEU A 211 -43.39 -43.75 12.36
N SER A 212 -44.63 -43.37 12.62
CA SER A 212 -45.73 -44.32 12.53
C SER A 212 -45.94 -44.74 11.08
N ASP A 213 -46.95 -45.59 10.86
CA ASP A 213 -47.22 -46.07 9.51
C ASP A 213 -47.42 -44.91 8.55
N ASP A 214 -48.45 -44.10 8.79
CA ASP A 214 -48.54 -42.78 8.19
C ASP A 214 -47.68 -41.81 9.00
N GLY A 215 -46.78 -41.12 8.33
CA GLY A 215 -45.79 -40.34 9.05
C GLY A 215 -46.38 -39.10 9.67
N GLN A 216 -47.24 -39.31 10.67
CA GLN A 216 -47.94 -38.21 11.32
C GLN A 216 -47.51 -37.97 12.76
N ARG A 217 -46.88 -38.93 13.41
CA ARG A 217 -46.50 -38.76 14.81
C ARG A 217 -45.28 -39.60 15.13
N VAL A 218 -44.35 -39.02 15.88
CA VAL A 218 -43.12 -39.70 16.25
C VAL A 218 -43.44 -40.85 17.20
N THR A 219 -42.77 -41.98 16.98
CA THR A 219 -42.96 -43.16 17.81
C THR A 219 -41.64 -43.80 18.22
N LEU A 220 -40.56 -43.03 18.32
CA LEU A 220 -39.30 -43.58 18.82
C LEU A 220 -39.46 -44.08 20.24
N THR A 221 -39.78 -43.17 21.16
CA THR A 221 -39.90 -43.48 22.57
C THR A 221 -41.36 -43.42 23.03
N ASP A 222 -42.27 -43.90 22.19
CA ASP A 222 -43.69 -43.89 22.54
C ASP A 222 -43.98 -44.90 23.66
N THR A 223 -43.71 -46.17 23.41
CA THR A 223 -44.00 -47.31 24.27
C THR A 223 -42.71 -47.89 24.84
N PRO A 224 -42.72 -48.39 26.08
CA PRO A 224 -41.51 -49.01 26.63
C PRO A 224 -40.89 -50.08 25.76
N GLU A 225 -41.67 -50.74 24.89
CA GLU A 225 -41.07 -51.60 23.88
C GLU A 225 -40.25 -50.78 22.90
N HIS A 226 -40.85 -49.75 22.31
CA HIS A 226 -40.14 -48.89 21.38
C HIS A 226 -39.03 -48.12 22.08
N ARG A 227 -39.27 -47.73 23.34
CA ARG A 227 -38.23 -47.08 24.12
C ARG A 227 -37.03 -48.00 24.31
N ALA A 228 -37.27 -49.26 24.65
CA ALA A 228 -36.18 -50.21 24.81
C ALA A 228 -35.45 -50.43 23.49
N ALA A 229 -36.20 -50.51 22.38
CA ALA A 229 -35.57 -50.70 21.08
C ALA A 229 -34.64 -49.54 20.74
N THR A 230 -35.11 -48.30 20.93
CA THR A 230 -34.28 -47.17 20.56
C THR A 230 -33.10 -47.00 21.51
N VAL A 231 -33.28 -47.28 22.80
CA VAL A 231 -32.14 -47.15 23.71
C VAL A 231 -31.13 -48.25 23.43
N LYS A 232 -31.57 -49.43 22.99
CA LYS A 232 -30.62 -50.47 22.62
C LYS A 232 -29.85 -50.10 21.35
N ALA A 233 -30.54 -49.52 20.36
CA ALA A 233 -29.85 -49.05 19.18
C ALA A 233 -28.80 -48.01 19.53
N LEU A 234 -29.13 -47.10 20.45
CA LEU A 234 -28.17 -46.08 20.86
C LEU A 234 -27.00 -46.70 21.62
N ARG A 235 -27.27 -47.72 22.44
CA ARG A 235 -26.19 -48.38 23.16
C ARG A 235 -25.23 -49.05 22.19
N ILE A 236 -25.75 -49.64 21.11
CA ILE A 236 -24.87 -50.28 20.13
C ILE A 236 -24.11 -49.25 19.32
N ILE A 237 -24.74 -48.11 19.02
CA ILE A 237 -24.02 -47.03 18.35
C ILE A 237 -22.90 -46.50 19.21
N LYS A 238 -23.08 -46.48 20.53
CA LYS A 238 -22.06 -45.94 21.42
C LYS A 238 -21.01 -46.96 21.83
N SER A 239 -21.31 -48.25 21.77
CA SER A 239 -20.29 -49.25 22.08
C SER A 239 -19.16 -49.19 21.05
N VAL A 240 -19.51 -49.34 19.77
CA VAL A 240 -18.62 -48.90 18.72
C VAL A 240 -18.38 -47.40 18.89
N ALA A 241 -17.24 -46.93 18.40
CA ALA A 241 -16.84 -45.52 18.45
C ALA A 241 -16.39 -45.10 19.83
N THR A 242 -16.54 -45.98 20.81
CA THR A 242 -15.90 -45.81 22.12
C THR A 242 -15.21 -47.08 22.57
N ALA A 243 -15.24 -48.14 21.77
CA ALA A 243 -14.44 -49.31 22.05
C ALA A 243 -12.96 -48.94 22.03
N PRO A 244 -12.14 -49.58 22.86
CA PRO A 244 -10.71 -49.27 22.84
C PRO A 244 -10.06 -49.79 21.57
N GLY A 245 -9.21 -48.96 20.97
CA GLY A 245 -8.59 -49.28 19.72
C GLY A 245 -9.39 -48.93 18.49
N ALA A 246 -10.57 -48.35 18.65
CA ALA A 246 -11.41 -48.01 17.52
C ALA A 246 -10.83 -46.84 16.74
N ASP A 247 -11.50 -46.53 15.63
CA ASP A 247 -11.03 -45.48 14.73
C ASP A 247 -10.89 -44.16 15.47
N PRO A 248 -9.73 -43.50 15.41
CA PRO A 248 -9.61 -42.19 16.05
C PRO A 248 -10.55 -41.15 15.47
N SER A 249 -10.88 -41.27 14.19
CA SER A 249 -11.72 -40.31 13.49
C SER A 249 -13.00 -40.96 12.98
N ILE A 250 -13.64 -41.78 13.83
CA ILE A 250 -14.86 -42.45 13.42
C ILE A 250 -16.06 -41.52 13.35
N THR A 251 -15.93 -40.30 13.86
CA THR A 251 -17.03 -39.34 13.80
C THR A 251 -16.97 -38.45 12.57
N GLN A 252 -16.10 -38.75 11.63
CA GLN A 252 -16.05 -38.06 10.36
C GLN A 252 -15.84 -39.00 9.19
N THR A 253 -16.27 -40.25 9.33
CA THR A 253 -16.11 -41.27 8.26
C THR A 253 -17.45 -41.47 7.55
N ASP A 254 -17.40 -42.00 6.32
CA ASP A 254 -18.61 -42.22 5.55
C ASP A 254 -18.41 -43.43 4.64
N GLU A 255 -19.30 -43.57 3.67
CA GLU A 255 -19.33 -44.72 2.76
C GLU A 255 -17.97 -44.98 2.13
N ASN A 256 -17.27 -43.92 1.73
CA ASN A 256 -16.00 -44.08 1.04
C ASN A 256 -14.89 -44.45 2.02
N THR A 257 -14.70 -43.64 3.06
CA THR A 257 -13.59 -43.84 3.98
C THR A 257 -13.63 -45.19 4.68
N ALA A 258 -14.80 -45.83 4.81
CA ALA A 258 -14.83 -47.19 5.32
C ALA A 258 -14.32 -48.17 4.27
N ARG A 259 -14.72 -47.97 3.02
CA ARG A 259 -14.20 -48.79 1.93
C ARG A 259 -12.69 -48.73 1.86
N LEU A 260 -12.14 -47.52 1.80
CA LEU A 260 -10.70 -47.37 1.76
C LEU A 260 -10.05 -47.79 3.07
N ALA A 261 -10.78 -47.71 4.19
CA ALA A 261 -10.22 -48.15 5.45
C ALA A 261 -9.95 -49.65 5.44
N LEU A 262 -10.92 -50.44 4.99
CA LEU A 262 -10.67 -51.87 4.89
C LEU A 262 -9.69 -52.19 3.76
N GLU A 263 -9.68 -51.36 2.71
CA GLU A 263 -8.78 -51.61 1.59
C GLU A 263 -7.32 -51.40 1.99
N GLN A 264 -7.03 -50.35 2.75
CA GLN A 264 -5.67 -50.03 3.15
C GLN A 264 -5.19 -50.83 4.36
N GLY A 265 -5.92 -51.88 4.76
CA GLY A 265 -5.50 -52.73 5.84
C GLY A 265 -5.75 -52.21 7.23
N LYS A 266 -6.25 -50.99 7.37
CA LYS A 266 -6.43 -50.41 8.70
C LYS A 266 -7.52 -51.12 9.47
N ALA A 267 -8.66 -51.38 8.85
CA ALA A 267 -9.75 -52.09 9.49
C ALA A 267 -9.69 -53.58 9.16
N ALA A 268 -10.48 -54.37 9.89
CA ALA A 268 -10.62 -55.78 9.62
C ALA A 268 -12.08 -56.20 9.56
N LEU A 269 -13.01 -55.29 9.80
CA LEU A 269 -14.44 -55.50 9.59
C LEU A 269 -15.00 -54.21 9.03
N GLU A 270 -16.12 -54.32 8.33
CA GLU A 270 -16.81 -53.13 7.85
C GLU A 270 -18.20 -53.53 7.38
N VAL A 271 -19.14 -52.60 7.48
CA VAL A 271 -20.47 -52.76 6.94
C VAL A 271 -20.65 -51.71 5.87
N ASN A 272 -20.92 -52.15 4.65
CA ASN A 272 -20.90 -51.22 3.53
C ASN A 272 -21.61 -51.87 2.36
N TRP A 273 -22.10 -51.03 1.44
CA TRP A 273 -22.95 -51.49 0.35
C TRP A 273 -22.18 -52.45 -0.56
N PRO A 274 -22.90 -53.23 -1.38
CA PRO A 274 -22.24 -54.32 -2.12
C PRO A 274 -21.30 -53.86 -3.22
N TYR A 275 -21.08 -52.56 -3.40
CA TYR A 275 -20.20 -52.08 -4.45
C TYR A 275 -18.75 -52.06 -4.02
N VAL A 276 -18.39 -52.82 -2.99
CA VAL A 276 -17.03 -52.83 -2.47
C VAL A 276 -16.21 -53.99 -3.03
N LEU A 277 -16.86 -55.05 -3.52
CA LEU A 277 -16.09 -56.14 -4.12
C LEU A 277 -15.37 -55.73 -5.39
N PRO A 278 -16.02 -55.07 -6.37
CA PRO A 278 -15.25 -54.60 -7.53
C PRO A 278 -14.26 -53.51 -7.18
N SER A 279 -14.56 -52.69 -6.18
CA SER A 279 -13.58 -51.70 -5.73
C SER A 279 -12.31 -52.37 -5.25
N LEU A 280 -12.45 -53.37 -4.39
CA LEU A 280 -11.26 -54.08 -3.90
C LEU A 280 -10.55 -54.81 -5.03
N LEU A 281 -11.30 -55.43 -5.94
CA LEU A 281 -10.67 -56.14 -7.04
C LEU A 281 -9.85 -55.20 -7.92
N GLU A 282 -10.44 -54.07 -8.32
CA GLU A 282 -9.75 -53.11 -9.16
C GLU A 282 -8.53 -52.53 -8.44
N ASN A 283 -8.72 -52.07 -7.20
CA ASN A 283 -7.62 -51.48 -6.46
C ASN A 283 -6.51 -52.48 -6.21
N ALA A 284 -6.83 -53.77 -6.11
CA ALA A 284 -5.79 -54.77 -5.98
C ALA A 284 -5.06 -54.97 -7.30
N VAL A 285 -5.81 -55.11 -8.40
CA VAL A 285 -5.20 -55.42 -9.69
C VAL A 285 -4.51 -54.24 -10.32
N LYS A 286 -4.61 -53.04 -9.73
CA LYS A 286 -3.87 -51.89 -10.23
C LYS A 286 -2.83 -51.40 -9.22
N GLY A 287 -2.45 -52.24 -8.26
CA GLY A 287 -1.55 -51.83 -7.20
C GLY A 287 -2.29 -51.79 -5.87
N GLY A 288 -2.51 -50.59 -5.34
CA GLY A 288 -3.41 -50.40 -4.22
C GLY A 288 -3.12 -51.24 -2.99
N VAL A 289 -3.96 -52.25 -2.74
CA VAL A 289 -3.84 -53.02 -1.52
C VAL A 289 -2.49 -53.75 -1.49
N SER A 290 -2.06 -54.09 -0.28
CA SER A 290 -0.82 -54.83 -0.08
C SER A 290 -1.03 -56.24 0.45
N PHE A 291 -2.15 -56.49 1.12
CA PHE A 291 -2.49 -57.84 1.56
C PHE A 291 -3.06 -58.71 0.45
N LEU A 292 -3.04 -58.23 -0.80
CA LEU A 292 -3.55 -58.93 -1.97
C LEU A 292 -2.90 -58.35 -3.21
N PRO A 293 -1.77 -58.89 -3.67
CA PRO A 293 -1.03 -58.21 -4.75
C PRO A 293 -1.76 -58.14 -6.08
N LEU A 294 -2.07 -59.29 -6.67
CA LEU A 294 -2.84 -59.39 -7.91
C LEU A 294 -2.24 -58.65 -9.09
N ASP A 295 -1.07 -58.03 -8.93
CA ASP A 295 -0.37 -57.45 -10.06
C ASP A 295 0.96 -58.13 -10.33
N GLY A 296 1.44 -58.98 -9.42
CA GLY A 296 2.49 -59.91 -9.76
C GLY A 296 2.01 -61.04 -10.65
N ASP A 297 0.71 -61.28 -10.69
CA ASP A 297 0.14 -62.27 -11.60
C ASP A 297 0.30 -61.78 -13.03
N PRO A 298 0.93 -62.56 -13.91
CA PRO A 298 1.06 -62.12 -15.31
C PRO A 298 -0.23 -62.30 -16.08
N ALA A 299 -1.20 -62.98 -15.48
CA ALA A 299 -2.49 -63.24 -16.12
C ALA A 299 -3.47 -62.09 -15.98
N LEU A 300 -3.23 -61.16 -15.05
CA LEU A 300 -4.10 -60.00 -14.90
C LEU A 300 -3.65 -58.82 -15.74
N GLN A 301 -2.57 -58.95 -16.50
CA GLN A 301 -2.11 -57.84 -17.32
C GLN A 301 -3.08 -57.59 -18.46
N GLY A 302 -3.30 -56.31 -18.77
CA GLY A 302 -4.25 -55.94 -19.78
C GLY A 302 -5.70 -56.12 -19.38
N SER A 303 -5.96 -56.47 -18.12
CA SER A 303 -7.34 -56.57 -17.65
C SER A 303 -7.93 -55.19 -17.38
N ILE A 304 -7.23 -54.37 -16.60
CA ILE A 304 -7.66 -53.00 -16.35
C ILE A 304 -7.95 -52.30 -17.66
N ASN A 305 -9.13 -51.73 -17.77
CA ASN A 305 -9.55 -51.05 -18.98
C ASN A 305 -8.69 -49.81 -19.24
N ASP A 306 -8.86 -49.23 -20.43
CA ASP A 306 -8.04 -48.07 -20.79
C ASP A 306 -8.49 -46.81 -20.06
N VAL A 307 -9.80 -46.64 -19.89
CA VAL A 307 -10.29 -45.44 -19.20
C VAL A 307 -10.09 -45.52 -17.70
N GLY A 308 -9.92 -46.71 -17.14
CA GLY A 308 -9.65 -46.83 -15.72
C GLY A 308 -10.38 -47.96 -15.02
N THR A 309 -11.53 -48.38 -15.55
CA THR A 309 -12.35 -49.36 -14.87
C THR A 309 -11.71 -50.75 -14.97
N PHE A 310 -12.35 -51.73 -14.32
CA PHE A 310 -11.78 -53.07 -14.24
C PHE A 310 -12.02 -53.84 -15.54
N SER A 311 -13.28 -54.11 -15.86
CA SER A 311 -13.67 -54.74 -17.12
C SER A 311 -12.83 -55.98 -17.47
N PRO A 312 -12.99 -57.08 -16.74
CA PRO A 312 -12.20 -58.27 -17.02
C PRO A 312 -12.89 -59.20 -18.00
N THR A 313 -12.17 -60.24 -18.38
CA THR A 313 -12.77 -61.35 -19.11
C THR A 313 -13.48 -62.27 -18.12
N ASP A 314 -13.85 -63.47 -18.59
CA ASP A 314 -14.39 -64.45 -17.66
C ASP A 314 -13.26 -65.14 -16.91
N GLU A 315 -12.21 -65.56 -17.63
CA GLU A 315 -11.09 -66.23 -16.97
C GLU A 315 -10.31 -65.26 -16.09
N GLN A 316 -10.14 -64.01 -16.55
CA GLN A 316 -9.40 -63.06 -15.73
C GLN A 316 -10.18 -62.71 -14.46
N PHE A 317 -11.50 -62.63 -14.53
CA PHE A 317 -12.26 -62.42 -13.30
C PHE A 317 -12.22 -63.64 -12.42
N ASP A 318 -12.21 -64.85 -12.99
CA ASP A 318 -12.10 -66.03 -12.17
C ASP A 318 -10.76 -66.08 -11.45
N ILE A 319 -9.70 -65.63 -12.11
CA ILE A 319 -8.38 -65.67 -11.48
C ILE A 319 -8.15 -64.47 -10.55
N ALA A 320 -8.90 -63.39 -10.71
CA ALA A 320 -8.86 -62.28 -9.77
C ALA A 320 -9.87 -62.44 -8.64
N PHE A 321 -10.70 -63.48 -8.70
CA PHE A 321 -11.59 -63.82 -7.60
C PHE A 321 -11.14 -65.05 -6.83
N ASP A 322 -10.43 -65.97 -7.47
CA ASP A 322 -9.88 -67.11 -6.75
C ASP A 322 -8.85 -66.67 -5.72
N ALA A 323 -8.13 -65.59 -5.99
CA ALA A 323 -7.14 -65.07 -5.08
C ALA A 323 -7.70 -64.00 -4.15
N SER A 324 -8.97 -63.62 -4.32
CA SER A 324 -9.65 -62.71 -3.41
C SER A 324 -10.74 -63.41 -2.61
N LYS A 325 -10.95 -64.69 -2.83
CA LYS A 325 -11.85 -65.48 -2.00
C LYS A 325 -11.16 -66.06 -0.76
N LYS A 326 -9.82 -66.10 -0.75
CA LYS A 326 -9.12 -66.59 0.43
C LYS A 326 -8.59 -65.44 1.27
N VAL A 327 -9.06 -64.23 1.03
CA VAL A 327 -8.63 -63.07 1.80
C VAL A 327 -9.82 -62.28 2.36
N PHE A 328 -10.82 -62.04 1.54
CA PHE A 328 -11.78 -60.95 1.78
C PHE A 328 -13.22 -61.43 1.59
N GLY A 329 -13.58 -62.53 2.24
CA GLY A 329 -14.96 -63.00 2.18
C GLY A 329 -15.95 -61.95 2.67
N PHE A 330 -17.23 -62.20 2.37
CA PHE A 330 -18.33 -61.38 2.84
C PHE A 330 -19.35 -62.23 3.58
N ALA A 331 -20.33 -61.58 4.18
CA ALA A 331 -21.30 -62.23 5.03
C ALA A 331 -22.47 -61.27 5.24
N PRO A 332 -23.63 -61.78 5.67
CA PRO A 332 -24.80 -60.92 5.83
C PRO A 332 -24.67 -59.98 7.02
N TYR A 333 -25.42 -58.90 6.95
CA TYR A 333 -25.35 -57.86 7.96
C TYR A 333 -25.58 -58.45 9.35
N PRO A 334 -24.81 -58.05 10.35
CA PRO A 334 -24.91 -58.70 11.67
C PRO A 334 -26.18 -58.27 12.40
N GLY A 335 -26.93 -59.27 12.89
CA GLY A 335 -28.17 -59.02 13.59
C GLY A 335 -28.00 -58.22 14.86
N VAL A 336 -29.12 -57.94 15.54
CA VAL A 336 -29.09 -57.20 16.79
C VAL A 336 -29.35 -58.10 18.00
N ASN A 337 -29.89 -59.29 17.80
CA ASN A 337 -30.05 -60.32 18.82
C ASN A 337 -29.48 -61.61 18.28
N PRO A 338 -29.26 -62.60 19.16
CA PRO A 338 -28.71 -63.88 18.66
C PRO A 338 -29.56 -64.56 17.62
N ASP A 339 -30.89 -64.62 17.79
CA ASP A 339 -31.74 -65.42 16.94
C ASP A 339 -32.81 -64.59 16.22
N GLU A 340 -32.48 -63.34 15.87
CA GLU A 340 -33.39 -62.48 15.13
C GLU A 340 -32.63 -61.83 13.98
N PRO A 341 -32.86 -62.28 12.74
CA PRO A 341 -32.12 -61.72 11.60
C PRO A 341 -32.28 -60.21 11.50
N ALA A 342 -31.29 -59.58 10.87
CA ALA A 342 -31.29 -58.14 10.77
C ALA A 342 -32.27 -57.67 9.70
N ARG A 343 -32.76 -56.44 9.87
CA ARG A 343 -33.67 -55.79 8.93
C ARG A 343 -32.95 -54.55 8.40
N VAL A 344 -32.16 -54.73 7.34
CA VAL A 344 -31.41 -53.62 6.76
C VAL A 344 -32.38 -52.69 6.02
N THR A 345 -31.89 -51.51 5.64
CA THR A 345 -32.70 -50.51 4.98
C THR A 345 -32.49 -50.56 3.47
N LEU A 346 -33.49 -50.09 2.73
CA LEU A 346 -33.36 -49.96 1.29
C LEU A 346 -32.50 -48.77 0.91
N GLY A 347 -31.59 -49.00 -0.04
CA GLY A 347 -30.98 -47.95 -0.79
C GLY A 347 -31.51 -47.91 -2.20
N GLY A 348 -30.75 -47.28 -3.08
CA GLY A 348 -31.01 -47.41 -4.48
C GLY A 348 -31.04 -46.07 -5.17
N LEU A 349 -31.46 -46.11 -6.43
CA LEU A 349 -31.62 -44.93 -7.25
C LEU A 349 -32.87 -45.11 -8.09
N ASN A 350 -33.60 -44.02 -8.27
CA ASN A 350 -34.80 -44.00 -9.09
C ASN A 350 -34.62 -42.92 -10.14
N LEU A 351 -34.81 -43.30 -11.41
CA LEU A 351 -34.69 -42.36 -12.50
C LEU A 351 -36.00 -41.58 -12.62
N ALA A 352 -35.91 -40.25 -12.54
CA ALA A 352 -37.08 -39.40 -12.69
C ALA A 352 -36.73 -38.26 -13.61
N VAL A 353 -37.66 -37.88 -14.46
CA VAL A 353 -37.42 -36.81 -15.43
C VAL A 353 -37.88 -35.49 -14.84
N ALA A 354 -36.98 -34.52 -14.78
CA ALA A 354 -37.25 -33.27 -14.10
C ALA A 354 -38.43 -32.54 -14.74
N SER A 355 -39.05 -31.67 -13.94
CA SER A 355 -40.17 -30.87 -14.42
C SER A 355 -39.72 -29.57 -15.06
N THR A 356 -38.41 -29.37 -15.19
CA THR A 356 -37.86 -28.22 -15.90
C THR A 356 -37.15 -28.61 -17.18
N SER A 357 -37.66 -29.61 -17.89
CA SER A 357 -37.12 -30.05 -19.17
C SER A 357 -38.10 -29.69 -20.27
N GLN A 358 -37.61 -29.04 -21.31
CA GLN A 358 -38.50 -28.59 -22.38
C GLN A 358 -39.10 -29.77 -23.13
N HIS A 359 -38.34 -30.85 -23.26
CA HIS A 359 -38.72 -32.01 -24.07
C HIS A 359 -38.68 -33.27 -23.21
N LYS A 360 -39.85 -33.82 -22.90
CA LYS A 360 -39.93 -35.01 -22.05
C LYS A 360 -40.69 -36.15 -22.70
N ALA A 361 -40.47 -36.38 -23.99
CA ALA A 361 -40.69 -37.69 -24.59
C ALA A 361 -39.36 -38.40 -24.81
N GLU A 362 -38.37 -37.64 -25.28
CA GLU A 362 -37.02 -38.15 -25.42
C GLU A 362 -36.40 -38.46 -24.07
N ALA A 363 -36.71 -37.67 -23.03
CA ALA A 363 -36.19 -37.98 -21.72
C ALA A 363 -36.77 -39.27 -21.18
N PHE A 364 -38.05 -39.54 -21.45
CA PHE A 364 -38.62 -40.82 -21.06
C PHE A 364 -38.03 -41.97 -21.87
N GLU A 365 -37.72 -41.74 -23.15
CA GLU A 365 -37.01 -42.76 -23.92
C GLU A 365 -35.63 -43.02 -23.33
N ALA A 366 -34.99 -41.98 -22.80
CA ALA A 366 -33.69 -42.17 -22.17
C ALA A 366 -33.81 -42.98 -20.89
N ILE A 367 -34.79 -42.67 -20.03
CA ILE A 367 -34.95 -43.48 -18.83
C ILE A 367 -35.54 -44.85 -19.13
N ARG A 368 -35.98 -45.08 -20.37
CA ARG A 368 -36.43 -46.40 -20.79
C ARG A 368 -35.31 -47.23 -21.41
N CYS A 369 -34.28 -46.59 -21.96
CA CYS A 369 -33.16 -47.31 -22.53
C CYS A 369 -31.88 -47.18 -21.71
N LEU A 370 -31.96 -46.62 -20.51
CA LEU A 370 -30.86 -46.70 -19.55
C LEU A 370 -31.01 -47.85 -18.58
N ARG A 371 -32.22 -48.39 -18.44
CA ARG A 371 -32.50 -49.50 -17.55
C ARG A 371 -33.02 -50.71 -18.30
N ASN A 372 -32.48 -50.94 -19.49
CA ASN A 372 -32.68 -52.19 -20.20
C ASN A 372 -32.08 -53.34 -19.40
N VAL A 373 -32.36 -54.57 -19.82
CA VAL A 373 -31.78 -55.73 -19.15
C VAL A 373 -30.26 -55.73 -19.32
N GLU A 374 -29.80 -55.66 -20.56
CA GLU A 374 -28.45 -55.19 -20.82
C GLU A 374 -28.35 -53.75 -20.31
N ASN A 375 -27.14 -53.36 -19.91
CA ASN A 375 -26.82 -52.19 -19.11
C ASN A 375 -27.19 -52.41 -17.65
N GLN A 376 -28.11 -53.34 -17.37
CA GLN A 376 -28.32 -53.72 -15.98
C GLN A 376 -27.34 -54.81 -15.60
N ARG A 377 -27.15 -55.80 -16.47
CA ARG A 377 -26.05 -56.73 -16.27
C ARG A 377 -24.73 -55.98 -16.11
N TYR A 378 -24.48 -54.98 -16.96
CA TYR A 378 -23.25 -54.22 -16.89
C TYR A 378 -23.13 -53.49 -15.55
N THR A 379 -24.12 -52.64 -15.23
CA THR A 379 -24.08 -51.89 -13.99
C THR A 379 -23.85 -52.81 -12.80
N SER A 380 -24.65 -53.86 -12.67
CA SER A 380 -24.54 -54.72 -11.51
C SER A 380 -23.18 -55.44 -11.48
N ILE A 381 -22.85 -56.18 -12.54
CA ILE A 381 -21.62 -56.96 -12.52
C ILE A 381 -20.41 -56.09 -12.27
N GLU A 382 -20.14 -55.12 -13.15
CA GLU A 382 -18.90 -54.37 -13.02
C GLU A 382 -19.12 -52.91 -12.68
N GLY A 383 -20.04 -52.61 -11.78
CA GLY A 383 -20.07 -51.32 -11.14
C GLY A 383 -20.42 -51.46 -9.68
N GLY A 384 -20.77 -52.67 -9.29
CA GLY A 384 -21.18 -52.97 -7.92
C GLY A 384 -22.65 -52.81 -7.63
N LEU A 385 -23.22 -51.67 -8.03
CA LEU A 385 -24.61 -51.31 -7.79
C LEU A 385 -25.54 -52.46 -8.18
N PRO A 386 -26.36 -52.98 -7.27
CA PRO A 386 -27.25 -54.08 -7.61
C PRO A 386 -28.21 -53.72 -8.73
N ALA A 387 -28.94 -54.72 -9.21
CA ALA A 387 -29.88 -54.56 -10.30
C ALA A 387 -31.28 -54.88 -9.82
N VAL A 388 -32.27 -54.25 -10.45
CA VAL A 388 -33.67 -54.40 -10.05
C VAL A 388 -34.44 -55.35 -10.93
N ARG A 389 -33.86 -55.83 -12.01
CA ARG A 389 -34.58 -56.74 -12.91
C ARG A 389 -34.56 -58.14 -12.32
N THR A 390 -35.75 -58.72 -12.16
CA THR A 390 -35.87 -60.03 -11.53
C THR A 390 -35.39 -61.15 -12.44
N SER A 391 -35.34 -60.92 -13.75
CA SER A 391 -34.92 -61.96 -14.69
C SER A 391 -33.42 -62.17 -14.74
N LEU A 392 -32.65 -61.38 -14.00
CA LEU A 392 -31.20 -61.51 -14.01
C LEU A 392 -30.70 -62.48 -12.94
N TYR A 393 -31.31 -62.42 -11.75
CA TYR A 393 -30.83 -63.23 -10.62
C TYR A 393 -30.98 -64.72 -10.88
N ASP A 394 -31.63 -65.09 -11.98
CA ASP A 394 -31.79 -66.49 -12.35
C ASP A 394 -30.94 -66.87 -13.55
N ASP A 395 -29.99 -66.04 -13.95
CA ASP A 395 -29.11 -66.33 -15.07
C ASP A 395 -27.85 -67.00 -14.54
N PRO A 396 -27.47 -68.18 -15.05
CA PRO A 396 -26.34 -68.89 -14.45
C PRO A 396 -25.01 -68.18 -14.61
N ALA A 397 -24.84 -67.34 -15.64
CA ALA A 397 -23.63 -66.54 -15.72
C ALA A 397 -23.68 -65.35 -14.77
N PHE A 398 -24.87 -64.81 -14.52
CA PHE A 398 -24.99 -63.70 -13.59
C PHE A 398 -24.75 -64.14 -12.15
N GLN A 399 -25.35 -65.25 -11.75
CA GLN A 399 -25.10 -65.79 -10.41
C GLN A 399 -23.64 -66.16 -10.20
N LYS A 400 -22.83 -66.14 -11.26
CA LYS A 400 -21.41 -66.41 -11.16
C LYS A 400 -20.55 -65.16 -11.22
N LYS A 401 -20.98 -64.14 -11.94
CA LYS A 401 -20.19 -62.91 -11.97
C LYS A 401 -20.61 -61.91 -10.89
N TYR A 402 -21.83 -62.02 -10.38
CA TYR A 402 -22.29 -61.18 -9.28
C TYR A 402 -22.47 -62.06 -8.06
N PRO A 403 -21.40 -62.41 -7.34
CA PRO A 403 -21.52 -63.45 -6.31
C PRO A 403 -22.38 -63.05 -5.13
N GLN A 404 -22.58 -61.76 -4.86
CA GLN A 404 -23.43 -61.33 -3.75
C GLN A 404 -24.88 -61.17 -4.16
N TYR A 405 -25.32 -61.87 -5.21
CA TYR A 405 -26.74 -61.91 -5.52
C TYR A 405 -27.52 -62.64 -4.45
N GLU A 406 -26.89 -63.60 -3.78
CA GLU A 406 -27.55 -64.41 -2.77
C GLU A 406 -28.02 -63.54 -1.61
N ILE A 407 -27.06 -62.97 -0.87
CA ILE A 407 -27.39 -62.25 0.36
C ILE A 407 -28.39 -61.16 0.07
N ILE A 408 -28.11 -60.32 -0.93
CA ILE A 408 -29.01 -59.23 -1.29
C ILE A 408 -30.44 -59.72 -1.41
N ARG A 409 -30.64 -60.81 -2.16
CA ARG A 409 -31.97 -61.36 -2.31
C ARG A 409 -32.58 -61.68 -0.95
N GLN A 410 -31.88 -62.49 -0.16
CA GLN A 410 -32.40 -62.88 1.14
C GLN A 410 -32.28 -61.77 2.16
N GLN A 411 -32.01 -60.54 1.72
CA GLN A 411 -32.09 -59.38 2.58
C GLN A 411 -33.06 -58.34 2.07
N LEU A 412 -33.75 -58.61 0.96
CA LEU A 412 -34.85 -57.77 0.53
C LEU A 412 -36.21 -58.31 0.95
N THR A 413 -36.25 -59.55 1.46
CA THR A 413 -37.50 -60.11 1.97
C THR A 413 -37.98 -59.35 3.21
N ASN A 414 -37.18 -59.37 4.27
CA ASN A 414 -37.46 -58.60 5.48
C ASN A 414 -36.56 -57.36 5.45
N ALA A 415 -37.06 -56.32 4.81
CA ALA A 415 -36.32 -55.06 4.70
C ALA A 415 -36.88 -54.03 5.67
N ALA A 416 -36.20 -52.90 5.75
CA ALA A 416 -36.58 -51.83 6.66
C ALA A 416 -36.60 -50.53 5.87
N VAL A 417 -37.74 -50.24 5.24
CA VAL A 417 -37.87 -49.04 4.45
C VAL A 417 -37.97 -47.83 5.37
N ARG A 418 -37.23 -46.78 5.06
CA ARG A 418 -37.27 -45.56 5.84
C ARG A 418 -38.66 -44.91 5.74
N PRO A 419 -39.01 -44.04 6.72
CA PRO A 419 -40.39 -43.55 6.84
C PRO A 419 -41.14 -43.24 5.54
N ALA A 420 -40.46 -42.70 4.54
CA ALA A 420 -41.08 -42.39 3.25
C ALA A 420 -42.26 -41.43 3.40
N THR A 421 -41.97 -40.22 3.87
CA THR A 421 -42.96 -39.15 4.02
C THR A 421 -42.47 -37.93 3.24
N PRO A 422 -43.32 -36.93 2.98
CA PRO A 422 -42.87 -35.74 2.27
C PRO A 422 -42.08 -34.76 3.12
N VAL A 423 -41.65 -35.15 4.31
CA VAL A 423 -40.88 -34.27 5.19
C VAL A 423 -39.68 -35.04 5.72
N TYR A 424 -39.39 -36.20 5.09
CA TYR A 424 -38.42 -37.11 5.68
C TYR A 424 -37.04 -36.51 5.79
N GLN A 425 -36.62 -35.66 4.86
CA GLN A 425 -35.27 -35.12 4.96
C GLN A 425 -35.13 -34.19 6.15
N ALA A 426 -36.20 -33.50 6.55
CA ALA A 426 -36.14 -32.72 7.77
C ALA A 426 -35.94 -33.62 8.99
N VAL A 427 -36.68 -34.73 9.05
CA VAL A 427 -36.52 -35.67 10.15
C VAL A 427 -35.11 -36.24 10.17
N SER A 428 -34.56 -36.54 8.99
CA SER A 428 -33.25 -37.16 8.89
C SER A 428 -32.10 -36.17 8.98
N THR A 429 -32.39 -34.87 8.99
CA THR A 429 -31.37 -33.89 9.31
C THR A 429 -31.51 -33.34 10.73
N ARG A 430 -32.60 -33.66 11.42
CA ARG A 430 -32.65 -33.42 12.86
C ARG A 430 -32.12 -34.60 13.65
N MET A 431 -32.47 -35.83 13.27
CA MET A 431 -32.02 -37.00 14.00
C MET A 431 -30.66 -37.48 13.55
N SER A 432 -29.95 -36.69 12.75
CA SER A 432 -28.53 -36.91 12.49
C SER A 432 -27.66 -35.82 13.08
N ALA A 433 -28.28 -34.77 13.63
CA ALA A 433 -27.58 -33.77 14.41
C ALA A 433 -27.88 -33.89 15.89
N THR A 434 -28.92 -34.63 16.26
CA THR A 434 -29.06 -35.08 17.64
C THR A 434 -28.00 -36.12 17.99
N LEU A 435 -27.54 -36.88 17.02
CA LEU A 435 -26.48 -37.87 17.17
C LEU A 435 -25.18 -37.37 16.54
N ALA A 436 -24.87 -36.08 16.67
CA ALA A 436 -23.87 -35.50 15.80
C ALA A 436 -22.48 -36.08 16.07
N PRO A 437 -21.85 -35.88 17.25
CA PRO A 437 -20.65 -36.68 17.53
C PRO A 437 -21.05 -37.98 18.20
N ILE A 438 -20.82 -39.11 17.53
CA ILE A 438 -21.34 -40.36 18.07
C ILE A 438 -20.48 -40.88 19.22
N SER A 439 -19.25 -40.35 19.37
CA SER A 439 -18.41 -40.77 20.48
C SER A 439 -19.04 -40.44 21.82
N ASP A 440 -19.83 -39.37 21.90
CA ASP A 440 -20.45 -38.96 23.15
C ASP A 440 -21.95 -38.80 22.94
N ILE A 441 -22.66 -39.92 23.03
CA ILE A 441 -24.11 -39.93 23.12
C ILE A 441 -24.48 -40.50 24.48
N ASP A 442 -25.75 -40.35 24.84
CA ASP A 442 -26.27 -40.90 26.09
C ASP A 442 -27.42 -41.83 25.77
N PRO A 443 -27.28 -43.13 26.01
CA PRO A 443 -28.33 -44.08 25.60
C PRO A 443 -29.73 -43.70 26.06
N GLU A 444 -29.89 -43.15 27.26
CA GLU A 444 -31.20 -42.85 27.78
C GLU A 444 -31.64 -41.40 27.60
N ARG A 445 -30.69 -40.47 27.52
CA ARG A 445 -31.02 -39.06 27.30
C ARG A 445 -31.20 -38.74 25.82
N THR A 446 -30.33 -39.27 24.98
CA THR A 446 -30.44 -39.04 23.55
C THR A 446 -31.75 -39.59 22.99
N ALA A 447 -32.36 -40.58 23.65
CA ALA A 447 -33.67 -41.06 23.20
C ALA A 447 -34.72 -39.96 23.26
N ASP A 448 -34.78 -39.26 24.39
CA ASP A 448 -35.78 -38.20 24.52
C ASP A 448 -35.40 -36.97 23.70
N GLU A 449 -34.12 -36.65 23.62
CA GLU A 449 -33.69 -35.59 22.72
C GLU A 449 -34.12 -35.90 21.30
N LEU A 450 -33.98 -37.16 20.88
CA LEU A 450 -34.37 -37.59 19.54
C LEU A 450 -35.86 -37.43 19.32
N THR A 451 -36.66 -37.90 20.28
CA THR A 451 -38.11 -37.77 20.12
C THR A 451 -38.51 -36.30 19.98
N GLU A 452 -37.96 -35.44 20.83
CA GLU A 452 -38.31 -33.99 20.74
C GLU A 452 -37.89 -33.45 19.38
N ALA A 453 -36.66 -33.73 18.95
CA ALA A 453 -36.12 -33.20 17.66
C ALA A 453 -37.00 -33.66 16.50
N VAL A 454 -37.24 -34.98 16.42
CA VAL A 454 -38.06 -35.58 15.32
C VAL A 454 -39.47 -34.98 15.34
N GLN A 455 -40.04 -34.74 16.52
CA GLN A 455 -41.39 -34.19 16.58
C GLN A 455 -41.41 -32.74 16.11
N LYS A 456 -40.42 -31.95 16.50
CA LYS A 456 -40.35 -30.58 16.00
C LYS A 456 -39.97 -30.51 14.53
N ALA A 457 -39.45 -31.60 13.96
CA ALA A 457 -39.25 -31.64 12.52
C ALA A 457 -40.54 -32.00 11.79
N ILE A 458 -41.34 -32.91 12.36
CA ILE A 458 -42.63 -33.22 11.75
C ILE A 458 -43.55 -32.01 11.78
N ASP A 459 -43.58 -31.29 12.91
CA ASP A 459 -44.42 -30.09 12.96
C ASP A 459 -43.93 -29.02 11.99
N GLY A 460 -42.61 -28.94 11.76
CA GLY A 460 -42.06 -28.06 10.75
C GLY A 460 -41.40 -26.80 11.29
N LYS A 461 -41.24 -26.67 12.59
CA LYS A 461 -40.80 -25.42 13.22
C LYS A 461 -39.38 -25.56 13.73
N GLY A 462 -38.49 -24.71 13.24
CA GLY A 462 -37.13 -24.66 13.75
C GLY A 462 -36.16 -24.27 12.65
N LEU A 463 -34.88 -24.47 12.95
CA LEU A 463 -33.78 -24.22 12.01
C LEU A 463 -32.98 -25.48 11.80
N ILE A 464 -32.73 -25.80 10.53
CA ILE A 464 -31.83 -26.91 10.18
C ILE A 464 -30.43 -26.58 10.64
N PRO A 465 -29.70 -27.50 11.30
CA PRO A 465 -28.31 -27.27 11.68
C PRO A 465 -27.41 -27.03 10.49
N ALA B 2 7.22 41.05 -27.29
CA ALA B 2 7.99 42.13 -27.90
C ALA B 2 7.94 43.37 -27.02
N GLU B 3 6.88 44.17 -27.18
CA GLU B 3 6.65 45.38 -26.40
C GLU B 3 5.34 45.20 -25.67
N ILE B 4 5.41 44.90 -24.38
CA ILE B 4 4.24 44.57 -23.58
C ILE B 4 3.85 45.79 -22.75
N VAL B 5 2.68 46.35 -23.01
CA VAL B 5 2.21 47.54 -22.32
C VAL B 5 0.88 47.20 -21.66
N LEU B 6 0.80 47.43 -20.35
CA LEU B 6 -0.45 47.19 -19.63
C LEU B 6 -0.69 48.34 -18.67
N ASP B 7 -1.96 48.56 -18.35
CA ASP B 7 -2.32 49.62 -17.42
C ASP B 7 -3.72 49.38 -16.90
N ARG B 8 -3.93 49.76 -15.63
CA ARG B 8 -5.23 49.68 -14.96
C ARG B 8 -5.75 48.26 -14.85
N VAL B 9 -4.87 47.27 -14.95
CA VAL B 9 -5.29 45.89 -14.72
C VAL B 9 -5.71 45.72 -13.27
N THR B 10 -6.49 44.67 -13.02
CA THR B 10 -7.05 44.46 -11.68
C THR B 10 -7.26 42.95 -11.50
N LYS B 11 -7.89 42.58 -10.40
CA LYS B 11 -8.29 41.21 -10.10
C LYS B 11 -9.37 41.27 -9.03
N SER B 12 -10.02 40.14 -8.79
CA SER B 12 -11.10 40.08 -7.80
C SER B 12 -11.19 38.66 -7.26
N TYR B 13 -11.20 38.52 -5.94
CA TYR B 13 -11.27 37.23 -5.29
C TYR B 13 -12.47 37.22 -4.35
N PRO B 14 -13.35 36.21 -4.43
CA PRO B 14 -14.51 36.10 -3.53
C PRO B 14 -14.12 35.67 -2.12
N ARG B 21 -11.65 40.92 -4.14
CA ARG B 21 -10.37 41.36 -3.61
C ARG B 21 -9.44 41.84 -4.72
N ALA B 22 -9.19 43.15 -4.74
CA ALA B 22 -8.35 43.75 -5.78
C ALA B 22 -6.89 43.42 -5.56
N ALA B 23 -6.45 42.25 -6.03
CA ALA B 23 -5.10 41.78 -5.77
C ALA B 23 -4.05 42.47 -6.64
N VAL B 24 -4.44 43.02 -7.80
CA VAL B 24 -3.47 43.64 -8.71
C VAL B 24 -3.95 45.06 -9.00
N LYS B 25 -4.65 45.66 -8.05
CA LYS B 25 -5.21 46.99 -8.26
C LYS B 25 -4.11 48.00 -8.62
N GLU B 26 -4.42 48.85 -9.60
CA GLU B 26 -3.58 50.00 -9.97
C GLU B 26 -2.16 49.56 -10.34
N PHE B 27 -2.10 48.80 -11.43
CA PHE B 27 -0.84 48.35 -12.01
C PHE B 27 -0.73 48.90 -13.43
N SER B 28 0.35 49.63 -13.70
CA SER B 28 0.52 50.28 -15.00
C SER B 28 1.99 50.36 -15.34
N MET B 29 2.40 49.68 -16.41
CA MET B 29 3.77 49.76 -16.88
C MET B 29 3.82 49.54 -18.38
N THR B 30 4.97 49.88 -18.97
CA THR B 30 5.18 49.81 -20.42
C THR B 30 6.57 49.22 -20.67
N ILE B 31 6.65 47.90 -20.78
CA ILE B 31 7.91 47.19 -20.97
C ILE B 31 8.25 47.17 -22.46
N ALA B 32 9.47 47.56 -22.80
CA ALA B 32 9.94 47.62 -24.17
C ALA B 32 10.62 46.31 -24.56
N ASP B 33 11.29 46.34 -25.71
CA ASP B 33 12.02 45.16 -26.18
C ASP B 33 13.33 45.02 -25.42
N GLY B 34 13.73 43.76 -25.19
CA GLY B 34 15.00 43.46 -24.58
C GLY B 34 15.09 43.72 -23.08
N GLU B 35 14.22 44.56 -22.52
CA GLU B 35 14.29 44.87 -21.10
C GLU B 35 14.07 43.62 -20.27
N PHE B 36 14.51 43.69 -19.01
CA PHE B 36 14.46 42.55 -18.09
C PHE B 36 13.81 43.05 -16.80
N ILE B 37 12.50 43.02 -16.76
CA ILE B 37 11.76 43.59 -15.63
C ILE B 37 11.64 42.56 -14.53
N ILE B 38 11.83 43.00 -13.29
CA ILE B 38 11.59 42.18 -12.12
C ILE B 38 10.26 42.59 -11.51
N LEU B 39 9.61 41.64 -10.84
CA LEU B 39 8.39 41.90 -10.07
C LEU B 39 8.63 41.32 -8.69
N VAL B 40 9.25 42.10 -7.82
CA VAL B 40 9.69 41.63 -6.51
C VAL B 40 8.74 42.15 -5.44
N GLY B 41 8.45 41.30 -4.46
CA GLY B 41 7.58 41.67 -3.36
C GLY B 41 7.62 40.65 -2.25
N PRO B 42 7.08 41.01 -1.09
CA PRO B 42 7.03 40.05 0.02
C PRO B 42 6.10 38.88 -0.26
N SER B 43 6.04 37.94 0.69
CA SER B 43 5.25 36.73 0.50
C SER B 43 3.76 37.04 0.45
N GLY B 44 3.05 36.30 -0.40
CA GLY B 44 1.62 36.47 -0.54
C GLY B 44 1.17 37.76 -1.18
N CYS B 45 2.07 38.46 -1.86
CA CYS B 45 1.72 39.72 -2.49
C CYS B 45 1.12 39.46 -3.87
N GLY B 46 0.97 40.52 -4.67
CA GLY B 46 0.36 40.40 -5.98
C GLY B 46 1.34 40.22 -7.12
N LYS B 47 2.43 39.50 -6.87
CA LYS B 47 3.46 39.32 -7.90
C LYS B 47 3.16 38.12 -8.80
N SER B 48 3.00 36.94 -8.22
CA SER B 48 2.72 35.78 -9.04
C SER B 48 1.34 35.89 -9.70
N THR B 49 0.42 36.63 -9.08
CA THR B 49 -0.89 36.78 -9.69
C THR B 49 -0.86 37.73 -10.88
N THR B 50 -0.06 38.80 -10.81
CA THR B 50 0.07 39.63 -12.01
C THR B 50 0.86 38.90 -13.08
N LEU B 51 1.77 38.01 -12.69
CA LEU B 51 2.45 37.19 -13.68
C LEU B 51 1.47 36.29 -14.42
N ASN B 52 0.65 35.55 -13.66
CA ASN B 52 -0.37 34.71 -14.28
C ASN B 52 -1.31 35.54 -15.14
N MET B 53 -1.73 36.70 -14.63
CA MET B 53 -2.64 37.57 -15.38
C MET B 53 -2.03 38.01 -16.69
N ILE B 54 -0.72 38.27 -16.72
CA ILE B 54 -0.06 38.53 -18.00
C ILE B 54 -0.10 37.27 -18.87
N ALA B 55 0.12 36.11 -18.27
CA ALA B 55 0.19 34.88 -19.05
C ALA B 55 -1.17 34.37 -19.50
N GLY B 56 -2.26 34.89 -18.96
CA GLY B 56 -3.58 34.42 -19.34
C GLY B 56 -4.11 33.25 -18.53
N LEU B 57 -3.50 32.95 -17.39
CA LEU B 57 -3.97 31.87 -16.55
C LEU B 57 -5.02 32.33 -15.55
N GLU B 58 -5.02 33.62 -15.22
CA GLU B 58 -6.10 34.25 -14.47
C GLU B 58 -6.54 35.47 -15.26
N GLU B 59 -7.80 35.47 -15.68
CA GLU B 59 -8.26 36.49 -16.62
C GLU B 59 -8.24 37.87 -15.96
N ILE B 60 -8.11 38.90 -16.80
CA ILE B 60 -8.12 40.27 -16.31
C ILE B 60 -9.53 40.63 -15.88
N THR B 61 -9.68 41.04 -14.60
CA THR B 61 -10.99 41.45 -14.12
C THR B 61 -11.38 42.81 -14.67
N SER B 62 -10.42 43.73 -14.78
CA SER B 62 -10.68 45.04 -15.35
C SER B 62 -9.35 45.63 -15.82
N GLY B 63 -9.24 45.91 -17.11
CA GLY B 63 -8.03 46.47 -17.68
C GLY B 63 -7.68 45.83 -19.01
N GLU B 64 -6.61 46.33 -19.60
CA GLU B 64 -6.15 45.89 -20.90
C GLU B 64 -4.72 45.36 -20.80
N LEU B 65 -4.36 44.49 -21.74
CA LEU B 65 -3.08 43.81 -21.74
C LEU B 65 -2.49 43.78 -23.15
N ARG B 66 -2.42 44.94 -23.81
CA ARG B 66 -1.94 44.95 -25.19
C ARG B 66 -0.49 44.48 -25.24
N ILE B 67 -0.28 43.24 -25.67
CA ILE B 67 1.08 42.68 -25.79
C ILE B 67 1.51 42.91 -27.22
N GLY B 68 2.02 44.12 -27.47
CA GLY B 68 2.58 44.45 -28.77
C GLY B 68 1.64 44.67 -29.93
N GLY B 69 0.85 43.66 -30.30
CA GLY B 69 0.04 43.77 -31.49
C GLY B 69 -1.33 44.40 -31.28
N GLU B 70 -2.16 43.78 -30.44
CA GLU B 70 -3.51 44.27 -30.16
C GLU B 70 -3.83 43.97 -28.70
N ARG B 71 -5.08 44.21 -28.32
CA ARG B 71 -5.53 43.74 -27.01
C ARG B 71 -5.47 42.22 -26.97
N VAL B 72 -5.05 41.68 -25.82
CA VAL B 72 -4.82 40.25 -25.71
C VAL B 72 -5.61 39.61 -24.57
N ASN B 73 -6.19 40.40 -23.66
CA ASN B 73 -6.87 39.85 -22.48
C ASN B 73 -8.01 38.90 -22.82
N GLU B 74 -8.41 38.82 -24.09
CA GLU B 74 -9.45 37.88 -24.52
C GLU B 74 -8.91 36.92 -25.58
N LYS B 75 -7.67 36.48 -25.42
CA LYS B 75 -7.01 35.58 -26.36
C LYS B 75 -6.56 34.32 -25.63
N ALA B 76 -5.90 33.44 -26.36
CA ALA B 76 -5.48 32.15 -25.87
C ALA B 76 -4.05 32.20 -25.36
N PRO B 77 -3.60 31.19 -24.60
CA PRO B 77 -2.17 31.11 -24.26
C PRO B 77 -1.28 30.88 -25.47
N LYS B 78 -1.79 30.22 -26.51
CA LYS B 78 -1.00 29.96 -27.70
C LYS B 78 -0.62 31.21 -28.47
N ASP B 79 -1.25 32.35 -28.16
CA ASP B 79 -0.91 33.62 -28.79
C ASP B 79 -0.79 34.78 -27.82
N ARG B 80 -0.93 34.53 -26.51
CA ARG B 80 -0.61 35.50 -25.48
C ARG B 80 0.90 35.49 -25.27
N ASP B 81 1.36 36.08 -24.16
CA ASP B 81 2.79 36.05 -23.85
C ASP B 81 3.24 34.61 -23.62
N ILE B 82 4.05 34.10 -24.54
CA ILE B 82 4.39 32.69 -24.61
C ILE B 82 5.55 32.40 -23.68
N ALA B 83 5.85 31.11 -23.49
CA ALA B 83 7.10 30.63 -22.89
C ALA B 83 7.25 31.04 -21.42
N MET B 84 6.33 30.56 -20.61
CA MET B 84 6.55 30.56 -19.18
C MET B 84 7.53 29.47 -18.79
N VAL B 85 8.08 29.61 -17.58
CA VAL B 85 8.86 28.55 -16.94
C VAL B 85 8.53 28.58 -15.46
N PHE B 86 7.84 27.55 -14.98
CA PHE B 86 7.28 27.58 -13.64
C PHE B 86 8.36 27.38 -12.59
N GLN B 87 7.94 27.45 -11.32
CA GLN B 87 8.87 27.31 -10.21
C GLN B 87 9.19 25.85 -9.93
N SER B 88 8.15 25.01 -9.83
CA SER B 88 8.31 23.59 -9.56
C SER B 88 8.78 22.82 -10.79
N TYR B 89 9.25 23.52 -11.82
CA TYR B 89 9.80 22.92 -13.02
C TYR B 89 8.82 21.91 -13.62
N ALA B 90 7.68 22.42 -14.06
CA ALA B 90 6.66 21.52 -14.62
C ALA B 90 7.22 20.92 -15.89
N LEU B 91 7.75 19.71 -15.78
CA LEU B 91 8.35 19.03 -16.92
C LEU B 91 7.92 17.57 -16.88
N TYR B 92 7.60 17.03 -18.05
CA TYR B 92 6.88 15.77 -18.12
C TYR B 92 7.84 14.60 -17.93
N PRO B 93 7.63 13.74 -16.94
CA PRO B 93 8.64 12.71 -16.65
C PRO B 93 8.69 11.59 -17.67
N HIS B 94 7.54 11.16 -18.22
CA HIS B 94 7.55 10.02 -19.14
C HIS B 94 8.35 10.33 -20.40
N MET B 95 8.29 11.57 -20.89
CA MET B 95 9.07 11.94 -22.05
C MET B 95 10.56 11.99 -21.69
N THR B 96 11.38 12.04 -22.73
CA THR B 96 12.81 12.21 -22.57
C THR B 96 13.17 13.68 -22.74
N VAL B 97 14.36 14.04 -22.26
CA VAL B 97 14.81 15.44 -22.31
C VAL B 97 14.68 15.99 -23.72
N ARG B 98 15.00 15.17 -24.73
CA ARG B 98 14.83 15.58 -26.11
C ARG B 98 13.39 16.01 -26.38
N GLN B 99 12.43 15.16 -26.02
CA GLN B 99 11.03 15.48 -26.26
C GLN B 99 10.55 16.60 -25.35
N ASN B 100 11.05 16.68 -24.13
CA ASN B 100 10.68 17.78 -23.25
C ASN B 100 11.07 19.12 -23.86
N ILE B 101 12.29 19.22 -24.39
CA ILE B 101 12.71 20.47 -25.01
C ILE B 101 11.95 20.71 -26.30
N ALA B 102 11.68 19.65 -27.07
CA ALA B 102 11.06 19.81 -28.38
C ALA B 102 9.54 19.90 -28.34
N PHE B 103 8.92 19.79 -27.16
CA PHE B 103 7.45 19.76 -27.11
C PHE B 103 6.80 21.00 -27.72
N PRO B 104 7.12 22.23 -27.33
CA PRO B 104 6.46 23.39 -27.96
C PRO B 104 6.89 23.60 -29.40
N LEU B 105 7.83 22.80 -29.90
CA LEU B 105 8.22 22.79 -31.30
C LEU B 105 7.47 21.72 -32.09
N THR B 106 7.54 20.46 -31.64
CA THR B 106 6.79 19.40 -32.30
C THR B 106 5.30 19.69 -32.30
N LEU B 107 4.78 20.17 -31.17
CA LEU B 107 3.39 20.62 -31.14
C LEU B 107 3.11 21.70 -32.16
N ALA B 108 4.15 22.38 -32.64
CA ALA B 108 4.01 23.42 -33.66
C ALA B 108 4.32 22.91 -35.06
N LYS B 109 4.15 21.61 -35.28
CA LYS B 109 4.16 20.98 -36.62
C LYS B 109 5.38 21.39 -37.45
N VAL B 110 6.53 21.49 -36.79
CA VAL B 110 7.79 21.77 -37.46
C VAL B 110 8.42 20.43 -37.85
N PRO B 111 8.94 20.29 -39.07
CA PRO B 111 9.47 18.99 -39.52
C PRO B 111 10.61 18.49 -38.64
N LYS B 112 10.84 17.18 -38.74
CA LYS B 112 11.66 16.47 -37.74
C LYS B 112 13.14 16.82 -37.87
N ALA B 113 13.64 17.05 -39.08
CA ALA B 113 15.04 17.44 -39.25
C ALA B 113 15.31 18.79 -38.61
N GLU B 114 14.43 19.76 -38.87
CA GLU B 114 14.59 21.09 -38.26
C GLU B 114 14.41 21.01 -36.76
N ILE B 115 13.51 20.14 -36.28
CA ILE B 115 13.39 19.90 -34.85
C ILE B 115 14.72 19.43 -34.28
N ALA B 116 15.33 18.43 -34.92
CA ALA B 116 16.61 17.90 -34.45
C ALA B 116 17.65 19.01 -34.37
N ALA B 117 17.79 19.78 -35.44
CA ALA B 117 18.80 20.84 -35.47
C ALA B 117 18.55 21.87 -34.37
N LYS B 118 17.32 22.37 -34.29
CA LYS B 118 17.01 23.45 -33.35
C LYS B 118 17.16 22.98 -31.91
N VAL B 119 16.64 21.80 -31.58
CA VAL B 119 16.77 21.31 -30.21
C VAL B 119 18.22 21.02 -29.87
N GLU B 120 19.01 20.54 -30.83
CA GLU B 120 20.43 20.31 -30.55
C GLU B 120 21.15 21.62 -30.25
N GLU B 121 20.92 22.64 -31.08
CA GLU B 121 21.59 23.91 -30.84
C GLU B 121 21.11 24.56 -29.55
N THR B 122 19.83 24.39 -29.20
CA THR B 122 19.33 24.96 -27.94
C THR B 122 19.93 24.25 -26.75
N ALA B 123 20.00 22.92 -26.78
CA ALA B 123 20.69 22.22 -25.71
C ALA B 123 22.18 22.50 -25.70
N LYS B 124 22.72 23.01 -26.81
CA LYS B 124 24.11 23.46 -26.82
C LYS B 124 24.26 24.85 -26.21
N ILE B 125 23.21 25.68 -26.27
CA ILE B 125 23.23 26.95 -25.55
C ILE B 125 23.53 26.71 -24.07
N LEU B 126 22.86 25.71 -23.49
CA LEU B 126 23.16 25.25 -22.15
C LEU B 126 24.22 24.15 -22.22
N ASP B 127 24.42 23.44 -21.10
CA ASP B 127 25.46 22.42 -21.01
C ASP B 127 24.89 21.02 -20.82
N LEU B 128 23.72 20.74 -21.40
CA LEU B 128 23.03 19.48 -21.21
C LEU B 128 22.93 18.65 -22.48
N SER B 129 23.65 19.03 -23.54
CA SER B 129 23.53 18.33 -24.82
C SER B 129 23.78 16.84 -24.67
N GLU B 130 24.80 16.45 -23.92
CA GLU B 130 25.08 15.04 -23.69
C GLU B 130 24.12 14.39 -22.70
N LEU B 131 23.10 15.12 -22.24
CA LEU B 131 22.05 14.56 -21.38
C LEU B 131 20.72 14.44 -22.10
N LEU B 132 20.71 14.62 -23.42
CA LEU B 132 19.50 14.69 -24.22
C LEU B 132 18.74 13.38 -24.32
N ASP B 133 19.12 12.30 -23.64
CA ASP B 133 18.43 11.02 -23.78
C ASP B 133 17.84 10.50 -22.49
N ARG B 134 18.01 11.19 -21.38
CA ARG B 134 17.50 10.69 -20.10
C ARG B 134 16.02 11.06 -19.94
N LYS B 135 15.47 10.69 -18.78
CA LYS B 135 14.12 10.98 -18.38
C LYS B 135 14.12 11.81 -17.10
N PRO B 136 13.32 12.88 -17.03
CA PRO B 136 13.39 13.76 -15.86
C PRO B 136 12.85 13.14 -14.60
N GLY B 137 13.34 11.95 -14.27
CA GLY B 137 13.14 11.34 -12.98
C GLY B 137 14.48 10.95 -12.41
N GLN B 138 15.47 10.87 -13.30
CA GLN B 138 16.85 10.56 -12.94
C GLN B 138 17.76 11.77 -13.08
N LEU B 139 17.20 12.98 -13.07
CA LEU B 139 17.96 14.20 -13.19
C LEU B 139 17.98 14.96 -11.86
N SER B 140 18.96 15.84 -11.71
CA SER B 140 19.13 16.63 -10.51
C SER B 140 18.62 18.06 -10.74
N GLY B 141 18.54 18.82 -9.64
CA GLY B 141 17.89 20.12 -9.67
C GLY B 141 18.49 21.07 -10.67
N GLY B 142 19.83 21.14 -10.74
CA GLY B 142 20.47 22.07 -11.65
C GLY B 142 20.15 21.77 -13.10
N GLN B 143 20.41 20.53 -13.53
CA GLN B 143 20.10 20.15 -14.90
C GLN B 143 18.61 20.15 -15.17
N ARG B 144 17.79 19.94 -14.14
CA ARG B 144 16.34 20.01 -14.35
C ARG B 144 15.89 21.44 -14.64
N GLN B 145 16.39 22.41 -13.86
CA GLN B 145 16.16 23.81 -14.16
C GLN B 145 16.66 24.14 -15.57
N ARG B 146 17.79 23.56 -15.96
CA ARG B 146 18.31 23.79 -17.30
C ARG B 146 17.36 23.24 -18.35
N VAL B 147 16.78 22.07 -18.11
CA VAL B 147 15.81 21.50 -19.04
C VAL B 147 14.58 22.41 -19.15
N ALA B 148 14.10 22.91 -18.01
CA ALA B 148 12.91 23.75 -18.03
C ALA B 148 13.16 25.03 -18.83
N MET B 149 14.25 25.73 -18.53
CA MET B 149 14.55 26.95 -19.28
C MET B 149 14.86 26.65 -20.74
N GLY B 150 15.46 25.49 -21.04
CA GLY B 150 15.72 25.13 -22.41
C GLY B 150 14.46 24.91 -23.21
N ARG B 151 13.46 24.27 -22.59
CA ARG B 151 12.15 24.21 -23.21
C ARG B 151 11.57 25.61 -23.39
N ALA B 152 11.72 26.45 -22.38
CA ALA B 152 11.21 27.81 -22.47
C ALA B 152 11.89 28.63 -23.56
N ILE B 153 13.06 28.22 -24.02
CA ILE B 153 13.87 29.03 -24.92
C ILE B 153 13.49 28.82 -26.38
N VAL B 154 13.35 27.55 -26.80
CA VAL B 154 13.36 27.16 -28.21
C VAL B 154 12.45 28.01 -29.08
N ARG B 155 11.30 28.43 -28.55
CA ARG B 155 10.31 29.11 -29.37
C ARG B 155 10.82 30.43 -29.93
N SER B 156 11.77 31.08 -29.26
CA SER B 156 12.12 32.47 -29.53
C SER B 156 10.85 33.33 -29.55
N PRO B 157 10.11 33.38 -28.46
CA PRO B 157 8.79 34.02 -28.47
C PRO B 157 8.93 35.54 -28.40
N LYS B 158 7.77 36.21 -28.39
CA LYS B 158 7.76 37.66 -28.29
C LYS B 158 8.30 38.11 -26.94
N ALA B 159 7.65 37.70 -25.87
CA ALA B 159 8.12 37.98 -24.51
C ALA B 159 8.26 36.68 -23.75
N PHE B 160 8.96 36.75 -22.62
CA PHE B 160 9.44 35.57 -21.92
C PHE B 160 9.29 35.82 -20.43
N LEU B 161 8.33 35.15 -19.80
CA LEU B 161 7.95 35.46 -18.42
C LEU B 161 8.25 34.28 -17.52
N MET B 162 9.09 34.51 -16.52
CA MET B 162 9.57 33.47 -15.62
C MET B 162 8.89 33.58 -14.27
N ASP B 163 8.83 32.45 -13.55
CA ASP B 163 8.14 32.36 -12.26
C ASP B 163 9.06 31.69 -11.26
N GLN B 164 9.87 32.51 -10.57
CA GLN B 164 10.79 32.07 -9.52
C GLN B 164 11.53 30.79 -9.88
N PRO B 165 12.21 30.72 -11.02
CA PRO B 165 12.88 29.47 -11.38
C PRO B 165 14.02 29.11 -10.46
N LEU B 166 14.60 30.09 -9.77
CA LEU B 166 15.76 29.88 -8.91
C LEU B 166 15.39 29.88 -7.43
N SER B 167 14.23 29.31 -7.09
CA SER B 167 13.79 29.23 -5.70
C SER B 167 14.01 27.86 -5.09
N ASN B 168 13.92 26.79 -5.87
CA ASN B 168 14.06 25.43 -5.36
C ASN B 168 15.48 24.90 -5.44
N LEU B 169 16.40 25.66 -6.03
CA LEU B 169 17.77 25.19 -6.17
C LEU B 169 18.45 25.16 -4.80
N ASP B 170 19.72 24.73 -4.80
CA ASP B 170 20.48 24.61 -3.56
C ASP B 170 20.94 25.99 -3.10
N ALA B 171 21.79 26.03 -2.09
CA ALA B 171 22.18 27.31 -1.49
C ALA B 171 23.19 28.06 -2.34
N LYS B 172 23.99 27.36 -3.13
CA LYS B 172 25.09 27.97 -3.86
C LYS B 172 24.85 28.13 -5.34
N LEU B 173 24.25 27.13 -6.00
CA LEU B 173 24.05 27.17 -7.44
C LEU B 173 23.19 28.35 -7.89
N ARG B 174 22.52 29.04 -6.96
CA ARG B 174 21.65 30.14 -7.34
C ARG B 174 22.43 31.26 -8.02
N VAL B 175 23.64 31.56 -7.53
CA VAL B 175 24.39 32.66 -8.11
C VAL B 175 24.88 32.30 -9.51
N GLN B 176 25.29 31.05 -9.70
CA GLN B 176 25.71 30.62 -11.03
C GLN B 176 24.54 30.64 -12.01
N MET B 177 23.38 30.15 -11.60
CA MET B 177 22.23 30.20 -12.49
C MET B 177 21.76 31.62 -12.72
N ARG B 178 22.02 32.52 -11.77
CA ARG B 178 21.69 33.93 -11.96
C ARG B 178 22.56 34.55 -13.05
N ALA B 179 23.87 34.29 -12.98
CA ALA B 179 24.76 34.75 -14.05
C ALA B 179 24.38 34.10 -15.38
N GLU B 180 23.96 32.85 -15.34
CA GLU B 180 23.52 32.17 -16.56
C GLU B 180 22.31 32.87 -17.17
N ILE B 181 21.31 33.21 -16.35
CA ILE B 181 20.12 33.87 -16.85
C ILE B 181 20.47 35.24 -17.42
N SER B 182 21.37 35.96 -16.74
CA SER B 182 21.77 37.28 -17.24
C SER B 182 22.42 37.16 -18.62
N ARG B 183 23.43 36.29 -18.74
CA ARG B 183 24.09 36.11 -20.03
C ARG B 183 23.12 35.62 -21.09
N LEU B 184 22.20 34.74 -20.71
CA LEU B 184 21.29 34.13 -21.68
C LEU B 184 20.32 35.16 -22.24
N GLN B 185 19.73 35.98 -21.37
CA GLN B 185 18.86 37.03 -21.86
C GLN B 185 19.65 38.10 -22.61
N ASP B 186 20.93 38.29 -22.26
CA ASP B 186 21.75 39.22 -23.04
C ASP B 186 21.95 38.70 -24.46
N ARG B 187 22.10 37.38 -24.61
CA ARG B 187 22.28 36.81 -25.94
C ARG B 187 20.98 36.82 -26.72
N LEU B 188 19.94 36.16 -26.20
CA LEU B 188 18.69 36.01 -26.94
C LEU B 188 18.01 37.36 -27.14
N GLY B 189 17.81 38.12 -26.07
CA GLY B 189 17.19 39.43 -26.18
C GLY B 189 15.69 39.37 -26.32
N THR B 190 15.01 38.84 -25.31
CA THR B 190 13.56 38.77 -25.27
C THR B 190 13.05 39.57 -24.08
N THR B 191 11.97 40.33 -24.29
CA THR B 191 11.31 41.01 -23.18
C THR B 191 10.98 40.01 -22.09
N THR B 192 11.24 40.40 -20.84
CA THR B 192 11.10 39.49 -19.71
C THR B 192 10.34 40.16 -18.58
N VAL B 193 9.68 39.33 -17.78
CA VAL B 193 9.28 39.70 -16.43
C VAL B 193 9.66 38.54 -15.52
N TYR B 194 10.17 38.86 -14.34
CA TYR B 194 10.80 37.87 -13.48
C TYR B 194 10.34 38.11 -12.05
N VAL B 195 9.52 37.21 -11.52
CA VAL B 195 8.99 37.33 -10.17
C VAL B 195 9.95 36.64 -9.22
N THR B 196 10.26 37.30 -8.10
CA THR B 196 11.19 36.76 -7.12
C THR B 196 10.69 37.10 -5.73
N HIS B 197 11.54 36.86 -4.73
CA HIS B 197 11.17 37.00 -3.34
C HIS B 197 12.26 37.65 -2.51
N ASP B 198 13.28 38.22 -3.14
CA ASP B 198 14.44 38.74 -2.43
C ASP B 198 15.04 39.90 -3.21
N GLN B 199 15.72 40.79 -2.49
CA GLN B 199 16.32 41.96 -3.11
C GLN B 199 17.65 41.65 -3.79
N THR B 200 18.35 40.60 -3.36
CA THR B 200 19.66 40.30 -3.93
C THR B 200 19.58 40.06 -5.44
N GLU B 201 18.81 39.04 -5.84
CA GLU B 201 18.61 38.79 -7.26
C GLU B 201 17.96 39.99 -7.93
N ALA B 202 16.86 40.49 -7.36
CA ALA B 202 16.15 41.62 -7.94
C ALA B 202 17.05 42.82 -8.21
N MET B 203 18.19 42.90 -7.55
CA MET B 203 19.18 43.94 -7.86
C MET B 203 20.26 43.45 -8.81
N THR B 204 20.59 42.16 -8.78
CA THR B 204 21.65 41.65 -9.65
C THR B 204 21.20 41.58 -11.10
N LEU B 205 20.19 40.76 -11.40
CA LEU B 205 19.73 40.54 -12.76
C LEU B 205 18.44 41.34 -12.93
N GLY B 206 18.56 42.55 -13.49
CA GLY B 206 17.40 43.40 -13.61
C GLY B 206 17.66 44.73 -14.30
N ASP B 207 16.68 45.18 -15.09
CA ASP B 207 16.72 46.48 -15.73
C ASP B 207 15.80 47.49 -15.09
N ARG B 208 14.68 47.05 -14.53
CA ARG B 208 13.83 47.85 -13.67
C ARG B 208 13.29 46.96 -12.57
N VAL B 209 12.67 47.58 -11.56
CA VAL B 209 12.19 46.86 -10.39
C VAL B 209 10.79 47.36 -10.05
N VAL B 210 9.90 46.43 -9.73
CA VAL B 210 8.52 46.74 -9.35
C VAL B 210 8.30 46.15 -7.97
N VAL B 211 8.57 46.95 -6.94
CA VAL B 211 8.29 46.51 -5.57
C VAL B 211 6.79 46.59 -5.33
N MET B 212 6.19 45.47 -4.95
CA MET B 212 4.75 45.37 -4.79
C MET B 212 4.41 44.97 -3.37
N LEU B 213 3.48 45.68 -2.76
CA LEU B 213 2.96 45.34 -1.44
C LEU B 213 1.45 45.45 -1.47
N ALA B 214 0.77 44.35 -1.10
CA ALA B 214 -0.68 44.26 -1.14
C ALA B 214 -1.26 44.48 -2.53
N GLY B 215 -0.41 44.38 -3.56
CA GLY B 215 -0.87 44.54 -4.93
C GLY B 215 -0.41 45.81 -5.59
N GLU B 216 -0.44 46.92 -4.86
CA GLU B 216 -0.09 48.21 -5.43
C GLU B 216 1.42 48.34 -5.59
N VAL B 217 1.84 48.88 -6.73
CA VAL B 217 3.24 49.19 -6.97
C VAL B 217 3.69 50.24 -5.96
N GLN B 218 4.99 50.27 -5.68
CA GLN B 218 5.52 51.28 -4.77
C GLN B 218 6.54 52.20 -5.47
N GLN B 219 7.43 51.61 -6.26
CA GLN B 219 8.45 52.41 -6.92
C GLN B 219 8.98 51.65 -8.13
N ILE B 220 9.07 52.31 -9.27
CA ILE B 220 9.54 51.72 -10.51
C ILE B 220 10.82 52.41 -10.92
N GLY B 221 11.73 51.67 -11.51
CA GLY B 221 12.95 52.26 -12.03
C GLY B 221 14.20 51.44 -11.80
N THR B 222 15.31 51.91 -12.36
CA THR B 222 16.65 51.33 -12.27
C THR B 222 16.95 50.90 -10.84
N PRO B 223 17.62 49.76 -10.63
CA PRO B 223 17.95 49.35 -9.26
C PRO B 223 18.71 50.40 -8.47
N ASP B 224 19.63 51.14 -9.10
CA ASP B 224 20.32 52.21 -8.40
C ASP B 224 19.34 53.32 -8.02
N GLU B 225 18.47 53.72 -8.94
CA GLU B 225 17.46 54.73 -8.65
C GLU B 225 16.54 54.30 -7.50
N LEU B 226 16.44 53.01 -7.24
CA LEU B 226 15.63 52.51 -6.13
C LEU B 226 16.42 52.41 -4.83
N TYR B 227 17.71 52.08 -4.91
CA TYR B 227 18.52 51.94 -3.70
C TYR B 227 18.93 53.30 -3.16
N SER B 228 19.52 54.14 -4.01
CA SER B 228 20.09 55.41 -3.58
C SER B 228 19.11 56.57 -3.68
N SER B 229 17.83 56.31 -3.91
CA SER B 229 16.82 57.37 -3.95
C SER B 229 15.44 56.78 -3.71
N PRO B 230 15.14 56.35 -2.49
CA PRO B 230 13.85 55.69 -2.25
C PRO B 230 12.72 56.67 -2.01
N ALA B 231 11.50 56.31 -2.40
CA ALA B 231 10.34 57.17 -2.18
C ALA B 231 9.32 56.55 -1.23
N ASN B 232 9.79 55.81 -0.23
CA ASN B 232 8.91 55.15 0.73
C ASN B 232 9.77 54.49 1.79
N LEU B 233 9.15 54.17 2.93
CA LEU B 233 9.84 53.39 3.96
C LEU B 233 9.99 51.94 3.53
N PHE B 234 8.97 51.39 2.87
CA PHE B 234 8.99 49.98 2.52
C PHE B 234 10.08 49.66 1.51
N VAL B 235 10.27 50.54 0.52
CA VAL B 235 11.27 50.30 -0.52
C VAL B 235 12.68 50.33 0.08
N ALA B 236 12.95 51.29 0.96
CA ALA B 236 14.27 51.41 1.56
C ALA B 236 14.49 50.44 2.70
N GLY B 237 13.43 49.82 3.23
CA GLY B 237 13.59 48.83 4.26
C GLY B 237 13.57 47.43 3.69
N PHE B 238 13.24 47.32 2.40
CA PHE B 238 13.26 46.05 1.70
C PHE B 238 14.56 45.83 0.95
N ILE B 239 14.92 46.74 0.06
CA ILE B 239 16.20 46.71 -0.63
C ILE B 239 17.30 47.14 0.32
N GLY B 240 18.49 46.56 0.16
CA GLY B 240 19.54 46.80 1.15
C GLY B 240 19.46 45.81 2.29
N SER B 241 19.66 44.52 1.98
CA SER B 241 19.36 43.35 2.81
C SER B 241 19.54 43.58 4.31
N PRO B 242 20.66 44.15 4.79
CA PRO B 242 20.68 44.57 6.19
C PRO B 242 19.81 45.81 6.34
N ALA B 243 18.62 45.63 6.91
CA ALA B 243 17.59 46.66 6.90
C ALA B 243 18.12 47.96 7.50
N MET B 244 18.02 49.04 6.73
CA MET B 244 18.57 50.31 7.17
C MET B 244 17.97 50.72 8.50
N ASN B 245 18.82 51.19 9.40
CA ASN B 245 18.42 51.40 10.78
C ASN B 245 17.30 52.43 10.88
N PHE B 246 16.44 52.25 11.88
CA PHE B 246 15.26 53.08 12.06
C PHE B 246 15.24 53.64 13.48
N PHE B 247 14.91 54.92 13.59
CA PHE B 247 14.85 55.62 14.86
C PHE B 247 13.70 56.60 14.83
N PRO B 248 12.97 56.77 15.93
CA PRO B 248 11.94 57.80 15.98
C PRO B 248 12.46 59.11 16.55
N ALA B 249 11.81 60.19 16.16
CA ALA B 249 12.19 61.53 16.61
C ALA B 249 11.10 62.51 16.17
N THR B 250 11.31 63.78 16.50
CA THR B 250 10.50 64.89 16.00
C THR B 250 11.44 66.03 15.62
N ARG B 251 10.91 66.96 14.83
CA ARG B 251 11.70 68.11 14.42
C ARG B 251 11.89 69.07 15.57
N THR B 252 13.10 69.60 15.70
CA THR B 252 13.44 70.58 16.72
C THR B 252 13.53 72.01 16.17
N ASP B 253 12.89 72.25 15.02
CA ASP B 253 12.84 73.53 14.31
C ASP B 253 14.18 73.93 13.73
N VAL B 254 15.25 73.19 14.00
CA VAL B 254 16.55 73.42 13.39
C VAL B 254 17.13 72.17 12.76
N GLY B 255 16.74 70.98 13.19
CA GLY B 255 17.21 69.72 12.65
C GLY B 255 16.40 68.57 13.22
N VAL B 256 17.06 67.48 13.59
CA VAL B 256 16.40 66.38 14.28
C VAL B 256 17.30 65.93 15.43
N ARG B 257 16.67 65.36 16.45
CA ARG B 257 17.35 64.98 17.69
C ARG B 257 17.18 63.50 17.98
N LEU B 258 18.25 62.86 18.45
CA LEU B 258 18.27 61.48 18.88
C LEU B 258 18.89 61.40 20.28
N PRO B 259 18.58 60.34 21.05
CA PRO B 259 19.20 60.19 22.37
C PRO B 259 20.72 60.04 22.32
N PHE B 260 21.30 59.85 21.13
CA PHE B 260 22.74 59.69 20.99
C PHE B 260 23.36 60.70 20.03
N GLY B 261 22.54 61.48 19.32
CA GLY B 261 23.06 62.47 18.40
C GLY B 261 22.02 63.51 18.10
N GLU B 262 22.50 64.72 17.81
CA GLU B 262 21.65 65.87 17.53
C GLU B 262 21.99 66.34 16.11
N VAL B 263 21.15 65.95 15.15
CA VAL B 263 21.46 66.11 13.73
C VAL B 263 20.87 67.44 13.26
N THR B 264 21.77 68.38 12.93
CA THR B 264 21.42 69.61 12.22
C THR B 264 22.25 69.59 10.95
N LEU B 265 21.73 68.92 9.92
CA LEU B 265 22.52 68.63 8.73
C LEU B 265 22.92 69.88 7.96
N THR B 266 21.95 70.57 7.35
CA THR B 266 22.19 71.68 6.44
C THR B 266 20.98 72.58 6.34
N PRO B 267 21.16 73.87 6.08
CA PRO B 267 20.02 74.72 5.70
C PRO B 267 19.43 74.36 4.34
N HIS B 268 20.21 73.73 3.46
CA HIS B 268 19.71 73.33 2.15
C HIS B 268 18.57 72.33 2.29
N MET B 269 18.85 71.17 2.90
CA MET B 269 17.79 70.20 3.16
C MET B 269 16.74 70.76 4.10
N LEU B 270 17.11 71.75 4.93
CA LEU B 270 16.13 72.43 5.76
C LEU B 270 15.04 73.08 4.91
N ASP B 271 15.44 73.95 3.99
CA ASP B 271 14.46 74.60 3.13
C ASP B 271 13.77 73.59 2.21
N LEU B 272 14.50 72.55 1.80
CA LEU B 272 13.91 71.53 0.95
C LEU B 272 12.82 70.75 1.69
N LEU B 273 12.95 70.60 3.00
CA LEU B 273 11.89 69.99 3.78
C LEU B 273 10.78 70.98 4.10
N ASP B 274 11.11 72.25 4.24
CA ASP B 274 10.11 73.27 4.50
C ASP B 274 9.29 73.64 3.27
N LYS B 275 9.73 73.24 2.07
CA LYS B 275 8.94 73.55 0.88
C LYS B 275 7.61 72.80 0.84
N GLN B 276 7.35 71.91 1.80
CA GLN B 276 6.06 71.24 1.93
C GLN B 276 5.61 71.36 3.38
N ALA B 277 4.55 70.64 3.73
CA ALA B 277 4.00 70.71 5.08
C ALA B 277 4.85 69.89 6.04
N ARG B 278 5.09 70.43 7.24
CA ARG B 278 5.94 69.78 8.22
C ARG B 278 5.10 68.87 9.10
N PRO B 279 5.30 67.55 9.07
CA PRO B 279 4.53 66.66 9.94
C PRO B 279 5.02 66.72 11.38
N GLU B 280 4.21 66.12 12.26
CA GLU B 280 4.54 66.13 13.68
C GLU B 280 5.35 64.90 14.09
N ASN B 281 5.21 63.78 13.37
CA ASN B 281 5.95 62.55 13.67
C ASN B 281 6.83 62.21 12.47
N ILE B 282 8.14 62.34 12.66
CA ILE B 282 9.12 62.04 11.63
C ILE B 282 9.90 60.80 12.04
N ILE B 283 10.19 59.94 11.06
CA ILE B 283 11.05 58.78 11.27
C ILE B 283 12.34 59.01 10.49
N VAL B 284 13.46 58.58 11.07
CA VAL B 284 14.77 58.79 10.48
C VAL B 284 15.41 57.44 10.20
N GLY B 285 16.08 57.33 9.06
CA GLY B 285 16.72 56.09 8.68
C GLY B 285 18.14 56.27 8.20
N ILE B 286 19.03 55.38 8.60
CA ILE B 286 20.43 55.39 8.19
C ILE B 286 20.79 53.99 7.72
N ARG B 287 21.43 53.90 6.56
CA ARG B 287 21.91 52.61 6.09
C ARG B 287 23.02 52.10 7.00
N PRO B 288 23.15 50.78 7.15
CA PRO B 288 24.25 50.25 7.96
C PRO B 288 25.62 50.60 7.41
N GLU B 289 25.74 50.76 6.11
CA GLU B 289 27.01 51.03 5.44
C GLU B 289 27.49 52.45 5.62
N HIS B 290 26.83 53.28 6.44
CA HIS B 290 27.25 54.66 6.65
C HIS B 290 27.63 54.91 8.11
N ILE B 291 28.20 53.91 8.76
CA ILE B 291 28.62 53.98 10.17
C ILE B 291 30.04 53.44 10.22
N GLU B 292 31.01 54.33 10.43
CA GLU B 292 32.39 54.09 10.01
C GLU B 292 33.41 54.12 11.14
N ASP B 293 33.00 54.08 12.40
CA ASP B 293 33.93 53.79 13.49
C ASP B 293 35.08 54.79 13.57
N SER B 294 34.81 56.01 14.05
CA SER B 294 35.76 57.13 14.06
C SER B 294 37.20 56.74 14.35
N ALA B 295 37.41 55.64 15.08
CA ALA B 295 38.77 55.15 15.32
C ALA B 295 39.53 54.92 14.02
N LEU B 296 38.82 54.78 12.89
CA LEU B 296 39.45 54.68 11.59
C LEU B 296 39.09 55.84 10.68
N LEU B 297 38.36 56.84 11.18
CA LEU B 297 37.94 57.99 10.37
C LEU B 297 38.94 59.13 10.61
N ASP B 298 40.07 59.05 9.90
CA ASP B 298 41.12 60.05 9.98
C ASP B 298 40.86 61.05 8.87
N GLY B 299 40.14 62.12 9.19
CA GLY B 299 39.84 63.14 8.21
C GLY B 299 38.95 64.21 8.80
N TYR B 300 38.47 65.09 7.92
CA TYR B 300 37.59 66.18 8.33
C TYR B 300 36.24 65.68 8.84
N ALA B 301 35.85 64.46 8.47
CA ALA B 301 34.59 63.89 8.91
C ALA B 301 34.62 63.38 10.34
N ARG B 302 35.68 63.68 11.10
CA ARG B 302 35.76 63.24 12.49
C ARG B 302 34.92 64.13 13.40
N ILE B 303 34.91 65.43 13.15
CA ILE B 303 34.14 66.34 13.99
C ILE B 303 32.66 66.27 13.62
N ARG B 304 32.34 66.42 12.34
CA ARG B 304 30.96 66.38 11.89
C ARG B 304 30.49 64.94 11.71
N ALA B 305 30.65 64.13 12.74
CA ALA B 305 30.29 62.72 12.69
C ALA B 305 29.14 62.33 13.62
N LEU B 306 28.86 63.15 14.62
CA LEU B 306 27.79 62.87 15.59
C LEU B 306 27.96 61.48 16.19
N THR B 307 29.20 61.19 16.59
CA THR B 307 29.57 59.88 17.08
C THR B 307 28.83 59.56 18.38
N PHE B 308 28.71 58.27 18.66
CA PHE B 308 28.12 57.80 19.91
C PHE B 308 28.81 56.49 20.30
N SER B 309 28.47 56.01 21.49
CA SER B 309 29.11 54.82 22.04
C SER B 309 28.07 53.80 22.47
N VAL B 310 28.43 52.53 22.35
CA VAL B 310 27.59 51.42 22.79
C VAL B 310 28.43 50.16 22.85
N ARG B 311 28.07 49.24 23.75
CA ARG B 311 28.76 47.96 23.84
C ARG B 311 28.22 47.02 22.78
N ALA B 312 29.09 46.57 21.88
CA ALA B 312 28.69 45.68 20.79
C ALA B 312 28.30 44.33 21.36
N ASP B 313 27.01 43.99 21.26
CA ASP B 313 26.55 42.71 21.78
C ASP B 313 27.18 41.55 21.03
N ILE B 314 27.24 41.65 19.71
CA ILE B 314 27.82 40.60 18.88
C ILE B 314 28.45 41.18 17.62
N VAL B 315 29.71 40.84 17.38
CA VAL B 315 30.41 41.25 16.18
C VAL B 315 30.64 40.02 15.33
N GLU B 316 30.84 40.23 14.03
CA GLU B 316 31.01 39.12 13.09
C GLU B 316 31.92 39.57 11.95
N SER B 317 33.06 38.91 11.82
CA SER B 317 34.04 39.22 10.77
C SER B 317 33.96 38.14 9.70
N LEU B 318 32.98 38.30 8.79
CA LEU B 318 32.79 37.37 7.69
C LEU B 318 33.59 37.77 6.46
N GLY B 319 34.65 38.56 6.64
CA GLY B 319 35.53 38.88 5.53
C GLY B 319 35.79 40.35 5.31
N ALA B 320 35.35 40.87 4.17
CA ALA B 320 35.69 42.23 3.73
C ALA B 320 35.10 43.31 4.61
N ASP B 321 34.32 42.97 5.63
CA ASP B 321 33.71 43.99 6.48
C ASP B 321 33.21 43.35 7.76
N LYS B 322 33.51 43.99 8.89
CA LYS B 322 33.04 43.53 10.18
C LYS B 322 31.66 44.11 10.45
N TYR B 323 30.69 43.23 10.70
CA TYR B 323 29.34 43.64 11.03
C TYR B 323 29.17 43.61 12.54
N VAL B 324 28.89 44.76 13.13
CA VAL B 324 28.65 44.86 14.56
C VAL B 324 27.15 45.00 14.80
N HIS B 325 26.68 44.44 15.90
CA HIS B 325 25.30 44.62 16.33
C HIS B 325 25.27 45.51 17.56
N PHE B 326 24.15 46.19 17.76
CA PHE B 326 23.99 46.98 18.98
C PHE B 326 22.51 47.25 19.21
N THR B 327 22.19 47.56 20.47
CA THR B 327 20.82 47.75 20.91
C THR B 327 20.65 49.15 21.51
N THR B 328 19.40 49.59 21.56
CA THR B 328 19.04 50.89 22.11
C THR B 328 17.88 50.72 23.10
N GLU B 329 17.31 51.85 23.50
CA GLU B 329 16.22 51.90 24.47
C GLU B 329 15.10 52.77 23.91
N GLY B 330 14.03 52.89 24.68
CA GLY B 330 12.90 53.73 24.30
C GLY B 330 11.80 52.97 23.56
N ALA B 331 11.26 53.59 22.52
CA ALA B 331 10.19 52.99 21.72
C ALA B 331 10.34 53.46 20.28
N GLY B 332 10.80 52.59 19.40
CA GLY B 332 10.97 52.92 18.00
C GLY B 332 10.21 52.02 17.05
N ALA B 333 9.04 51.55 17.48
CA ALA B 333 8.23 50.64 16.70
C ALA B 333 7.07 51.34 16.00
N GLU B 334 7.19 52.65 15.78
CA GLU B 334 6.22 53.39 14.99
C GLU B 334 6.32 52.95 13.54
N SER B 335 5.22 52.44 13.00
CA SER B 335 5.27 51.81 11.68
C SER B 335 3.96 52.02 10.93
N ALA B 336 4.10 52.39 9.64
CA ALA B 336 3.01 52.30 8.68
C ALA B 336 3.24 51.22 7.64
N GLN B 337 4.48 51.03 7.18
CA GLN B 337 4.86 49.89 6.37
C GLN B 337 5.89 48.99 7.05
N LEU B 338 6.55 49.47 8.09
CA LEU B 338 7.54 48.66 8.79
C LEU B 338 6.90 47.46 9.50
N ALA B 339 5.61 47.51 9.81
CA ALA B 339 4.95 46.35 10.39
C ALA B 339 4.81 45.23 9.37
N GLU B 340 4.32 45.56 8.17
CA GLU B 340 4.31 44.59 7.07
C GLU B 340 5.71 44.13 6.73
N LEU B 341 6.71 45.00 6.92
CA LEU B 341 8.09 44.60 6.67
C LEU B 341 8.56 43.56 7.69
N ALA B 342 8.34 43.83 8.97
CA ALA B 342 8.81 42.97 10.05
C ALA B 342 7.91 41.77 10.30
N ALA B 343 6.78 41.66 9.59
CA ALA B 343 5.93 40.48 9.71
C ALA B 343 6.71 39.20 9.41
N ASP B 344 7.75 39.35 8.59
CA ASP B 344 8.56 38.20 8.13
C ASP B 344 9.98 38.31 8.69
N SER B 345 10.70 39.37 8.31
CA SER B 345 12.08 39.58 8.71
C SER B 345 12.22 40.99 9.27
N GLY B 346 13.12 41.14 10.24
CA GLY B 346 13.31 42.41 10.90
C GLY B 346 12.96 42.37 12.38
N ALA B 347 13.15 41.21 12.99
CA ALA B 347 12.83 41.03 14.39
C ALA B 347 13.77 41.86 15.27
N GLY B 348 13.26 42.28 16.42
CA GLY B 348 14.02 43.09 17.35
C GLY B 348 13.64 44.55 17.29
N THR B 349 12.85 45.01 18.26
CA THR B 349 12.44 46.41 18.29
C THR B 349 13.65 47.34 18.41
N ASN B 350 14.56 47.01 19.32
CA ASN B 350 15.81 47.75 19.49
C ASN B 350 16.95 46.82 19.08
N GLN B 351 17.29 46.82 17.79
CA GLN B 351 18.34 45.96 17.28
C GLN B 351 18.82 46.52 15.96
N PHE B 352 20.06 46.99 15.91
CA PHE B 352 20.62 47.58 14.71
C PHE B 352 21.98 46.97 14.41
N ILE B 353 22.44 47.19 13.19
CA ILE B 353 23.67 46.59 12.68
C ILE B 353 24.43 47.64 11.90
N ALA B 354 25.75 47.64 12.04
CA ALA B 354 26.61 48.61 11.38
C ALA B 354 27.79 47.90 10.72
N ARG B 355 28.11 48.30 9.50
CA ARG B 355 29.23 47.74 8.76
C ARG B 355 30.46 48.63 8.94
N VAL B 356 31.58 47.99 9.30
CA VAL B 356 32.84 48.69 9.51
C VAL B 356 33.92 48.01 8.67
N SER B 357 34.94 48.78 8.30
CA SER B 357 36.08 48.21 7.61
C SER B 357 36.75 47.14 8.45
N ALA B 358 37.50 46.26 7.78
CA ALA B 358 38.09 45.09 8.44
C ALA B 358 39.35 45.42 9.23
N ASP B 359 39.63 46.70 9.48
CA ASP B 359 40.77 47.09 10.29
C ASP B 359 40.33 47.70 11.63
N SER B 360 39.13 47.33 12.08
CA SER B 360 38.57 47.84 13.33
C SER B 360 38.89 46.85 14.44
N ARG B 361 39.72 47.28 15.39
CA ARG B 361 40.08 46.44 16.53
C ARG B 361 39.03 46.53 17.63
N VAL B 362 37.77 46.31 17.25
CA VAL B 362 36.65 46.33 18.17
C VAL B 362 36.08 44.93 18.27
N ARG B 363 35.60 44.57 19.46
CA ARG B 363 35.08 43.23 19.71
C ARG B 363 33.86 43.35 20.63
N THR B 364 33.32 42.20 21.01
CA THR B 364 32.18 42.19 21.92
C THR B 364 32.61 42.58 23.33
N GLY B 365 31.75 43.33 24.01
CA GLY B 365 31.94 43.64 25.41
C GLY B 365 32.52 45.00 25.72
N GLU B 366 33.02 45.74 24.72
CA GLU B 366 33.58 47.05 24.95
C GLU B 366 32.84 48.09 24.11
N GLN B 367 33.15 49.35 24.38
CA GLN B 367 32.50 50.48 23.71
C GLN B 367 33.19 50.79 22.40
N ILE B 368 32.41 51.23 21.42
CA ILE B 368 32.91 51.61 20.11
C ILE B 368 32.36 52.99 19.77
N GLU B 369 33.16 53.80 19.09
CA GLU B 369 32.73 55.13 18.68
C GLU B 369 32.22 55.06 17.24
N LEU B 370 30.94 54.70 17.12
CA LEU B 370 30.26 54.58 15.84
C LEU B 370 30.06 55.95 15.23
N ALA B 371 30.78 56.24 14.15
CA ALA B 371 30.62 57.52 13.46
C ALA B 371 29.53 57.43 12.40
N ILE B 372 28.55 58.32 12.50
CA ILE B 372 27.45 58.37 11.53
C ILE B 372 27.61 59.66 10.73
N ASP B 373 28.35 59.56 9.63
CA ASP B 373 28.54 60.72 8.77
C ASP B 373 27.23 61.11 8.08
N THR B 374 26.65 62.23 8.54
CA THR B 374 25.35 62.67 8.06
C THR B 374 25.53 63.30 6.68
N THR B 375 25.64 62.43 5.68
CA THR B 375 25.61 62.84 4.29
C THR B 375 24.71 61.97 3.44
N LYS B 376 24.43 60.74 3.85
CA LYS B 376 23.47 59.87 3.18
C LYS B 376 22.23 59.64 4.02
N LEU B 377 21.76 60.66 4.74
CA LEU B 377 20.60 60.51 5.60
C LEU B 377 19.32 60.46 4.79
N SER B 378 18.39 59.62 5.22
CA SER B 378 17.07 59.50 4.60
C SER B 378 16.02 59.57 5.70
N ILE B 379 15.20 60.61 5.69
CA ILE B 379 14.19 60.84 6.71
C ILE B 379 12.81 60.75 6.08
N PHE B 380 11.87 60.16 6.80
CA PHE B 380 10.52 59.93 6.31
C PHE B 380 9.51 60.33 7.38
N ASP B 381 8.26 60.43 6.95
CA ASP B 381 7.15 60.75 7.84
C ASP B 381 6.55 59.47 8.42
N ALA B 382 6.25 59.48 9.71
CA ALA B 382 5.69 58.32 10.37
C ALA B 382 4.25 58.05 9.95
N ALA B 383 3.58 59.04 9.37
CA ALA B 383 2.18 58.91 9.00
C ALA B 383 2.01 58.22 7.64
N THR B 384 2.59 58.79 6.59
CA THR B 384 2.41 58.31 5.23
C THR B 384 3.66 57.70 4.63
N GLY B 385 4.80 57.74 5.33
CA GLY B 385 6.01 57.08 4.87
C GLY B 385 6.62 57.65 3.62
N LEU B 386 6.02 58.68 3.03
CA LEU B 386 6.54 59.25 1.79
C LEU B 386 7.84 60.00 2.07
N ASN B 387 8.72 60.01 1.07
CA ASN B 387 10.02 60.66 1.20
C ASN B 387 9.90 62.17 1.05
N LEU B 388 10.75 62.88 1.79
CA LEU B 388 10.82 64.34 1.74
C LEU B 388 12.06 64.84 1.03
N THR B 389 13.17 64.11 1.16
CA THR B 389 14.44 64.57 0.60
C THR B 389 14.47 64.40 -0.91
N ARG B 390 14.16 63.21 -1.40
CA ARG B 390 14.23 62.92 -2.83
C ARG B 390 12.96 62.20 -3.26
N ASP B 391 12.80 62.12 -4.58
CA ASP B 391 11.63 61.49 -5.19
C ASP B 391 11.99 60.20 -5.93
N ALA C 2 29.96 18.51 28.20
CA ALA C 2 30.99 19.23 28.97
C ALA C 2 32.09 19.74 28.05
N GLU C 3 33.13 18.94 27.89
CA GLU C 3 34.27 19.26 27.04
C GLU C 3 34.59 18.02 26.23
N ILE C 4 34.29 18.06 24.93
CA ILE C 4 34.28 16.86 24.10
C ILE C 4 35.58 16.77 23.31
N VAL C 5 36.28 15.66 23.44
CA VAL C 5 37.59 15.46 22.84
C VAL C 5 37.53 14.24 21.93
N LEU C 6 38.32 14.26 20.85
CA LEU C 6 38.43 13.07 20.01
C LEU C 6 39.71 13.19 19.19
N ASP C 7 40.27 12.04 18.84
CA ASP C 7 41.52 12.02 18.08
C ASP C 7 41.69 10.67 17.41
N ARG C 8 42.28 10.68 16.22
CA ARG C 8 42.60 9.50 15.41
C ARG C 8 41.35 8.84 14.86
N VAL C 9 40.20 9.48 14.97
CA VAL C 9 38.93 8.86 14.59
C VAL C 9 38.88 8.66 13.08
N THR C 10 38.07 7.70 12.66
CA THR C 10 37.90 7.43 11.23
C THR C 10 36.55 6.77 11.00
N LYS C 11 36.32 6.36 9.75
CA LYS C 11 35.14 5.61 9.36
C LYS C 11 35.51 4.75 8.15
N SER C 12 34.64 3.80 7.84
CA SER C 12 34.89 2.87 6.74
C SER C 12 33.57 2.38 6.16
N TYR C 13 33.23 2.88 4.98
CA TYR C 13 32.06 2.25 4.37
C TYR C 13 32.49 1.21 3.36
N PRO C 14 31.82 0.04 3.33
CA PRO C 14 32.14 -1.01 2.36
C PRO C 14 31.60 -0.70 0.96
N ARG C 21 35.44 2.59 2.85
CA ARG C 21 36.19 3.73 2.34
C ARG C 21 36.43 4.77 3.43
N ALA C 22 37.48 5.56 3.26
CA ALA C 22 37.84 6.58 4.25
C ALA C 22 36.87 7.74 4.19
N ALA C 23 35.83 7.71 5.03
CA ALA C 23 34.82 8.76 5.01
C ALA C 23 35.22 9.94 5.88
N VAL C 24 35.69 9.70 7.11
CA VAL C 24 36.05 10.77 8.02
C VAL C 24 37.44 10.52 8.57
N LYS C 25 38.30 9.89 7.77
CA LYS C 25 39.60 9.44 8.27
C LYS C 25 40.40 10.60 8.89
N GLU C 26 41.19 10.27 9.90
CA GLU C 26 42.22 11.14 10.45
C GLU C 26 41.63 12.47 10.95
N PHE C 27 40.82 12.34 12.00
CA PHE C 27 40.10 13.46 12.60
C PHE C 27 40.58 13.63 14.04
N SER C 28 40.85 14.87 14.44
CA SER C 28 41.35 15.11 15.79
C SER C 28 41.12 16.55 16.21
N MET C 29 40.58 16.73 17.42
CA MET C 29 40.39 18.05 18.03
C MET C 29 39.95 17.86 19.48
N THR C 30 40.00 18.95 20.24
CA THR C 30 39.60 18.97 21.65
C THR C 30 38.66 20.16 21.83
N ILE C 31 37.38 19.95 21.57
CA ILE C 31 36.39 21.02 21.73
C ILE C 31 36.21 21.30 23.22
N ALA C 32 36.53 22.52 23.63
CA ALA C 32 36.47 22.91 25.03
C ALA C 32 35.04 23.18 25.46
N ASP C 33 34.87 23.41 26.77
CA ASP C 33 33.56 23.66 27.36
C ASP C 33 33.05 25.04 26.97
N GLY C 34 32.17 25.09 25.98
CA GLY C 34 31.71 26.34 25.41
C GLY C 34 32.29 26.65 24.05
N GLU C 35 33.31 25.92 23.61
CA GLU C 35 33.90 26.16 22.30
C GLU C 35 32.97 25.63 21.21
N PHE C 36 32.76 26.45 20.19
CA PHE C 36 31.65 26.30 19.26
C PHE C 36 32.22 25.88 17.91
N ILE C 37 32.39 24.57 17.73
CA ILE C 37 32.97 24.03 16.51
C ILE C 37 31.94 24.06 15.40
N ILE C 38 32.35 24.50 14.22
CA ILE C 38 31.49 24.54 13.03
C ILE C 38 32.09 23.57 12.01
N LEU C 39 31.53 22.36 11.93
CA LEU C 39 31.97 21.41 10.91
C LEU C 39 31.43 21.83 9.55
N VAL C 40 32.22 22.57 8.78
CA VAL C 40 31.78 23.13 7.51
C VAL C 40 32.48 22.40 6.36
N GLY C 41 31.74 22.15 5.28
CA GLY C 41 32.29 21.50 4.12
C GLY C 41 31.27 21.37 3.01
N PRO C 42 31.71 21.03 1.81
CA PRO C 42 30.79 20.85 0.70
C PRO C 42 30.04 19.54 0.78
N SER C 43 28.83 19.54 0.23
CA SER C 43 27.97 18.36 0.26
C SER C 43 28.69 17.15 -0.33
N GLY C 44 28.92 16.15 0.50
CA GLY C 44 29.71 14.98 0.15
C GLY C 44 30.90 14.75 1.05
N CYS C 45 31.39 15.80 1.72
CA CYS C 45 32.44 15.64 2.69
C CYS C 45 31.88 14.99 3.96
N GLY C 46 32.79 14.58 4.83
CA GLY C 46 32.39 13.82 6.01
C GLY C 46 32.00 14.67 7.20
N LYS C 47 31.01 15.54 7.04
CA LYS C 47 30.53 16.37 8.15
C LYS C 47 29.29 15.77 8.81
N SER C 48 28.25 15.50 8.02
CA SER C 48 27.06 14.88 8.58
C SER C 48 27.39 13.55 9.23
N THR C 49 28.31 12.79 8.64
CA THR C 49 28.62 11.46 9.16
C THR C 49 29.50 11.53 10.40
N THR C 50 30.44 12.49 10.49
CA THR C 50 31.16 12.61 11.75
C THR C 50 30.25 13.14 12.85
N LEU C 51 29.26 13.96 12.49
CA LEU C 51 28.26 14.35 13.46
C LEU C 51 27.52 13.13 13.98
N ASN C 52 26.94 12.34 13.06
CA ASN C 52 26.26 11.12 13.43
C ASN C 52 27.12 10.24 14.32
N MET C 53 28.39 10.06 13.96
CA MET C 53 29.31 9.27 14.76
C MET C 53 29.41 9.83 16.18
N ILE C 54 29.53 11.15 16.31
CA ILE C 54 29.52 11.74 17.65
C ILE C 54 28.22 11.42 18.37
N ALA C 55 27.12 11.38 17.63
CA ALA C 55 25.81 11.07 18.21
C ALA C 55 25.56 9.57 18.33
N GLY C 56 26.57 8.74 18.11
CA GLY C 56 26.44 7.31 18.29
C GLY C 56 25.49 6.62 17.35
N LEU C 57 25.11 7.26 16.25
CA LEU C 57 24.28 6.59 15.26
C LEU C 57 25.08 5.60 14.41
N GLU C 58 26.40 5.74 14.36
CA GLU C 58 27.27 4.78 13.72
C GLU C 58 28.51 4.62 14.58
N GLU C 59 28.73 3.41 15.09
CA GLU C 59 29.92 3.15 15.89
C GLU C 59 31.16 3.54 15.10
N ILE C 60 32.08 4.25 15.77
CA ILE C 60 33.30 4.68 15.10
C ILE C 60 34.13 3.46 14.73
N THR C 61 34.76 3.51 13.57
CA THR C 61 35.55 2.37 13.10
C THR C 61 36.80 2.18 13.94
N SER C 62 37.60 3.23 14.09
CA SER C 62 38.87 3.11 14.80
C SER C 62 39.23 4.47 15.40
N GLY C 63 39.59 4.46 16.68
CA GLY C 63 39.97 5.64 17.40
C GLY C 63 39.21 5.76 18.69
N GLU C 64 39.26 6.95 19.29
CA GLU C 64 38.60 7.23 20.54
C GLU C 64 37.43 8.18 20.33
N LEU C 65 36.54 8.23 21.31
CA LEU C 65 35.42 9.16 21.31
C LEU C 65 35.17 9.55 22.76
N ARG C 66 35.77 10.65 23.19
CA ARG C 66 35.90 10.98 24.61
C ARG C 66 35.11 12.24 24.92
N ILE C 67 33.83 12.08 25.22
CA ILE C 67 33.06 13.14 25.87
C ILE C 67 33.45 13.13 27.34
N GLY C 68 34.05 14.21 27.79
CA GLY C 68 34.78 14.18 29.06
C GLY C 68 36.23 13.76 28.87
N GLY C 69 36.56 12.54 29.29
CA GLY C 69 37.87 11.99 29.00
C GLY C 69 37.91 10.49 28.76
N GLU C 70 36.75 9.85 28.70
CA GLU C 70 36.67 8.40 28.67
C GLU C 70 36.08 7.91 27.36
N ARG C 71 36.35 6.64 27.07
CA ARG C 71 35.83 6.01 25.85
C ARG C 71 34.31 5.90 25.92
N VAL C 72 33.64 6.36 24.87
CA VAL C 72 32.19 6.30 24.78
C VAL C 72 31.72 5.69 23.46
N ASN C 73 32.62 5.19 22.63
CA ASN C 73 32.22 4.68 21.32
C ASN C 73 31.47 3.37 21.39
N GLU C 74 31.11 2.90 22.57
CA GLU C 74 30.31 1.68 22.71
C GLU C 74 28.90 1.93 23.19
N LYS C 75 28.70 2.95 24.03
CA LYS C 75 27.38 3.20 24.60
C LYS C 75 26.42 3.72 23.55
N ALA C 76 25.18 3.22 23.59
CA ALA C 76 24.15 3.65 22.67
C ALA C 76 23.89 5.15 22.83
N PRO C 77 23.33 5.80 21.81
CA PRO C 77 23.03 7.24 21.91
C PRO C 77 22.12 7.59 23.09
N LYS C 78 21.46 6.60 23.70
CA LYS C 78 20.56 6.85 24.81
C LYS C 78 21.26 7.30 26.08
N ASP C 79 22.60 7.24 26.13
CA ASP C 79 23.33 7.47 27.37
C ASP C 79 24.09 8.79 27.41
N ARG C 80 24.67 9.22 26.29
CA ARG C 80 25.66 10.30 26.31
C ARG C 80 25.07 11.66 26.68
N ASP C 81 23.76 11.85 26.58
CA ASP C 81 23.11 13.13 26.83
C ASP C 81 23.65 14.22 25.90
N ILE C 82 23.35 14.04 24.62
CA ILE C 82 23.84 14.90 23.56
C ILE C 82 22.77 15.90 23.10
N ALA C 83 21.53 15.44 22.93
CA ALA C 83 20.40 16.28 22.54
C ALA C 83 20.62 16.96 21.19
N MET C 84 20.67 16.12 20.16
CA MET C 84 20.77 16.58 18.79
C MET C 84 19.49 17.31 18.35
N VAL C 85 19.66 18.32 17.50
CA VAL C 85 18.55 18.87 16.72
C VAL C 85 18.78 18.46 15.28
N PHE C 86 17.71 18.38 14.50
CA PHE C 86 17.80 17.84 13.17
C PHE C 86 17.47 18.89 12.12
N GLN C 87 17.76 18.54 10.87
CA GLN C 87 17.55 19.48 9.77
C GLN C 87 16.09 19.52 9.32
N SER C 88 15.40 18.39 9.38
CA SER C 88 14.01 18.32 8.97
C SER C 88 13.05 18.55 10.14
N TYR C 89 13.54 19.02 11.27
CA TYR C 89 12.73 19.25 12.46
C TYR C 89 11.92 18.00 12.81
N ALA C 90 12.63 16.96 13.22
CA ALA C 90 11.93 15.74 13.60
C ALA C 90 11.16 15.99 14.88
N LEU C 91 9.88 16.29 14.76
CA LEU C 91 9.03 16.50 15.93
C LEU C 91 7.68 15.86 15.64
N TYR C 92 7.16 15.15 16.63
CA TYR C 92 6.04 14.26 16.40
C TYR C 92 4.76 15.04 16.18
N PRO C 93 4.01 14.75 15.12
CA PRO C 93 2.75 15.47 14.89
C PRO C 93 1.64 15.03 15.83
N HIS C 94 1.63 13.75 16.20
CA HIS C 94 0.58 13.19 17.04
C HIS C 94 0.63 13.70 18.47
N MET C 95 1.57 14.55 18.82
CA MET C 95 1.71 15.09 20.16
C MET C 95 1.37 16.58 20.15
N THR C 96 1.39 17.18 21.34
CA THR C 96 1.26 18.61 21.49
C THR C 96 2.61 19.20 21.86
N VAL C 97 2.80 20.47 21.53
CA VAL C 97 4.11 21.13 21.66
C VAL C 97 4.70 20.88 23.05
N ARG C 98 3.89 21.04 24.09
CA ARG C 98 4.38 20.80 25.44
C ARG C 98 4.77 19.34 25.63
N GLN C 99 3.99 18.42 25.05
CA GLN C 99 4.35 17.01 25.16
C GLN C 99 5.61 16.69 24.35
N ASN C 100 5.80 17.35 23.20
CA ASN C 100 7.07 17.25 22.50
C ASN C 100 8.22 17.66 23.41
N ILE C 101 8.19 18.90 23.88
CA ILE C 101 9.27 19.43 24.71
C ILE C 101 9.52 18.56 25.93
N ALA C 102 8.48 17.95 26.49
CA ALA C 102 8.63 17.17 27.72
C ALA C 102 8.83 15.69 27.45
N PHE C 103 8.86 15.26 26.19
CA PHE C 103 9.16 13.86 25.89
C PHE C 103 10.51 13.41 26.44
N PRO C 104 11.65 14.07 26.17
CA PRO C 104 12.90 13.59 26.76
C PRO C 104 12.89 13.64 28.28
N LEU C 105 12.25 14.66 28.84
CA LEU C 105 12.22 14.81 30.29
C LEU C 105 11.31 13.77 30.93
N THR C 106 10.18 13.47 30.30
CA THR C 106 9.31 12.44 30.85
C THR C 106 9.91 11.05 30.68
N LEU C 107 10.79 10.88 29.68
CA LEU C 107 11.53 9.63 29.59
C LEU C 107 12.68 9.58 30.57
N ALA C 108 13.16 10.73 31.02
CA ALA C 108 14.26 10.81 31.98
C ALA C 108 13.79 10.78 33.43
N LYS C 109 12.52 10.46 33.68
CA LYS C 109 12.00 10.29 35.03
C LYS C 109 12.15 11.57 35.87
N VAL C 110 11.46 12.62 35.41
CA VAL C 110 11.46 13.90 36.11
C VAL C 110 10.14 14.05 36.86
N PRO C 111 10.14 14.59 38.08
CA PRO C 111 8.87 14.84 38.77
C PRO C 111 7.99 15.80 37.98
N LYS C 112 6.71 15.46 37.89
CA LYS C 112 5.82 16.12 36.93
C LYS C 112 5.61 17.59 37.26
N ALA C 113 5.66 17.96 38.54
CA ALA C 113 5.65 19.38 38.89
C ALA C 113 6.89 20.07 38.33
N GLU C 114 8.06 19.46 38.55
CA GLU C 114 9.28 19.98 37.94
C GLU C 114 9.23 19.89 36.43
N ILE C 115 8.53 18.89 35.89
CA ILE C 115 8.30 18.82 34.44
C ILE C 115 7.64 20.10 33.96
N ALA C 116 6.49 20.42 34.56
CA ALA C 116 5.75 21.62 34.14
C ALA C 116 6.61 22.87 34.31
N ALA C 117 7.29 23.00 35.46
CA ALA C 117 8.10 24.18 35.71
C ALA C 117 9.19 24.35 34.66
N LYS C 118 9.91 23.26 34.37
CA LYS C 118 11.07 23.37 33.48
C LYS C 118 10.64 23.56 32.03
N VAL C 119 9.57 22.88 31.59
CA VAL C 119 9.07 23.14 30.25
C VAL C 119 8.57 24.57 30.13
N GLU C 120 7.99 25.11 31.21
CA GLU C 120 7.54 26.50 31.15
C GLU C 120 8.72 27.46 31.07
N GLU C 121 9.80 27.19 31.83
CA GLU C 121 10.98 28.03 31.73
C GLU C 121 11.61 27.96 30.34
N THR C 122 11.64 26.76 29.76
CA THR C 122 12.22 26.59 28.42
C THR C 122 11.39 27.34 27.37
N ALA C 123 10.06 27.23 27.44
CA ALA C 123 9.21 27.96 26.52
C ALA C 123 9.21 29.46 26.81
N LYS C 124 9.61 29.87 28.01
CA LYS C 124 9.73 31.29 28.33
C LYS C 124 11.01 31.86 27.73
N ILE C 125 12.10 31.09 27.77
CA ILE C 125 13.35 31.54 27.14
C ILE C 125 13.11 31.86 25.67
N LEU C 126 12.64 30.87 24.91
CA LEU C 126 12.19 31.11 23.56
C LEU C 126 10.87 31.89 23.59
N ASP C 127 10.33 32.18 22.42
CA ASP C 127 9.12 33.00 22.29
C ASP C 127 7.95 32.19 21.72
N LEU C 128 7.80 30.96 22.18
CA LEU C 128 6.68 30.10 21.81
C LEU C 128 5.70 29.90 22.96
N SER C 129 5.84 30.69 24.03
CA SER C 129 5.19 30.47 25.32
C SER C 129 3.75 30.00 25.25
N GLU C 130 2.96 30.60 24.35
CA GLU C 130 1.54 30.29 24.29
C GLU C 130 1.23 29.09 23.40
N LEU C 131 2.20 28.57 22.67
CA LEU C 131 1.95 27.49 21.71
C LEU C 131 2.01 26.11 22.33
N LEU C 132 2.02 26.01 23.66
CA LEU C 132 2.23 24.75 24.36
C LEU C 132 0.99 23.86 24.37
N ASP C 133 -0.04 24.17 23.58
CA ASP C 133 -1.22 23.33 23.48
C ASP C 133 -1.58 22.95 22.05
N ARG C 134 -1.07 23.66 21.05
CA ARG C 134 -1.36 23.33 19.67
C ARG C 134 -0.60 22.07 19.24
N LYS C 135 -0.72 21.74 17.97
CA LYS C 135 -0.04 20.58 17.40
C LYS C 135 0.98 21.03 16.36
N PRO C 136 2.03 20.26 16.13
CA PRO C 136 3.04 20.66 15.14
C PRO C 136 2.55 20.49 13.70
N GLY C 137 1.34 20.95 13.43
CA GLY C 137 0.81 20.99 12.09
C GLY C 137 0.18 22.33 11.80
N GLN C 138 0.01 23.13 12.85
CA GLN C 138 -0.54 24.48 12.77
C GLN C 138 0.48 25.50 13.22
N LEU C 139 1.73 25.31 12.82
CA LEU C 139 2.83 26.17 13.22
C LEU C 139 3.60 26.62 11.99
N SER C 140 4.28 27.77 12.12
CA SER C 140 5.12 28.28 11.07
C SER C 140 6.55 27.80 11.26
N GLY C 141 7.34 27.91 10.19
CA GLY C 141 8.69 27.37 10.20
C GLY C 141 9.53 27.87 11.36
N GLY C 142 9.46 29.18 11.63
CA GLY C 142 10.25 29.74 12.72
C GLY C 142 9.95 29.08 14.06
N GLN C 143 8.67 29.02 14.43
CA GLN C 143 8.30 28.41 15.70
C GLN C 143 8.38 26.90 15.67
N ARG C 144 8.31 26.26 14.49
CA ARG C 144 8.56 24.83 14.41
C ARG C 144 10.01 24.51 14.78
N GLN C 145 10.96 25.18 14.12
CA GLN C 145 12.36 24.99 14.46
C GLN C 145 12.64 25.45 15.89
N ARG C 146 11.89 26.43 16.39
CA ARG C 146 12.07 26.84 17.78
C ARG C 146 11.56 25.78 18.74
N VAL C 147 10.50 25.07 18.39
CA VAL C 147 10.06 23.93 19.20
C VAL C 147 11.14 22.85 19.21
N ALA C 148 11.77 22.61 18.06
CA ALA C 148 12.86 21.65 18.02
C ALA C 148 13.98 22.06 18.96
N MET C 149 14.45 23.30 18.83
CA MET C 149 15.51 23.79 19.72
C MET C 149 15.09 23.74 21.18
N GLY C 150 13.81 23.97 21.47
CA GLY C 150 13.35 23.91 22.84
C GLY C 150 13.35 22.50 23.39
N ARG C 151 13.01 21.52 22.56
CA ARG C 151 13.13 20.13 22.98
C ARG C 151 14.58 19.77 23.24
N ALA C 152 15.50 20.35 22.49
CA ALA C 152 16.91 20.05 22.75
C ALA C 152 17.44 20.76 23.99
N ILE C 153 16.91 21.94 24.31
CA ILE C 153 17.46 22.74 25.40
C ILE C 153 17.25 22.08 26.77
N VAL C 154 16.14 21.36 26.95
CA VAL C 154 15.64 21.07 28.30
C VAL C 154 16.62 20.19 29.07
N ARG C 155 17.25 19.22 28.40
CA ARG C 155 18.06 18.24 29.12
C ARG C 155 19.29 18.84 29.80
N SER C 156 19.63 20.10 29.55
CA SER C 156 20.93 20.65 29.89
C SER C 156 22.02 19.67 29.44
N PRO C 157 22.08 19.33 28.16
CA PRO C 157 22.89 18.19 27.73
C PRO C 157 24.39 18.44 27.89
N LYS C 158 25.19 17.44 27.54
CA LYS C 158 26.63 17.52 27.74
C LYS C 158 27.36 18.07 26.52
N ALA C 159 27.00 17.61 25.32
CA ALA C 159 27.50 18.18 24.07
C ALA C 159 26.31 18.44 23.18
N PHE C 160 25.67 19.58 23.37
CA PHE C 160 24.53 19.99 22.56
C PHE C 160 25.01 20.11 21.11
N LEU C 161 24.57 19.21 20.24
CA LEU C 161 25.07 19.17 18.88
C LEU C 161 23.93 19.32 17.89
N MET C 162 24.07 20.26 16.96
CA MET C 162 23.06 20.60 15.99
C MET C 162 23.43 20.06 14.61
N ASP C 163 22.44 19.97 13.73
CA ASP C 163 22.63 19.43 12.38
C ASP C 163 21.93 20.35 11.39
N GLN C 164 22.65 21.38 10.92
CA GLN C 164 22.19 22.41 9.98
C GLN C 164 20.71 22.70 10.20
N PRO C 165 20.31 23.23 11.34
CA PRO C 165 18.88 23.40 11.62
C PRO C 165 18.22 24.44 10.72
N LEU C 166 18.96 25.46 10.28
CA LEU C 166 18.40 26.56 9.52
C LEU C 166 18.39 26.30 8.02
N SER C 167 18.41 25.03 7.60
CA SER C 167 18.48 24.74 6.18
C SER C 167 17.10 24.77 5.51
N ASN C 168 16.05 24.44 6.23
CA ASN C 168 14.72 24.34 5.65
C ASN C 168 13.95 25.66 5.68
N LEU C 169 14.44 26.67 6.37
CA LEU C 169 13.76 27.96 6.43
C LEU C 169 13.91 28.67 5.07
N ASP C 170 13.39 29.88 5.00
CA ASP C 170 13.55 30.71 3.81
C ASP C 170 14.95 31.31 3.80
N ALA C 171 15.19 32.29 2.92
CA ALA C 171 16.48 32.93 2.83
C ALA C 171 16.52 34.27 3.55
N LYS C 172 15.46 34.63 4.26
CA LYS C 172 15.39 35.90 4.99
C LYS C 172 15.38 35.73 6.50
N LEU C 173 14.60 34.79 7.02
CA LEU C 173 14.54 34.56 8.46
C LEU C 173 15.83 33.97 9.01
N ARG C 174 16.74 33.52 8.14
CA ARG C 174 17.97 32.90 8.61
C ARG C 174 18.87 33.89 9.33
N VAL C 175 18.79 35.17 9.00
CA VAL C 175 19.57 36.17 9.72
C VAL C 175 19.13 36.25 11.17
N GLN C 176 17.83 36.46 11.38
CA GLN C 176 17.29 36.49 12.73
C GLN C 176 17.56 35.19 13.47
N MET C 177 17.50 34.06 12.76
CA MET C 177 17.73 32.79 13.44
C MET C 177 19.20 32.60 13.81
N ARG C 178 20.13 33.08 12.98
CA ARG C 178 21.53 33.07 13.36
C ARG C 178 21.76 33.90 14.62
N ALA C 179 21.17 35.10 14.65
CA ALA C 179 21.28 35.93 15.84
C ALA C 179 20.69 35.22 17.06
N GLU C 180 19.57 34.51 16.86
CA GLU C 180 18.93 33.85 17.99
C GLU C 180 19.75 32.68 18.51
N ILE C 181 20.33 31.88 17.60
CA ILE C 181 21.17 30.76 18.03
C ILE C 181 22.40 31.29 18.75
N SER C 182 22.97 32.39 18.25
CA SER C 182 24.14 32.97 18.91
C SER C 182 23.79 33.45 20.32
N ARG C 183 22.72 34.25 20.44
CA ARG C 183 22.31 34.75 21.76
C ARG C 183 22.00 33.60 22.71
N LEU C 184 21.28 32.59 22.23
CA LEU C 184 20.95 31.45 23.06
C LEU C 184 22.21 30.76 23.57
N GLN C 185 23.04 30.32 22.61
CA GLN C 185 24.32 29.62 22.91
C GLN C 185 25.13 30.44 23.91
N ASP C 186 25.11 31.77 23.80
CA ASP C 186 25.88 32.60 24.73
C ASP C 186 25.21 32.67 26.09
N ARG C 187 23.90 32.49 26.15
CA ARG C 187 23.21 32.49 27.45
C ARG C 187 23.39 31.16 28.17
N LEU C 188 23.10 30.05 27.49
CA LEU C 188 23.21 28.73 28.10
C LEU C 188 24.64 28.43 28.51
N GLY C 189 25.56 28.43 27.55
CA GLY C 189 26.94 28.11 27.82
C GLY C 189 27.20 26.61 27.84
N THR C 190 26.89 25.94 26.73
CA THR C 190 27.14 24.51 26.59
C THR C 190 27.95 24.25 25.33
N THR C 191 28.74 23.19 25.37
CA THR C 191 29.51 22.79 24.19
C THR C 191 28.56 22.55 23.03
N THR C 192 28.99 22.95 21.83
CA THR C 192 28.12 22.87 20.67
C THR C 192 28.94 22.61 19.42
N VAL C 193 28.48 21.67 18.60
CA VAL C 193 29.08 21.42 17.29
C VAL C 193 27.97 21.54 16.26
N TYR C 194 28.25 22.22 15.15
CA TYR C 194 27.21 22.72 14.26
C TYR C 194 27.58 22.40 12.81
N VAL C 195 27.04 21.31 12.27
CA VAL C 195 27.20 21.02 10.86
C VAL C 195 26.48 22.09 10.05
N THR C 196 27.14 22.62 9.02
CA THR C 196 26.55 23.66 8.19
C THR C 196 26.83 23.35 6.72
N HIS C 197 26.40 24.27 5.85
CA HIS C 197 26.47 24.05 4.41
C HIS C 197 27.05 25.22 3.63
N ASP C 198 27.24 26.38 4.24
CA ASP C 198 27.74 27.56 3.54
C ASP C 198 28.83 28.20 4.40
N GLN C 199 29.28 29.38 3.99
CA GLN C 199 30.28 30.11 4.76
C GLN C 199 29.71 31.27 5.55
N THR C 200 28.51 31.74 5.22
CA THR C 200 27.90 32.83 5.98
C THR C 200 27.72 32.44 7.43
N GLU C 201 27.09 31.28 7.68
CA GLU C 201 26.94 30.80 9.05
C GLU C 201 28.30 30.47 9.67
N ALA C 202 29.12 29.70 8.96
CA ALA C 202 30.41 29.28 9.49
C ALA C 202 31.28 30.45 9.90
N MET C 203 31.09 31.63 9.31
CA MET C 203 31.81 32.82 9.73
C MET C 203 31.05 33.68 10.71
N THR C 204 29.72 33.56 10.75
CA THR C 204 28.91 34.37 11.65
C THR C 204 28.99 33.84 13.08
N LEU C 205 28.55 32.61 13.29
CA LEU C 205 28.50 31.98 14.62
C LEU C 205 29.59 30.92 14.69
N GLY C 206 30.62 31.18 15.49
CA GLY C 206 31.68 30.21 15.61
C GLY C 206 32.89 30.66 16.42
N ASP C 207 33.46 29.72 17.17
CA ASP C 207 34.73 29.93 17.85
C ASP C 207 35.89 29.25 17.12
N ARG C 208 35.60 28.22 16.33
CA ARG C 208 36.57 27.58 15.45
C ARG C 208 35.81 27.06 14.25
N VAL C 209 36.56 26.64 13.23
CA VAL C 209 35.97 26.18 11.98
C VAL C 209 36.82 25.03 11.46
N VAL C 210 36.16 24.02 10.89
CA VAL C 210 36.81 22.79 10.45
C VAL C 210 36.39 22.56 8.99
N VAL C 211 37.19 23.04 8.05
CA VAL C 211 36.84 22.96 6.63
C VAL C 211 37.30 21.61 6.10
N MET C 212 36.34 20.74 5.80
CA MET C 212 36.63 19.39 5.33
C MET C 212 36.45 19.29 3.82
N LEU C 213 37.25 18.40 3.22
CA LEU C 213 37.08 18.01 1.82
C LEU C 213 37.12 16.49 1.76
N ALA C 214 35.96 15.88 1.57
CA ALA C 214 35.78 14.44 1.33
C ALA C 214 36.18 13.59 2.53
N GLY C 215 36.65 14.17 3.62
CA GLY C 215 37.00 13.38 4.78
C GLY C 215 38.26 13.82 5.49
N GLU C 216 39.17 14.49 4.80
CA GLU C 216 40.40 14.97 5.40
C GLU C 216 40.21 16.43 5.80
N VAL C 217 40.33 16.71 7.10
CA VAL C 217 40.30 18.08 7.59
C VAL C 217 41.40 18.89 6.92
N GLN C 218 41.10 20.14 6.58
CA GLN C 218 42.05 21.02 5.92
C GLN C 218 42.56 22.14 6.81
N GLN C 219 41.71 22.73 7.65
CA GLN C 219 42.17 23.72 8.61
C GLN C 219 41.22 23.81 9.79
N ILE C 220 41.78 23.82 10.99
CA ILE C 220 41.10 24.26 12.20
C ILE C 220 41.56 25.67 12.52
N GLY C 221 40.61 26.58 12.69
CA GLY C 221 40.99 27.95 12.99
C GLY C 221 39.84 28.91 13.11
N THR C 222 39.99 29.93 13.94
CA THR C 222 38.99 30.96 14.07
C THR C 222 38.70 31.58 12.70
N PRO C 223 37.48 32.04 12.47
CA PRO C 223 37.13 32.59 11.14
C PRO C 223 38.09 33.65 10.64
N ASP C 224 38.58 34.53 11.50
CA ASP C 224 39.55 35.53 11.07
C ASP C 224 40.83 34.88 10.57
N GLU C 225 41.34 33.90 11.32
CA GLU C 225 42.57 33.23 10.91
C GLU C 225 42.33 32.28 9.74
N LEU C 226 41.09 31.78 9.60
CA LEU C 226 40.77 30.94 8.45
C LEU C 226 40.64 31.77 7.18
N TYR C 227 40.28 33.04 7.30
CA TYR C 227 40.09 33.91 6.15
C TYR C 227 41.39 34.61 5.76
N SER C 228 42.03 35.31 6.70
CA SER C 228 43.17 36.14 6.37
C SER C 228 44.50 35.39 6.40
N SER C 229 44.48 34.07 6.56
CA SER C 229 45.70 33.27 6.47
C SER C 229 45.34 31.82 6.19
N PRO C 230 44.95 31.48 4.97
CA PRO C 230 44.51 30.11 4.67
C PRO C 230 45.68 29.14 4.59
N ALA C 231 45.42 27.87 4.90
CA ALA C 231 46.44 26.84 4.89
C ALA C 231 46.37 25.95 3.66
N ASN C 232 45.54 26.31 2.68
CA ASN C 232 45.28 25.43 1.54
C ASN C 232 44.53 26.23 0.50
N LEU C 233 44.44 25.68 -0.71
CA LEU C 233 43.64 26.28 -1.76
C LEU C 233 42.15 26.19 -1.41
N PHE C 234 41.71 25.03 -0.93
CA PHE C 234 40.31 24.82 -0.63
C PHE C 234 39.83 25.78 0.45
N VAL C 235 40.61 25.96 1.51
CA VAL C 235 40.22 26.88 2.58
C VAL C 235 40.48 28.33 2.24
N ALA C 236 40.97 28.61 1.04
CA ALA C 236 41.07 29.98 0.56
C ALA C 236 39.99 30.30 -0.48
N GLY C 237 39.45 29.29 -1.15
CA GLY C 237 38.42 29.51 -2.14
C GLY C 237 37.03 29.17 -1.66
N PHE C 238 36.94 28.40 -0.58
CA PHE C 238 35.64 28.01 -0.04
C PHE C 238 35.03 29.07 0.85
N ILE C 239 35.85 29.88 1.53
CA ILE C 239 35.38 31.05 2.25
C ILE C 239 35.37 32.17 1.21
N GLY C 240 34.33 32.16 0.38
CA GLY C 240 34.38 32.99 -0.84
C GLY C 240 33.69 34.33 -0.87
N SER C 241 32.40 34.42 -0.49
CA SER C 241 31.59 35.64 -0.77
C SER C 241 31.71 35.80 -2.28
N PRO C 242 32.51 36.73 -2.84
CA PRO C 242 32.83 36.70 -4.27
C PRO C 242 34.11 35.85 -4.36
N ALA C 243 33.95 34.53 -4.42
CA ALA C 243 35.03 33.55 -4.35
C ALA C 243 36.35 34.17 -4.82
N MET C 244 37.45 33.50 -4.50
CA MET C 244 38.75 34.02 -4.88
C MET C 244 38.99 33.82 -6.38
N ASN C 245 39.85 34.66 -6.94
CA ASN C 245 40.19 34.64 -8.35
C ASN C 245 41.55 33.99 -8.50
N PHE C 246 41.60 32.85 -9.18
CA PHE C 246 42.80 32.02 -9.22
C PHE C 246 43.52 32.21 -10.55
N PHE C 247 44.35 33.25 -10.60
CA PHE C 247 45.23 33.47 -11.73
C PHE C 247 46.50 32.64 -11.58
N PRO C 248 46.94 31.96 -12.63
CA PRO C 248 48.32 31.47 -12.67
C PRO C 248 49.26 32.63 -13.01
N ALA C 249 50.55 32.39 -12.80
CA ALA C 249 51.53 33.46 -12.96
C ALA C 249 52.92 32.83 -13.14
N THR C 250 53.95 33.69 -13.11
CA THR C 250 55.33 33.27 -13.31
C THR C 250 56.19 33.79 -12.17
N ARG C 251 57.38 33.18 -12.03
CA ARG C 251 58.33 33.54 -10.98
C ARG C 251 59.35 34.52 -11.55
N THR C 252 59.13 35.82 -11.31
CA THR C 252 60.00 36.85 -11.86
C THR C 252 61.38 36.86 -11.17
N ASP C 253 61.48 36.22 -9.99
CA ASP C 253 62.69 36.16 -9.19
C ASP C 253 62.99 37.51 -8.53
N VAL C 254 62.24 38.55 -8.93
CA VAL C 254 62.13 39.78 -8.18
C VAL C 254 60.72 40.00 -7.65
N GLY C 255 59.72 39.60 -8.43
CA GLY C 255 58.33 39.59 -8.02
C GLY C 255 57.56 38.50 -8.73
N VAL C 256 56.36 38.83 -9.22
CA VAL C 256 55.52 37.87 -9.93
C VAL C 256 54.86 38.57 -11.10
N ARG C 257 54.85 37.91 -12.26
CA ARG C 257 54.26 38.47 -13.46
C ARG C 257 52.89 37.83 -13.68
N LEU C 258 51.84 38.61 -13.44
CA LEU C 258 50.46 38.19 -13.65
C LEU C 258 50.20 37.99 -15.14
N PRO C 259 49.07 37.37 -15.52
CA PRO C 259 48.73 37.33 -16.95
C PRO C 259 48.57 38.71 -17.56
N PHE C 260 48.21 39.70 -16.74
CA PHE C 260 48.06 41.08 -17.20
C PHE C 260 48.83 42.07 -16.32
N GLY C 261 50.02 41.70 -15.88
CA GLY C 261 50.85 42.59 -15.07
C GLY C 261 52.06 41.86 -14.56
N GLU C 262 52.95 42.62 -13.93
CA GLU C 262 54.15 42.08 -13.31
C GLU C 262 54.39 42.80 -11.99
N VAL C 263 54.57 42.03 -10.92
CA VAL C 263 54.67 42.57 -9.57
C VAL C 263 56.13 42.52 -9.14
N THR C 264 56.50 43.41 -8.22
CA THR C 264 57.74 43.32 -7.44
C THR C 264 57.31 43.29 -5.96
N LEU C 265 56.99 42.08 -5.49
CA LEU C 265 56.19 41.91 -4.29
C LEU C 265 56.82 42.49 -3.03
N THR C 266 57.92 41.92 -2.55
CA THR C 266 58.63 42.37 -1.35
C THR C 266 59.85 41.48 -1.15
N PRO C 267 60.80 41.85 -0.30
CA PRO C 267 61.89 40.91 0.02
C PRO C 267 61.50 39.86 1.05
N HIS C 268 60.56 40.19 1.95
CA HIS C 268 60.22 39.28 3.04
C HIS C 268 59.53 38.02 2.53
N MET C 269 58.39 38.19 1.86
CA MET C 269 57.75 37.05 1.21
C MET C 269 58.68 36.40 0.20
N LEU C 270 59.60 37.17 -0.38
CA LEU C 270 60.53 36.59 -1.33
C LEU C 270 61.47 35.60 -0.67
N ASP C 271 61.99 35.92 0.53
CA ASP C 271 62.84 34.93 1.18
C ASP C 271 62.02 33.79 1.76
N LEU C 272 60.78 34.07 2.19
CA LEU C 272 59.94 32.96 2.65
C LEU C 272 59.61 32.01 1.51
N LEU C 273 59.61 32.51 0.27
CA LEU C 273 59.35 31.67 -0.89
C LEU C 273 60.62 30.97 -1.37
N ASP C 274 61.76 31.65 -1.31
CA ASP C 274 62.99 31.12 -1.89
C ASP C 274 63.72 30.19 -0.93
N LYS C 275 63.89 30.60 0.34
CA LYS C 275 64.60 29.76 1.30
C LYS C 275 63.91 28.41 1.45
N GLN C 276 62.58 28.38 1.35
CA GLN C 276 61.84 27.13 1.27
C GLN C 276 61.48 26.94 -0.20
N ALA C 277 62.44 26.38 -0.94
CA ALA C 277 62.26 26.16 -2.37
C ALA C 277 61.13 25.18 -2.63
N ARG C 278 60.64 25.20 -3.88
CA ARG C 278 59.49 24.39 -4.25
C ARG C 278 59.52 24.20 -5.76
N PRO C 279 58.74 23.25 -6.28
CA PRO C 279 58.60 23.15 -7.74
C PRO C 279 58.08 24.44 -8.36
N GLU C 280 58.28 24.56 -9.67
CA GLU C 280 58.04 25.82 -10.37
C GLU C 280 56.62 25.85 -10.92
N ASN C 281 55.67 26.04 -10.01
CA ASN C 281 54.29 26.35 -10.38
C ASN C 281 53.65 27.08 -9.21
N ILE C 282 53.09 28.26 -9.48
CA ILE C 282 52.57 29.13 -8.43
C ILE C 282 51.26 29.74 -8.93
N ILE C 283 50.14 29.29 -8.38
CA ILE C 283 48.83 29.84 -8.71
C ILE C 283 48.53 30.98 -7.75
N VAL C 284 48.56 32.20 -8.24
CA VAL C 284 48.37 33.36 -7.38
C VAL C 284 46.87 33.56 -7.16
N GLY C 285 46.52 34.08 -6.01
CA GLY C 285 45.13 34.38 -5.70
C GLY C 285 45.00 35.77 -5.13
N ILE C 286 43.94 36.46 -5.54
CA ILE C 286 43.68 37.84 -5.12
C ILE C 286 42.21 37.94 -4.78
N ARG C 287 41.90 38.13 -3.50
CA ARG C 287 40.52 38.17 -3.06
C ARG C 287 39.81 39.41 -3.62
N PRO C 288 38.52 39.29 -3.92
CA PRO C 288 37.82 40.36 -4.65
C PRO C 288 37.81 41.71 -3.95
N GLU C 289 38.02 41.74 -2.63
CA GLU C 289 37.99 43.01 -1.92
C GLU C 289 39.08 43.95 -2.42
N HIS C 290 40.27 43.42 -2.67
CA HIS C 290 41.44 44.26 -2.91
C HIS C 290 41.45 44.92 -4.27
N ILE C 291 40.59 44.51 -5.20
CA ILE C 291 40.57 45.03 -6.55
C ILE C 291 39.68 46.27 -6.58
N GLU C 292 40.18 47.37 -7.13
CA GLU C 292 39.45 48.62 -7.16
C GLU C 292 39.62 49.27 -8.52
N ASP C 293 38.80 50.27 -8.80
CA ASP C 293 38.92 51.06 -10.02
C ASP C 293 39.98 52.15 -9.82
N SER C 294 40.90 52.25 -10.76
CA SER C 294 42.01 53.19 -10.64
C SER C 294 41.56 54.65 -10.64
N ALA C 295 40.30 54.93 -10.98
CA ALA C 295 39.83 56.30 -11.08
C ALA C 295 39.49 56.92 -9.72
N LEU C 296 39.61 56.18 -8.62
CA LEU C 296 39.24 56.70 -7.31
C LEU C 296 40.38 56.70 -6.29
N LEU C 297 41.57 56.25 -6.65
CA LEU C 297 42.68 56.19 -5.70
C LEU C 297 43.98 56.53 -6.41
N ASP C 298 44.94 57.02 -5.64
CA ASP C 298 46.24 57.44 -6.15
C ASP C 298 47.41 56.76 -5.47
N GLY C 299 47.26 56.33 -4.22
CA GLY C 299 48.35 55.75 -3.47
C GLY C 299 48.97 54.52 -4.11
N TYR C 300 48.19 53.45 -4.24
CA TYR C 300 48.70 52.19 -4.79
C TYR C 300 48.59 52.13 -6.31
N ALA C 301 47.41 52.44 -6.85
CA ALA C 301 47.03 52.17 -8.24
C ALA C 301 48.10 52.54 -9.27
N ARG C 302 48.99 53.46 -8.90
CA ARG C 302 50.11 53.84 -9.75
C ARG C 302 51.18 52.76 -9.68
N ILE C 303 52.41 53.12 -10.07
CA ILE C 303 53.53 52.20 -10.19
C ILE C 303 53.60 51.21 -9.01
N ARG C 304 53.15 51.63 -7.83
CA ARG C 304 53.09 50.72 -6.70
C ARG C 304 51.80 49.91 -6.70
N ALA C 305 51.47 49.31 -7.85
CA ALA C 305 50.36 48.37 -8.01
C ALA C 305 50.43 47.83 -9.43
N LEU C 306 49.45 47.00 -9.78
CA LEU C 306 49.32 46.46 -11.13
C LEU C 306 47.93 46.76 -11.67
N THR C 307 47.85 47.73 -12.57
CA THR C 307 46.61 48.05 -13.25
C THR C 307 46.51 47.30 -14.58
N PHE C 308 45.32 47.30 -15.15
CA PHE C 308 45.04 46.64 -16.42
C PHE C 308 43.71 47.19 -16.93
N SER C 309 43.18 46.58 -18.00
CA SER C 309 41.92 47.02 -18.58
C SER C 309 41.17 45.81 -19.12
N VAL C 310 39.84 45.91 -19.10
CA VAL C 310 38.97 44.83 -19.51
C VAL C 310 37.57 45.38 -19.72
N ARG C 311 36.78 44.73 -20.57
CA ARG C 311 35.39 45.11 -20.78
C ARG C 311 34.53 44.47 -19.70
N ALA C 312 33.80 45.29 -18.94
CA ALA C 312 32.98 44.80 -17.83
C ALA C 312 31.80 44.03 -18.40
N ASP C 313 31.90 42.70 -18.38
CA ASP C 313 30.84 41.87 -18.95
C ASP C 313 29.52 42.08 -18.22
N ILE C 314 29.56 42.30 -16.90
CA ILE C 314 28.37 42.61 -16.14
C ILE C 314 28.75 43.34 -14.86
N VAL C 315 28.05 44.43 -14.57
CA VAL C 315 28.25 45.19 -13.35
C VAL C 315 26.93 45.24 -12.60
N GLU C 316 26.97 44.92 -11.31
CA GLU C 316 25.80 44.97 -10.45
C GLU C 316 26.06 45.98 -9.33
N SER C 317 25.24 47.02 -9.29
CA SER C 317 25.31 48.05 -8.25
C SER C 317 24.24 47.73 -7.21
N LEU C 318 24.46 46.67 -6.44
CA LEU C 318 23.46 46.18 -5.50
C LEU C 318 23.57 46.83 -4.13
N GLY C 319 24.10 48.05 -4.07
CA GLY C 319 24.15 48.78 -2.82
C GLY C 319 25.43 49.56 -2.59
N ALA C 320 26.08 49.30 -1.46
CA ALA C 320 27.34 49.97 -1.12
C ALA C 320 28.54 49.31 -1.79
N ASP C 321 28.33 48.54 -2.85
CA ASP C 321 29.38 47.73 -3.44
C ASP C 321 28.99 47.36 -4.86
N LYS C 322 29.84 47.71 -5.82
CA LYS C 322 29.60 47.42 -7.23
C LYS C 322 30.45 46.23 -7.62
N TYR C 323 29.79 45.12 -7.94
CA TYR C 323 30.52 43.94 -8.40
C TYR C 323 30.69 44.01 -9.91
N VAL C 324 31.92 43.88 -10.38
CA VAL C 324 32.25 44.01 -11.79
C VAL C 324 32.88 42.69 -12.21
N HIS C 325 32.18 41.93 -13.06
CA HIS C 325 32.76 40.71 -13.57
C HIS C 325 33.61 41.00 -14.80
N PHE C 326 34.51 40.07 -15.10
CA PHE C 326 35.29 40.16 -16.34
C PHE C 326 35.89 38.79 -16.63
N THR C 327 36.18 38.57 -17.91
CA THR C 327 36.63 37.28 -18.42
C THR C 327 37.91 37.49 -19.23
N THR C 328 39.05 37.20 -18.61
CA THR C 328 40.32 37.27 -19.31
C THR C 328 40.68 35.89 -19.84
N GLU C 329 41.28 35.86 -21.02
CA GLU C 329 41.59 34.61 -21.70
C GLU C 329 42.89 34.02 -21.18
N GLY C 330 42.98 32.69 -21.26
CA GLY C 330 44.15 31.97 -20.78
C GLY C 330 43.79 30.62 -20.21
N ALA C 331 44.23 30.36 -18.97
CA ALA C 331 43.93 29.10 -18.30
C ALA C 331 44.18 29.28 -16.81
N GLY C 332 43.38 28.56 -16.01
CA GLY C 332 43.53 28.60 -14.57
C GLY C 332 43.31 27.24 -13.95
N ALA C 333 43.07 26.24 -14.79
CA ALA C 333 42.80 24.88 -14.33
C ALA C 333 44.13 24.18 -14.02
N GLU C 334 44.09 22.85 -13.92
CA GLU C 334 45.27 22.03 -13.65
C GLU C 334 45.90 22.41 -12.31
N SER C 335 45.18 22.10 -11.23
CA SER C 335 45.68 22.21 -9.88
C SER C 335 45.26 21.00 -9.06
N ALA C 336 45.59 21.02 -7.77
CA ALA C 336 45.30 19.90 -6.91
C ALA C 336 43.79 19.68 -6.76
N GLN C 337 43.09 20.65 -6.19
CA GLN C 337 41.68 20.47 -5.83
C GLN C 337 40.76 21.57 -6.35
N LEU C 338 41.25 22.48 -7.17
CA LEU C 338 40.36 23.49 -7.74
C LEU C 338 39.32 22.88 -8.65
N ALA C 339 39.54 21.66 -9.15
CA ALA C 339 38.48 20.97 -9.88
C ALA C 339 37.26 20.77 -8.99
N GLU C 340 37.44 20.17 -7.82
CA GLU C 340 36.33 20.00 -6.90
C GLU C 340 35.84 21.34 -6.36
N LEU C 341 36.74 22.31 -6.18
CA LEU C 341 36.32 23.63 -5.72
C LEU C 341 35.34 24.28 -6.71
N ALA C 342 35.66 24.20 -8.00
CA ALA C 342 34.82 24.77 -9.05
C ALA C 342 33.69 23.86 -9.47
N ALA C 343 33.66 22.62 -8.97
CA ALA C 343 32.49 21.76 -9.20
C ALA C 343 31.21 22.41 -8.73
N ASP C 344 31.29 23.23 -7.68
CA ASP C 344 30.06 23.90 -7.18
C ASP C 344 30.06 25.37 -7.62
N SER C 345 31.08 26.12 -7.23
CA SER C 345 31.14 27.53 -7.51
C SER C 345 32.05 27.79 -8.71
N GLY C 346 32.27 29.07 -9.02
CA GLY C 346 33.21 29.50 -10.04
C GLY C 346 33.17 28.72 -11.34
N ALA C 347 31.98 28.32 -11.77
CA ALA C 347 31.85 27.59 -13.02
C ALA C 347 32.45 28.39 -14.17
N GLY C 348 32.90 27.67 -15.20
CA GLY C 348 33.62 28.31 -16.29
C GLY C 348 35.08 28.50 -15.96
N THR C 349 35.95 28.27 -16.93
CA THR C 349 37.38 28.33 -16.67
C THR C 349 37.85 29.75 -16.36
N ASN C 350 37.10 30.76 -16.79
CA ASN C 350 37.49 32.15 -16.56
C ASN C 350 36.24 32.98 -16.29
N GLN C 351 36.06 33.35 -15.03
CA GLN C 351 35.00 34.27 -14.63
C GLN C 351 35.43 34.94 -13.34
N PHE C 352 35.94 36.17 -13.44
CA PHE C 352 36.56 36.85 -12.32
C PHE C 352 35.67 37.99 -11.84
N ILE C 353 35.72 38.25 -10.54
CA ILE C 353 34.93 39.29 -9.90
C ILE C 353 35.87 40.34 -9.34
N ALA C 354 35.42 41.59 -9.35
CA ALA C 354 36.14 42.67 -8.71
C ALA C 354 35.14 43.53 -7.96
N ARG C 355 35.38 43.75 -6.67
CA ARG C 355 34.46 44.53 -5.86
C ARG C 355 34.97 45.97 -5.82
N VAL C 356 34.33 46.84 -6.60
CA VAL C 356 34.64 48.26 -6.61
C VAL C 356 33.72 48.96 -5.63
N SER C 357 34.17 50.11 -5.13
CA SER C 357 33.40 50.90 -4.18
C SER C 357 32.10 51.39 -4.81
N ALA C 358 31.23 51.99 -4.01
CA ALA C 358 29.89 52.36 -4.45
C ALA C 358 29.84 53.65 -5.25
N ASP C 359 30.97 54.14 -5.74
CA ASP C 359 31.00 55.37 -6.53
C ASP C 359 31.76 55.21 -7.83
N SER C 360 31.77 54.02 -8.43
CA SER C 360 32.42 53.83 -9.70
C SER C 360 31.62 54.50 -10.81
N ARG C 361 32.26 54.62 -11.98
CA ARG C 361 31.62 55.16 -13.18
C ARG C 361 31.76 54.13 -14.28
N VAL C 362 30.84 53.15 -14.29
CA VAL C 362 30.84 52.07 -15.26
C VAL C 362 29.41 51.65 -15.53
N ARG C 363 29.22 50.95 -16.64
CA ARG C 363 27.96 50.28 -16.95
C ARG C 363 28.28 49.01 -17.72
N THR C 364 27.27 48.18 -17.90
CA THR C 364 27.46 46.87 -18.54
C THR C 364 27.74 47.08 -20.02
N GLY C 365 29.01 46.99 -20.40
CA GLY C 365 29.37 47.07 -21.80
C GLY C 365 30.36 48.15 -22.19
N GLU C 366 31.18 48.61 -21.24
CA GLU C 366 32.24 49.57 -21.55
C GLU C 366 33.49 49.18 -20.77
N GLN C 367 34.61 49.78 -21.16
CA GLN C 367 35.90 49.42 -20.61
C GLN C 367 36.04 49.89 -19.16
N ILE C 368 37.15 49.52 -18.54
CA ILE C 368 37.42 49.84 -17.15
C ILE C 368 38.92 49.79 -16.94
N GLU C 369 39.39 50.50 -15.92
CA GLU C 369 40.81 50.52 -15.55
C GLU C 369 40.93 50.00 -14.12
N LEU C 370 41.02 48.69 -13.97
CA LEU C 370 41.08 48.06 -12.66
C LEU C 370 42.52 47.91 -12.19
N ALA C 371 42.74 48.14 -10.90
CA ALA C 371 44.02 47.92 -10.26
C ALA C 371 43.83 47.00 -9.07
N ILE C 372 44.92 46.36 -8.66
CA ILE C 372 44.91 45.40 -7.56
C ILE C 372 45.98 45.80 -6.56
N ASP C 373 45.58 45.94 -5.30
CA ASP C 373 46.51 46.30 -4.23
C ASP C 373 47.43 45.11 -3.97
N THR C 374 48.66 45.19 -4.45
CA THR C 374 49.62 44.09 -4.35
C THR C 374 50.25 44.08 -2.97
N THR C 375 49.42 43.78 -1.97
CA THR C 375 49.86 43.64 -0.59
C THR C 375 49.58 42.27 -0.01
N LYS C 376 48.42 41.68 -0.27
CA LYS C 376 48.04 40.40 0.30
C LYS C 376 47.62 39.41 -0.78
N LEU C 377 48.28 39.43 -1.92
CA LEU C 377 48.03 38.44 -2.96
C LEU C 377 48.59 37.10 -2.52
N SER C 378 47.72 36.09 -2.44
CA SER C 378 48.05 34.83 -1.81
C SER C 378 48.52 33.84 -2.87
N ILE C 379 49.83 33.70 -3.01
CA ILE C 379 50.42 32.73 -3.92
C ILE C 379 50.11 31.32 -3.44
N PHE C 380 50.29 30.34 -4.32
CA PHE C 380 50.00 28.95 -4.00
C PHE C 380 51.00 28.05 -4.72
N ASP C 381 50.67 26.76 -4.75
CA ASP C 381 51.41 25.77 -5.52
C ASP C 381 50.42 24.96 -6.34
N ALA C 382 50.95 24.03 -7.13
CA ALA C 382 50.12 23.12 -7.91
C ALA C 382 50.42 21.66 -7.68
N ALA C 383 51.68 21.29 -7.47
CA ALA C 383 52.04 19.90 -7.20
C ALA C 383 51.56 19.44 -5.81
N THR C 384 51.28 20.38 -4.91
CA THR C 384 50.79 20.05 -3.58
C THR C 384 49.55 20.81 -3.17
N GLY C 385 49.27 21.99 -3.73
CA GLY C 385 48.13 22.77 -3.36
C GLY C 385 48.29 23.66 -2.15
N LEU C 386 49.28 23.38 -1.30
CA LEU C 386 49.43 24.12 -0.04
C LEU C 386 49.71 25.58 -0.32
N ASN C 387 49.14 26.45 0.51
CA ASN C 387 49.42 27.88 0.45
C ASN C 387 50.88 28.13 0.82
N LEU C 388 51.36 29.33 0.51
CA LEU C 388 52.72 29.73 0.84
C LEU C 388 52.80 31.05 1.57
N THR C 389 51.68 31.76 1.75
CA THR C 389 51.70 32.97 2.57
C THR C 389 51.83 32.63 4.05
N ARG C 390 50.86 31.86 4.57
CA ARG C 390 50.90 31.42 5.96
C ARG C 390 50.24 30.05 6.05
N ASP C 391 50.34 29.46 7.23
CA ASP C 391 49.71 28.16 7.50
C ASP C 391 48.21 28.33 7.67
N LYS D 17 -18.55 27.12 -7.20
CA LYS D 17 -18.94 27.06 -8.60
C LYS D 17 -20.14 26.15 -8.80
N LYS D 18 -20.71 26.19 -10.01
CA LYS D 18 -21.82 25.33 -10.36
C LYS D 18 -21.57 24.45 -11.56
N SER D 19 -20.77 24.90 -12.53
CA SER D 19 -20.42 24.06 -13.66
C SER D 19 -19.65 22.83 -13.21
N GLU D 20 -18.58 23.04 -12.43
CA GLU D 20 -17.77 21.91 -11.99
C GLU D 20 -18.54 21.00 -11.05
N ARG D 21 -19.41 21.56 -10.20
CA ARG D 21 -20.18 20.72 -9.28
C ARG D 21 -21.24 19.91 -10.01
N ARG D 22 -21.90 20.51 -11.00
CA ARG D 22 -22.83 19.75 -11.83
C ARG D 22 -22.12 18.65 -12.61
N LEU D 23 -20.90 18.94 -13.08
CA LEU D 23 -20.12 17.89 -13.74
C LEU D 23 -19.71 16.80 -12.76
N ALA D 24 -19.44 17.16 -11.50
CA ALA D 24 -19.16 16.14 -10.50
C ALA D 24 -20.35 15.24 -10.28
N PHE D 25 -21.55 15.82 -10.21
CA PHE D 25 -22.74 14.99 -10.07
C PHE D 25 -22.95 14.10 -11.29
N TRP D 26 -22.68 14.64 -12.49
CA TRP D 26 -22.83 13.83 -13.70
C TRP D 26 -21.84 12.68 -13.72
N LEU D 27 -20.60 12.91 -13.25
CA LEU D 27 -19.61 11.85 -13.24
C LEU D 27 -19.86 10.83 -12.14
N ILE D 28 -20.48 11.26 -11.04
CA ILE D 28 -20.66 10.37 -9.90
C ILE D 28 -21.93 9.54 -10.03
N ALA D 29 -22.97 10.05 -10.68
CA ALA D 29 -24.22 9.33 -10.80
C ALA D 29 -24.10 7.89 -11.29
N PRO D 30 -23.23 7.53 -12.26
CA PRO D 30 -23.16 6.12 -12.66
C PRO D 30 -22.79 5.16 -11.55
N ALA D 31 -21.66 5.40 -10.88
CA ALA D 31 -21.20 4.48 -9.84
C ALA D 31 -22.19 4.41 -8.69
N VAL D 32 -22.73 5.56 -8.27
CA VAL D 32 -23.65 5.58 -7.13
C VAL D 32 -24.95 4.87 -7.49
N LEU D 33 -25.52 5.17 -8.65
CA LEU D 33 -26.73 4.50 -9.08
C LEU D 33 -26.53 2.99 -9.16
N LEU D 34 -25.41 2.56 -9.75
CA LEU D 34 -25.15 1.13 -9.84
C LEU D 34 -25.04 0.51 -8.46
N MET D 35 -24.24 1.11 -7.58
CA MET D 35 -23.94 0.48 -6.29
C MET D 35 -25.16 0.43 -5.39
N LEU D 36 -25.98 1.48 -5.35
CA LEU D 36 -27.17 1.42 -4.52
C LEU D 36 -28.42 0.99 -5.28
N ALA D 37 -28.27 0.52 -6.52
CA ALA D 37 -29.32 -0.24 -7.17
C ALA D 37 -29.04 -1.72 -7.19
N VAL D 38 -27.80 -2.12 -6.90
CA VAL D 38 -27.46 -3.53 -6.75
C VAL D 38 -26.88 -3.85 -5.38
N THR D 39 -27.03 -2.97 -4.40
CA THR D 39 -26.72 -3.30 -3.02
C THR D 39 -27.84 -2.97 -2.06
N ALA D 40 -28.63 -1.93 -2.34
CA ALA D 40 -29.76 -1.59 -1.47
C ALA D 40 -31.04 -2.29 -1.88
N TYR D 41 -31.22 -2.57 -3.16
CA TYR D 41 -32.43 -3.27 -3.55
C TYR D 41 -32.43 -4.72 -3.09
N PRO D 42 -31.30 -5.44 -3.16
CA PRO D 42 -31.27 -6.77 -2.52
C PRO D 42 -31.65 -6.74 -1.05
N ILE D 43 -31.31 -5.70 -0.31
CA ILE D 43 -31.64 -5.68 1.12
C ILE D 43 -33.10 -5.32 1.33
N GLY D 44 -33.63 -4.40 0.53
CA GLY D 44 -35.07 -4.16 0.58
C GLY D 44 -35.86 -5.40 0.25
N TYR D 45 -35.38 -6.17 -0.72
CA TYR D 45 -36.04 -7.41 -1.11
C TYR D 45 -35.94 -8.45 0.00
N ALA D 46 -34.76 -8.58 0.61
CA ALA D 46 -34.59 -9.53 1.70
C ALA D 46 -35.48 -9.19 2.88
N VAL D 47 -35.70 -7.90 3.16
CA VAL D 47 -36.60 -7.54 4.25
C VAL D 47 -38.04 -7.89 3.89
N TRP D 48 -38.51 -7.42 2.74
CA TRP D 48 -39.88 -7.74 2.33
C TRP D 48 -40.10 -9.24 2.25
N LEU D 49 -39.03 -10.00 2.04
CA LEU D 49 -39.12 -11.44 1.91
C LEU D 49 -39.09 -12.14 3.27
N SER D 50 -38.36 -11.59 4.24
CA SER D 50 -38.39 -12.13 5.59
C SER D 50 -39.69 -11.83 6.31
N LEU D 51 -40.46 -10.87 5.82
CA LEU D 51 -41.78 -10.69 6.41
C LEU D 51 -42.80 -11.74 5.97
N GLN D 52 -42.41 -12.84 5.34
CA GLN D 52 -43.39 -13.74 4.72
C GLN D 52 -43.11 -15.18 5.08
N ARG D 53 -44.09 -16.04 4.77
CA ARG D 53 -43.94 -17.49 4.87
C ARG D 53 -43.77 -18.04 3.47
N TYR D 54 -42.53 -18.03 2.99
CA TYR D 54 -42.21 -18.26 1.59
C TYR D 54 -41.36 -19.54 1.52
N ASN D 55 -42.01 -20.67 1.27
CA ASN D 55 -41.27 -21.90 1.05
C ASN D 55 -41.00 -22.08 -0.44
N LEU D 56 -39.80 -22.54 -0.77
CA LEU D 56 -39.37 -22.62 -2.15
C LEU D 56 -39.85 -23.87 -2.85
N ALA D 57 -40.49 -24.79 -2.14
CA ALA D 57 -41.09 -25.97 -2.76
C ALA D 57 -42.49 -25.67 -3.28
N GLU D 58 -43.37 -25.19 -2.40
CA GLU D 58 -44.72 -24.75 -2.78
C GLU D 58 -44.80 -23.24 -2.64
N PRO D 59 -44.53 -22.48 -3.70
CA PRO D 59 -44.57 -21.02 -3.61
C PRO D 59 -45.92 -20.40 -3.94
N HIS D 60 -46.96 -21.20 -4.16
CA HIS D 60 -48.26 -20.66 -4.49
C HIS D 60 -48.96 -20.01 -3.29
N ASP D 61 -48.60 -20.39 -2.08
CA ASP D 61 -49.21 -19.84 -0.86
C ASP D 61 -48.12 -19.27 0.05
N THR D 62 -47.92 -17.96 -0.02
CA THR D 62 -46.97 -17.25 0.81
C THR D 62 -47.73 -16.16 1.55
N GLU D 63 -48.31 -16.51 2.70
CA GLU D 63 -49.01 -15.49 3.47
C GLU D 63 -48.02 -14.67 4.28
N PHE D 64 -48.49 -13.54 4.77
CA PHE D 64 -47.64 -12.55 5.43
C PHE D 64 -47.78 -12.74 6.95
N ILE D 65 -46.69 -13.18 7.57
CA ILE D 65 -46.57 -13.23 9.02
C ILE D 65 -45.71 -12.06 9.47
N GLY D 66 -46.20 -11.30 10.44
CA GLY D 66 -45.58 -10.03 10.77
C GLY D 66 -44.10 -10.12 11.05
N LEU D 67 -43.72 -10.73 12.17
CA LEU D 67 -42.32 -10.89 12.52
C LEU D 67 -41.99 -12.24 13.13
N ALA D 68 -42.80 -13.26 12.88
CA ALA D 68 -42.53 -14.58 13.43
C ALA D 68 -41.44 -15.30 12.71
N ASN D 69 -40.75 -14.67 11.77
CA ASN D 69 -39.57 -15.25 11.15
C ASN D 69 -38.28 -14.72 11.74
N TYR D 70 -38.35 -13.66 12.54
CA TYR D 70 -37.20 -13.18 13.30
C TYR D 70 -37.18 -13.73 14.71
N VAL D 71 -38.34 -13.93 15.32
CA VAL D 71 -38.39 -14.61 16.61
C VAL D 71 -37.87 -16.03 16.49
N THR D 72 -38.26 -16.73 15.43
CA THR D 72 -37.85 -18.11 15.23
C THR D 72 -36.33 -18.22 15.07
N VAL D 73 -35.69 -17.18 14.54
CA VAL D 73 -34.24 -17.21 14.39
C VAL D 73 -33.54 -16.75 15.67
N LEU D 74 -34.09 -15.75 16.35
CA LEU D 74 -33.42 -15.19 17.52
C LEU D 74 -33.64 -16.01 18.78
N THR D 75 -34.63 -16.89 18.81
CA THR D 75 -34.87 -17.75 19.95
C THR D 75 -34.64 -19.21 19.60
N ASP D 76 -33.59 -19.49 18.83
CA ASP D 76 -33.28 -20.86 18.44
C ASP D 76 -31.82 -21.14 18.75
N GLY D 77 -31.54 -22.40 19.11
CA GLY D 77 -30.20 -22.75 19.53
C GLY D 77 -29.16 -22.57 18.43
N TYR D 78 -29.44 -23.10 17.24
CA TYR D 78 -28.43 -23.11 16.19
C TYR D 78 -27.99 -21.73 15.76
N TRP D 79 -28.79 -20.70 16.04
CA TRP D 79 -28.38 -19.35 15.67
C TRP D 79 -27.32 -18.80 16.62
N TRP D 80 -27.48 -19.05 17.92
CA TRP D 80 -26.56 -18.49 18.88
C TRP D 80 -25.24 -19.24 18.93
N THR D 81 -25.25 -20.55 18.67
CA THR D 81 -24.00 -21.28 18.56
C THR D 81 -23.16 -20.78 17.39
N ALA D 82 -23.80 -20.57 16.23
CA ALA D 82 -23.08 -20.07 15.08
C ALA D 82 -22.56 -18.67 15.33
N PHE D 83 -23.35 -17.82 16.00
CA PHE D 83 -22.89 -16.49 16.32
C PHE D 83 -21.69 -16.52 17.25
N ALA D 84 -21.74 -17.37 18.28
CA ALA D 84 -20.60 -17.48 19.19
C ALA D 84 -19.36 -17.97 18.45
N VAL D 85 -19.53 -18.95 17.55
CA VAL D 85 -18.38 -19.48 16.83
C VAL D 85 -17.76 -18.40 15.95
N THR D 86 -18.59 -17.66 15.22
CA THR D 86 -18.03 -16.66 14.32
C THR D 86 -17.44 -15.48 15.09
N LEU D 87 -17.99 -15.12 16.24
CA LEU D 87 -17.38 -14.07 17.03
C LEU D 87 -16.05 -14.52 17.63
N GLY D 88 -15.97 -15.76 18.11
CA GLY D 88 -14.71 -16.28 18.59
C GLY D 88 -13.64 -16.28 17.52
N ILE D 89 -13.97 -16.83 16.35
CA ILE D 89 -13.02 -16.83 15.25
C ILE D 89 -12.62 -15.42 14.88
N THR D 90 -13.58 -14.50 14.82
CA THR D 90 -13.29 -13.12 14.48
C THR D 90 -12.27 -12.51 15.45
N VAL D 91 -12.57 -12.56 16.75
CA VAL D 91 -11.70 -11.87 17.70
C VAL D 91 -10.32 -12.52 17.74
N VAL D 92 -10.26 -13.85 17.79
CA VAL D 92 -8.96 -14.51 17.93
C VAL D 92 -8.13 -14.31 16.66
N SER D 93 -8.74 -14.55 15.50
CA SER D 93 -8.02 -14.41 14.24
C SER D 93 -7.57 -12.98 14.02
N VAL D 94 -8.39 -12.00 14.38
CA VAL D 94 -8.01 -10.61 14.16
C VAL D 94 -6.88 -10.20 15.09
N ALA D 95 -6.90 -10.69 16.35
CA ALA D 95 -5.80 -10.36 17.25
C ALA D 95 -4.49 -10.96 16.76
N ILE D 96 -4.50 -12.25 16.42
CA ILE D 96 -3.28 -12.89 15.95
C ILE D 96 -2.83 -12.26 14.63
N GLU D 97 -3.78 -11.89 13.77
CA GLU D 97 -3.44 -11.24 12.52
C GLU D 97 -2.79 -9.89 12.76
N PHE D 98 -3.32 -9.12 13.71
CA PHE D 98 -2.72 -7.81 13.99
C PHE D 98 -1.30 -7.96 14.48
N ALA D 99 -1.08 -8.84 15.46
CA ALA D 99 0.28 -9.02 15.98
C ALA D 99 1.23 -9.49 14.87
N LEU D 100 0.89 -10.60 14.23
CA LEU D 100 1.79 -11.19 13.25
C LEU D 100 1.97 -10.28 12.03
N GLY D 101 0.95 -9.49 11.70
CA GLY D 101 1.08 -8.58 10.56
C GLY D 101 1.88 -7.36 10.89
N LEU D 102 1.81 -6.87 12.12
CA LEU D 102 2.75 -5.83 12.55
C LEU D 102 4.18 -6.33 12.45
N ALA D 103 4.41 -7.57 12.87
CA ALA D 103 5.75 -8.15 12.74
C ALA D 103 6.18 -8.23 11.26
N LEU D 104 5.32 -8.76 10.40
CA LEU D 104 5.65 -8.84 8.98
C LEU D 104 5.89 -7.47 8.37
N ALA D 105 5.11 -6.46 8.77
CA ALA D 105 5.32 -5.12 8.22
C ALA D 105 6.67 -4.57 8.64
N LEU D 106 7.00 -4.68 9.93
CA LEU D 106 8.30 -4.21 10.39
C LEU D 106 9.45 -4.99 9.77
N VAL D 107 9.22 -6.22 9.33
CA VAL D 107 10.27 -6.97 8.64
C VAL D 107 10.39 -6.53 7.18
N MET D 108 9.26 -6.38 6.50
CA MET D 108 9.29 -5.97 5.10
C MET D 108 9.75 -4.53 4.93
N HIS D 109 9.73 -3.73 5.99
CA HIS D 109 10.09 -2.32 5.90
C HIS D 109 11.51 -2.03 6.33
N ARG D 110 12.11 -2.88 7.16
CA ARG D 110 13.40 -2.59 7.77
C ARG D 110 14.42 -3.71 7.59
N THR D 111 14.34 -4.48 6.51
CA THR D 111 15.26 -5.59 6.32
C THR D 111 16.45 -5.16 5.45
N ILE D 112 17.60 -5.78 5.71
CA ILE D 112 18.82 -5.38 5.03
C ILE D 112 19.09 -6.22 3.78
N PHE D 113 18.67 -7.48 3.78
CA PHE D 113 18.85 -8.33 2.61
C PHE D 113 17.76 -8.00 1.59
N GLY D 114 17.62 -8.85 0.57
CA GLY D 114 16.68 -8.57 -0.49
C GLY D 114 15.25 -8.46 -0.02
N LYS D 115 14.72 -7.24 0.01
CA LYS D 115 13.33 -7.00 0.35
C LYS D 115 12.43 -7.12 -0.86
N GLY D 116 12.88 -7.77 -1.92
CA GLY D 116 12.02 -8.12 -3.03
C GLY D 116 11.56 -9.55 -2.88
N ALA D 117 12.48 -10.44 -2.49
CA ALA D 117 12.12 -11.82 -2.22
C ALA D 117 11.09 -11.91 -1.11
N VAL D 118 11.18 -11.03 -0.11
CA VAL D 118 10.23 -11.08 0.99
C VAL D 118 8.86 -10.61 0.54
N ARG D 119 8.80 -9.54 -0.26
CA ARG D 119 7.52 -9.10 -0.80
C ARG D 119 6.90 -10.18 -1.68
N THR D 120 7.73 -10.90 -2.44
CA THR D 120 7.21 -12.01 -3.25
C THR D 120 6.64 -13.12 -2.37
N ALA D 121 7.42 -13.54 -1.37
CA ALA D 121 6.96 -14.59 -0.47
C ALA D 121 5.69 -14.19 0.27
N ILE D 122 5.49 -12.89 0.49
CA ILE D 122 4.28 -12.45 1.17
C ILE D 122 3.12 -12.28 0.21
N LEU D 123 3.38 -11.97 -1.05
CA LEU D 123 2.29 -11.89 -2.01
C LEU D 123 1.80 -13.26 -2.45
N ILE D 124 2.61 -14.30 -2.31
CA ILE D 124 2.15 -15.65 -2.67
C ILE D 124 0.90 -16.04 -1.87
N PRO D 125 0.88 -15.98 -0.53
CA PRO D 125 -0.35 -16.30 0.18
C PRO D 125 -1.41 -15.21 0.16
N TYR D 126 -1.26 -14.21 -0.68
CA TYR D 126 -2.27 -13.18 -0.87
C TYR D 126 -3.09 -13.39 -2.14
N GLY D 127 -2.47 -13.96 -3.18
CA GLY D 127 -3.17 -14.19 -4.43
C GLY D 127 -3.71 -15.59 -4.55
N ILE D 128 -3.24 -16.50 -3.69
CA ILE D 128 -3.71 -17.87 -3.75
C ILE D 128 -5.21 -17.92 -3.47
N VAL D 129 -5.86 -18.97 -3.96
CA VAL D 129 -7.30 -19.14 -3.77
C VAL D 129 -7.54 -19.73 -2.38
N THR D 130 -8.56 -19.22 -1.69
CA THR D 130 -8.86 -19.71 -0.36
C THR D 130 -9.19 -21.20 -0.36
N VAL D 131 -9.74 -21.70 -1.46
CA VAL D 131 -10.11 -23.11 -1.53
C VAL D 131 -8.88 -24.01 -1.54
N ALA D 132 -7.87 -23.64 -2.32
CA ALA D 132 -6.65 -24.45 -2.35
C ALA D 132 -5.91 -24.37 -1.03
N ALA D 133 -5.87 -23.19 -0.41
CA ALA D 133 -5.27 -23.07 0.91
C ALA D 133 -5.99 -23.97 1.91
N SER D 134 -7.31 -23.99 1.87
CA SER D 134 -8.06 -24.80 2.82
C SER D 134 -7.89 -26.28 2.56
N TYR D 135 -7.72 -26.69 1.30
CA TYR D 135 -7.39 -28.09 1.03
C TYR D 135 -6.00 -28.44 1.55
N SER D 136 -5.03 -27.53 1.41
CA SER D 136 -3.72 -27.77 1.97
C SER D 136 -3.79 -27.98 3.48
N TRP D 137 -4.51 -27.10 4.17
CA TRP D 137 -4.65 -27.23 5.62
C TRP D 137 -5.51 -28.42 6.01
N TYR D 138 -6.38 -28.90 5.12
CA TYR D 138 -7.20 -30.07 5.43
C TYR D 138 -6.41 -31.34 5.32
N TYR D 139 -5.55 -31.45 4.31
CA TYR D 139 -4.72 -32.64 4.18
C TYR D 139 -3.51 -32.62 5.10
N ALA D 140 -3.09 -31.44 5.55
CA ALA D 140 -1.98 -31.38 6.49
C ALA D 140 -2.37 -31.89 7.87
N TRP D 141 -3.61 -31.67 8.28
CA TRP D 141 -4.06 -32.03 9.63
C TRP D 141 -4.81 -33.34 9.67
N THR D 142 -4.67 -34.18 8.65
CA THR D 142 -5.31 -35.49 8.61
C THR D 142 -4.28 -36.56 8.97
N PRO D 143 -4.56 -37.43 9.94
CA PRO D 143 -3.55 -38.38 10.38
C PRO D 143 -3.19 -39.36 9.26
N GLY D 144 -1.93 -39.77 9.26
CA GLY D 144 -1.43 -40.61 8.19
C GLY D 144 -0.94 -39.80 7.01
N THR D 145 -1.84 -39.00 6.42
CA THR D 145 -1.50 -38.25 5.22
C THR D 145 -0.75 -36.97 5.55
N GLY D 146 -1.11 -36.30 6.63
CA GLY D 146 -0.60 -34.97 6.93
C GLY D 146 0.61 -34.99 7.83
N TYR D 147 1.59 -34.15 7.50
CA TYR D 147 2.79 -34.03 8.32
C TYR D 147 2.52 -33.26 9.61
N LEU D 148 1.52 -32.37 9.62
CA LEU D 148 1.23 -31.56 10.79
C LEU D 148 0.38 -32.29 11.82
N ALA D 149 -0.24 -33.40 11.45
CA ALA D 149 -0.97 -34.23 12.40
C ALA D 149 -0.30 -35.58 12.60
N ASN D 150 0.81 -35.84 11.93
CA ASN D 150 1.61 -37.03 12.15
C ASN D 150 2.66 -36.84 13.25
N LEU D 151 2.77 -35.64 13.80
CA LEU D 151 3.68 -35.37 14.91
C LEU D 151 2.97 -35.20 16.24
N LEU D 152 1.64 -35.20 16.25
CA LEU D 152 0.88 -35.28 17.49
C LEU D 152 0.95 -36.70 18.04
N PRO D 153 0.51 -36.92 19.28
CA PRO D 153 0.51 -38.27 19.84
C PRO D 153 -0.31 -39.24 19.01
N GLU D 154 -0.22 -40.52 19.37
CA GLU D 154 -0.90 -41.56 18.63
C GLU D 154 -2.40 -41.49 18.85
N GLY D 155 -3.16 -41.66 17.76
CA GLY D 155 -4.61 -41.62 17.83
C GLY D 155 -5.14 -40.30 18.35
N SER D 156 -4.94 -39.22 17.59
CA SER D 156 -5.42 -37.91 17.98
C SER D 156 -6.51 -37.39 17.04
N ALA D 157 -6.22 -37.31 15.73
CA ALA D 157 -7.16 -36.79 14.73
C ALA D 157 -7.75 -35.46 15.18
N PRO D 158 -6.98 -34.38 15.16
CA PRO D 158 -7.47 -33.10 15.68
C PRO D 158 -8.30 -32.34 14.66
N LEU D 159 -9.20 -33.05 13.97
CA LEU D 159 -10.10 -32.44 13.01
C LEU D 159 -11.52 -32.94 13.17
N THR D 160 -11.76 -33.92 14.03
CA THR D 160 -13.10 -34.39 14.37
C THR D 160 -13.52 -33.91 15.75
N ASP D 161 -12.85 -32.89 16.28
CA ASP D 161 -13.21 -32.28 17.55
C ASP D 161 -13.61 -30.84 17.29
N GLN D 162 -14.37 -30.27 18.22
CA GLN D 162 -14.91 -28.92 17.99
C GLN D 162 -13.82 -27.87 18.15
N LEU D 163 -13.22 -27.81 19.33
CA LEU D 163 -12.28 -26.73 19.63
C LEU D 163 -10.97 -26.88 18.84
N PRO D 164 -10.41 -28.09 18.69
CA PRO D 164 -9.24 -28.21 17.80
C PRO D 164 -9.53 -27.87 16.35
N SER D 165 -10.71 -28.25 15.88
CA SER D 165 -11.14 -27.94 14.48
C SER D 165 -11.22 -26.41 14.33
N LEU D 166 -11.75 -25.73 15.34
CA LEU D 166 -11.84 -24.27 15.32
C LEU D 166 -10.46 -23.63 15.37
N ALA D 167 -9.55 -24.20 16.16
CA ALA D 167 -8.18 -23.71 16.17
C ALA D 167 -7.53 -23.83 14.80
N ILE D 168 -7.77 -24.95 14.12
CA ILE D 168 -7.20 -25.14 12.79
C ILE D 168 -7.81 -24.17 11.78
N VAL D 169 -9.10 -23.87 11.92
CA VAL D 169 -9.71 -22.88 11.05
C VAL D 169 -9.12 -21.50 11.30
N VAL D 170 -8.85 -21.18 12.57
CA VAL D 170 -8.21 -19.90 12.90
C VAL D 170 -6.82 -19.84 12.29
N LEU D 171 -6.07 -20.94 12.35
CA LEU D 171 -4.73 -20.97 11.77
C LEU D 171 -4.78 -20.80 10.26
N ALA D 172 -5.72 -21.48 9.59
CA ALA D 172 -5.85 -21.33 8.14
C ALA D 172 -6.19 -19.89 7.78
N GLU D 173 -7.13 -19.28 8.50
CA GLU D 173 -7.52 -17.90 8.20
C GLU D 173 -6.36 -16.94 8.44
N VAL D 174 -5.65 -17.10 9.55
CA VAL D 174 -4.50 -16.25 9.84
C VAL D 174 -3.47 -16.35 8.72
N TRP D 175 -3.05 -17.57 8.38
CA TRP D 175 -2.06 -17.72 7.32
C TRP D 175 -2.53 -17.08 6.03
N LYS D 176 -3.76 -17.35 5.62
CA LYS D 176 -4.22 -16.86 4.33
C LYS D 176 -4.31 -15.34 4.31
N THR D 177 -4.83 -14.74 5.37
CA THR D 177 -5.27 -13.35 5.31
C THR D 177 -4.40 -12.38 6.09
N THR D 178 -3.27 -12.83 6.64
CA THR D 178 -2.36 -11.87 7.26
C THR D 178 -1.60 -10.99 6.26
N PRO D 179 -1.29 -11.42 5.03
CA PRO D 179 -0.49 -10.53 4.16
C PRO D 179 -1.20 -9.24 3.78
N PHE D 180 -2.52 -9.27 3.59
CA PHE D 180 -3.22 -8.03 3.27
C PHE D 180 -3.15 -7.05 4.44
N MET D 181 -3.36 -7.54 5.66
CA MET D 181 -3.21 -6.69 6.83
C MET D 181 -1.79 -6.16 6.95
N ALA D 182 -0.81 -7.00 6.63
CA ALA D 182 0.59 -6.56 6.66
C ALA D 182 0.82 -5.43 5.66
N LEU D 183 0.26 -5.56 4.46
CA LEU D 183 0.46 -4.53 3.45
C LEU D 183 -0.23 -3.23 3.82
N LEU D 184 -1.42 -3.31 4.43
CA LEU D 184 -2.09 -2.09 4.89
C LEU D 184 -1.30 -1.42 6.00
N LEU D 185 -0.83 -2.21 6.97
CA LEU D 185 -0.01 -1.64 8.03
C LEU D 185 1.28 -1.05 7.50
N LEU D 186 1.85 -1.64 6.44
CA LEU D 186 3.03 -1.06 5.82
C LEU D 186 2.70 0.23 5.09
N ALA D 187 1.56 0.28 4.42
CA ALA D 187 1.09 1.53 3.82
C ALA D 187 1.04 2.62 4.85
N GLY D 188 0.59 2.29 6.06
CA GLY D 188 0.61 3.28 7.13
C GLY D 188 2.01 3.59 7.62
N LEU D 189 2.84 2.56 7.76
CA LEU D 189 4.11 2.66 8.46
C LEU D 189 5.17 3.39 7.65
N ALA D 190 5.17 3.19 6.33
CA ALA D 190 6.17 3.84 5.48
C ALA D 190 6.03 5.36 5.46
N LEU D 191 5.04 5.91 6.14
CA LEU D 191 4.90 7.35 6.31
C LEU D 191 5.47 7.83 7.64
N VAL D 192 6.37 7.04 8.24
CA VAL D 192 7.06 7.44 9.46
C VAL D 192 8.47 7.88 9.08
N PRO D 193 8.75 9.19 9.05
CA PRO D 193 10.09 9.64 8.68
C PRO D 193 11.15 9.07 9.60
N GLN D 194 12.28 8.68 9.01
CA GLN D 194 13.36 8.08 9.78
C GLN D 194 13.89 9.04 10.83
N ASP D 195 13.76 10.34 10.56
CA ASP D 195 14.24 11.40 11.49
C ASP D 195 13.52 11.26 12.85
N LEU D 196 12.23 10.94 12.83
CA LEU D 196 11.47 10.79 14.08
C LEU D 196 12.04 9.68 14.93
N LEU D 197 12.36 8.54 14.31
CA LEU D 197 12.94 7.43 15.05
C LEU D 197 14.34 7.79 15.53
N ASN D 198 15.11 8.49 14.71
CA ASN D 198 16.45 8.91 15.13
C ASN D 198 16.38 9.83 16.34
N ALA D 199 15.37 10.70 16.39
CA ALA D 199 15.22 11.61 17.52
C ALA D 199 14.75 10.86 18.76
N ALA D 200 13.80 9.93 18.60
CA ALA D 200 13.37 9.14 19.74
C ALA D 200 14.52 8.29 20.29
N GLN D 201 15.42 7.84 19.42
CA GLN D 201 16.59 7.08 19.87
C GLN D 201 17.58 7.95 20.64
N VAL D 202 17.66 9.23 20.33
CA VAL D 202 18.55 10.15 21.04
C VAL D 202 17.91 10.47 22.38
N ASP D 203 16.58 10.49 22.40
CA ASP D 203 15.85 10.81 23.62
C ASP D 203 16.05 9.75 24.70
N GLY D 204 16.52 8.57 24.32
CA GLY D 204 16.75 7.49 25.27
C GLY D 204 15.66 6.45 25.34
N ALA D 205 14.70 6.46 24.42
CA ALA D 205 13.59 5.52 24.47
C ALA D 205 14.07 4.09 24.33
N GLY D 206 14.64 3.76 23.18
CA GLY D 206 15.06 2.40 22.91
C GLY D 206 14.19 1.75 21.85
N PRO D 207 14.34 0.44 21.65
CA PRO D 207 13.62 -0.25 20.56
C PRO D 207 12.14 -0.46 20.85
N TRP D 208 11.80 -0.87 22.06
CA TRP D 208 10.40 -1.10 22.39
C TRP D 208 9.71 0.13 22.93
N LYS D 209 10.43 0.98 23.65
CA LYS D 209 9.80 2.18 24.19
C LYS D 209 9.34 3.14 23.10
N ARG D 210 9.98 3.11 21.93
CA ARG D 210 9.54 3.96 20.84
C ARG D 210 8.45 3.32 20.00
N LEU D 211 8.47 2.00 19.83
CA LEU D 211 7.39 1.32 19.12
C LEU D 211 6.02 1.54 19.76
N THR D 212 5.97 2.05 20.98
CA THR D 212 4.71 2.27 21.67
C THR D 212 4.40 3.75 21.92
N LYS D 213 5.35 4.64 21.70
CA LYS D 213 5.15 6.06 21.96
C LYS D 213 5.50 6.97 20.79
N VAL D 214 5.99 6.42 19.68
CA VAL D 214 6.35 7.21 18.51
C VAL D 214 5.70 6.67 17.25
N ILE D 215 5.88 5.38 16.97
CA ILE D 215 5.41 4.80 15.72
C ILE D 215 4.01 4.23 15.82
N LEU D 216 3.55 3.86 17.02
CA LEU D 216 2.21 3.28 17.12
C LEU D 216 1.15 4.38 17.07
N PRO D 217 1.22 5.43 17.91
CA PRO D 217 0.21 6.50 17.81
C PRO D 217 0.26 7.23 16.49
N MET D 218 1.31 7.08 15.70
CA MET D 218 1.35 7.73 14.40
C MET D 218 0.47 7.00 13.40
N ILE D 219 0.60 5.68 13.31
CA ILE D 219 -0.34 4.93 12.48
C ILE D 219 -1.51 4.48 13.34
N LYS D 220 -2.39 5.41 13.68
CA LYS D 220 -3.69 5.06 14.22
C LYS D 220 -4.70 4.80 13.10
N PRO D 221 -4.77 5.66 12.07
CA PRO D 221 -5.76 5.39 11.01
C PRO D 221 -5.48 4.12 10.25
N ALA D 222 -4.21 3.80 9.97
CA ALA D 222 -3.92 2.56 9.26
C ALA D 222 -4.29 1.35 10.11
N ILE D 223 -3.96 1.37 11.39
CA ILE D 223 -4.35 0.27 12.26
C ILE D 223 -5.86 0.14 12.32
N LEU D 224 -6.58 1.25 12.40
CA LEU D 224 -8.04 1.16 12.56
C LEU D 224 -8.71 0.69 11.27
N VAL D 225 -8.23 1.14 10.12
CA VAL D 225 -8.79 0.67 8.86
C VAL D 225 -8.47 -0.82 8.66
N ALA D 226 -7.25 -1.23 9.00
CA ALA D 226 -6.91 -2.64 8.87
C ALA D 226 -7.74 -3.50 9.82
N LEU D 227 -7.99 -3.01 11.03
CA LEU D 227 -8.81 -3.77 11.98
C LEU D 227 -10.26 -3.86 11.50
N LEU D 228 -10.79 -2.78 10.93
CA LEU D 228 -12.15 -2.82 10.41
C LEU D 228 -12.26 -3.83 9.28
N PHE D 229 -11.35 -3.73 8.30
CA PHE D 229 -11.34 -4.67 7.18
C PHE D 229 -11.24 -6.10 7.68
N ARG D 230 -10.31 -6.37 8.59
CA ARG D 230 -10.13 -7.73 9.09
C ARG D 230 -11.37 -8.22 9.83
N THR D 231 -11.96 -7.38 10.67
CA THR D 231 -13.10 -7.83 11.45
C THR D 231 -14.28 -8.19 10.55
N LEU D 232 -14.57 -7.36 9.55
CA LEU D 232 -15.68 -7.67 8.66
C LEU D 232 -15.36 -8.89 7.79
N ASP D 233 -14.18 -8.91 7.18
CA ASP D 233 -13.80 -10.02 6.32
C ASP D 233 -13.70 -11.34 7.07
N ALA D 234 -13.50 -11.30 8.39
CA ALA D 234 -13.54 -12.52 9.18
C ALA D 234 -14.93 -12.85 9.66
N PHE D 235 -15.79 -11.84 9.80
CA PHE D 235 -17.19 -12.11 10.08
C PHE D 235 -17.91 -12.71 8.88
N ARG D 236 -17.34 -12.62 7.68
CA ARG D 236 -18.00 -13.18 6.50
C ARG D 236 -17.22 -14.33 5.88
N ILE D 237 -16.71 -15.25 6.69
CA ILE D 237 -15.98 -16.41 6.18
C ILE D 237 -16.98 -17.53 5.94
N PHE D 238 -16.79 -18.25 4.82
CA PHE D 238 -17.63 -19.38 4.48
C PHE D 238 -16.85 -20.64 4.12
N ASP D 239 -15.72 -20.52 3.44
CA ASP D 239 -15.06 -21.66 2.81
C ASP D 239 -14.03 -22.35 3.69
N ASN D 240 -13.30 -21.59 4.51
CA ASN D 240 -12.38 -22.22 5.45
C ASN D 240 -13.10 -23.13 6.42
N ILE D 241 -14.41 -22.94 6.58
CA ILE D 241 -15.22 -23.87 7.36
C ILE D 241 -16.00 -24.82 6.46
N TYR D 242 -16.28 -24.44 5.21
CA TYR D 242 -17.01 -25.30 4.30
C TYR D 242 -16.19 -26.53 3.92
N ILE D 243 -15.00 -26.31 3.37
CA ILE D 243 -14.23 -27.46 2.86
C ILE D 243 -13.19 -27.94 3.85
N LEU D 244 -13.30 -27.55 5.12
CA LEU D 244 -12.36 -28.00 6.14
C LEU D 244 -13.06 -28.66 7.32
N THR D 245 -14.22 -28.16 7.72
CA THR D 245 -15.05 -28.80 8.73
C THR D 245 -16.42 -29.18 8.20
N GLY D 246 -17.01 -28.36 7.33
CA GLY D 246 -18.31 -28.62 6.76
C GLY D 246 -19.47 -28.13 7.59
N GLY D 247 -19.25 -27.76 8.84
CA GLY D 247 -20.32 -27.38 9.74
C GLY D 247 -20.69 -28.45 10.75
N SER D 248 -19.97 -29.57 10.78
CA SER D 248 -20.26 -30.61 11.73
C SER D 248 -19.77 -30.20 13.11
N ASN D 249 -20.13 -31.00 14.13
CA ASN D 249 -19.73 -30.76 15.51
C ASN D 249 -20.18 -29.41 16.04
N ASP D 250 -21.19 -28.81 15.40
CA ASP D 250 -21.63 -27.45 15.70
C ASP D 250 -20.48 -26.45 15.54
N THR D 251 -19.86 -26.48 14.36
CA THR D 251 -18.76 -25.60 14.01
C THR D 251 -19.13 -24.51 13.01
N GLY D 252 -19.96 -24.84 12.02
CA GLY D 252 -20.34 -23.90 10.99
C GLY D 252 -20.68 -22.50 11.47
N SER D 253 -20.15 -21.49 10.79
CA SER D 253 -20.36 -20.10 11.16
C SER D 253 -21.74 -19.66 10.68
N VAL D 254 -21.99 -18.35 10.71
CA VAL D 254 -23.32 -17.85 10.42
C VAL D 254 -23.62 -17.88 8.92
N SER D 255 -22.61 -17.75 8.07
CA SER D 255 -22.81 -17.85 6.64
C SER D 255 -23.18 -19.28 6.25
N ILE D 256 -22.57 -20.26 6.89
CA ILE D 256 -22.93 -21.65 6.63
C ILE D 256 -24.33 -21.94 7.14
N LEU D 257 -24.73 -21.31 8.24
CA LEU D 257 -26.09 -21.49 8.72
C LEU D 257 -27.10 -20.92 7.73
N GLY D 258 -26.81 -19.75 7.17
CA GLY D 258 -27.70 -19.20 6.15
C GLY D 258 -27.77 -20.08 4.92
N TYR D 259 -26.62 -20.58 4.46
CA TYR D 259 -26.57 -21.46 3.30
C TYR D 259 -27.40 -22.72 3.54
N ASP D 260 -27.19 -23.36 4.69
CA ASP D 260 -27.94 -24.58 5.03
C ASP D 260 -29.44 -24.30 5.08
N ASN D 261 -29.84 -23.27 5.83
CA ASN D 261 -31.27 -23.03 6.01
C ASN D 261 -31.94 -22.52 4.75
N LEU D 262 -31.19 -22.01 3.78
CA LEU D 262 -31.84 -21.62 2.54
C LEU D 262 -31.91 -22.76 1.54
N PHE D 263 -30.84 -23.55 1.42
CA PHE D 263 -30.74 -24.50 0.32
C PHE D 263 -31.04 -25.94 0.70
N LYS D 264 -30.96 -26.31 1.98
CA LYS D 264 -31.30 -27.65 2.42
C LYS D 264 -32.73 -27.77 2.92
N ALA D 265 -33.33 -26.66 3.35
CA ALA D 265 -34.71 -26.67 3.82
C ALA D 265 -35.66 -25.91 2.91
N PHE D 266 -35.14 -25.08 2.02
CA PHE D 266 -35.87 -24.29 1.02
C PHE D 266 -36.67 -23.14 1.62
N ASN D 267 -36.75 -23.03 2.94
CA ASN D 267 -37.47 -21.92 3.55
C ASN D 267 -36.69 -20.64 3.28
N VAL D 268 -37.21 -19.78 2.42
CA VAL D 268 -36.50 -18.55 2.11
C VAL D 268 -36.92 -17.40 3.01
N GLY D 269 -38.05 -17.51 3.70
CA GLY D 269 -38.34 -16.58 4.77
C GLY D 269 -37.26 -16.58 5.83
N LEU D 270 -36.90 -17.77 6.34
CA LEU D 270 -35.85 -17.86 7.33
C LEU D 270 -34.48 -17.55 6.74
N GLY D 271 -34.25 -17.94 5.49
CA GLY D 271 -32.98 -17.61 4.86
C GLY D 271 -32.76 -16.12 4.77
N SER D 272 -33.79 -15.37 4.37
CA SER D 272 -33.65 -13.93 4.28
C SER D 272 -33.67 -13.26 5.64
N ALA D 273 -34.35 -13.84 6.63
CA ALA D 273 -34.25 -13.32 7.99
C ALA D 273 -32.83 -13.44 8.52
N ILE D 274 -32.17 -14.57 8.25
CA ILE D 274 -30.78 -14.73 8.64
C ILE D 274 -29.89 -13.75 7.89
N SER D 275 -30.20 -13.53 6.61
CA SER D 275 -29.47 -12.52 5.83
C SER D 275 -29.56 -11.14 6.49
N VAL D 276 -30.77 -10.73 6.84
CA VAL D 276 -30.97 -9.42 7.47
C VAL D 276 -30.24 -9.34 8.80
N LEU D 277 -30.29 -10.40 9.60
CA LEU D 277 -29.64 -10.36 10.90
C LEU D 277 -28.12 -10.31 10.78
N ILE D 278 -27.55 -10.99 9.79
CA ILE D 278 -26.11 -10.88 9.55
C ILE D 278 -25.76 -9.46 9.12
N PHE D 279 -26.59 -8.87 8.26
CA PHE D 279 -26.33 -7.49 7.85
C PHE D 279 -26.37 -6.54 9.03
N LEU D 280 -27.30 -6.76 9.96
CA LEU D 280 -27.37 -5.89 11.14
C LEU D 280 -26.18 -6.09 12.05
N SER D 281 -25.70 -7.33 12.20
CA SER D 281 -24.50 -7.57 13.00
C SER D 281 -23.31 -6.83 12.41
N VAL D 282 -23.11 -6.93 11.09
CA VAL D 282 -22.00 -6.24 10.46
C VAL D 282 -22.17 -4.72 10.59
N ALA D 283 -23.40 -4.24 10.51
CA ALA D 283 -23.64 -2.81 10.65
C ALA D 283 -23.30 -2.32 12.04
N ILE D 284 -23.66 -3.09 13.06
CA ILE D 284 -23.32 -2.69 14.43
C ILE D 284 -21.81 -2.68 14.63
N ILE D 285 -21.11 -3.66 14.05
CA ILE D 285 -19.65 -3.68 14.18
C ILE D 285 -19.03 -2.46 13.51
N ALA D 286 -19.42 -2.19 12.26
CA ALA D 286 -18.84 -1.08 11.52
C ALA D 286 -19.36 0.27 11.99
N PHE D 287 -20.38 0.30 12.84
CA PHE D 287 -20.77 1.55 13.46
C PHE D 287 -20.01 1.79 14.76
N ILE D 288 -19.76 0.73 15.52
CA ILE D 288 -18.86 0.86 16.67
C ILE D 288 -17.50 1.37 16.21
N TYR D 289 -16.91 0.69 15.23
CA TYR D 289 -15.57 1.06 14.78
C TYR D 289 -15.49 2.47 14.20
N ILE D 290 -16.61 3.11 13.87
CA ILE D 290 -16.61 4.41 13.22
C ILE D 290 -17.03 5.53 14.17
N LYS D 291 -18.19 5.40 14.80
CA LYS D 291 -18.61 6.42 15.76
C LYS D 291 -17.71 6.40 16.98
N ILE D 292 -17.29 5.22 17.43
CA ILE D 292 -16.30 5.10 18.46
C ILE D 292 -14.98 4.76 17.78
N PHE D 293 -13.87 5.04 18.47
CA PHE D 293 -12.52 4.76 18.03
C PHE D 293 -12.11 5.56 16.80
N GLY D 294 -12.97 6.42 16.27
CA GLY D 294 -12.64 7.17 15.08
C GLY D 294 -12.68 6.33 13.82
N ALA D 295 -11.51 6.03 13.26
CA ALA D 295 -11.37 5.16 12.08
C ALA D 295 -12.08 5.75 10.87
N ALA D 296 -11.72 6.98 10.52
CA ALA D 296 -12.29 7.62 9.35
C ALA D 296 -11.74 6.97 8.09
N ALA D 297 -12.19 7.49 6.94
CA ALA D 297 -11.77 6.94 5.67
C ALA D 297 -10.28 7.20 5.43
N PRO D 298 -9.62 6.34 4.65
CA PRO D 298 -8.22 6.60 4.32
C PRO D 298 -8.02 7.79 3.40
N GLY D 299 -9.04 8.16 2.63
CA GLY D 299 -8.99 9.34 1.79
C GLY D 299 -9.33 10.63 2.50
N SER D 300 -9.40 10.63 3.82
CA SER D 300 -9.72 11.82 4.58
C SER D 300 -8.52 12.74 4.71
N ASP E 6 28.11 -5.34 9.54
CA ASP E 6 28.31 -6.16 10.72
C ASP E 6 27.86 -7.60 10.45
N ALA E 7 28.02 -8.46 11.44
CA ALA E 7 27.66 -9.87 11.30
C ALA E 7 26.49 -10.30 12.18
N ARG E 8 26.33 -9.70 13.35
CA ARG E 8 25.21 -10.07 14.22
C ARG E 8 23.88 -9.68 13.60
N ARG E 9 23.72 -8.42 13.24
CA ARG E 9 22.49 -7.97 12.61
C ARG E 9 22.26 -8.66 11.27
N ALA E 10 23.33 -8.92 10.52
CA ALA E 10 23.17 -9.60 9.24
C ALA E 10 22.70 -11.04 9.44
N THR E 11 23.24 -11.74 10.42
CA THR E 11 22.78 -13.09 10.71
C THR E 11 21.33 -13.08 11.17
N TRP E 12 20.96 -12.12 12.02
CA TRP E 12 19.59 -12.02 12.48
C TRP E 12 18.64 -11.77 11.31
N TRP E 13 19.04 -10.91 10.38
CA TRP E 13 18.16 -10.63 9.24
C TRP E 13 18.09 -11.82 8.29
N SER E 14 19.17 -12.58 8.14
CA SER E 14 19.12 -13.79 7.34
C SER E 14 18.13 -14.79 7.96
N VAL E 15 18.19 -14.95 9.27
CA VAL E 15 17.28 -15.86 9.96
C VAL E 15 15.84 -15.40 9.79
N VAL E 16 15.60 -14.09 9.92
CA VAL E 16 14.22 -13.59 9.80
C VAL E 16 13.70 -13.76 8.38
N ASN E 17 14.53 -13.48 7.38
CA ASN E 17 14.10 -13.66 5.99
C ASN E 17 13.78 -15.11 5.70
N ILE E 18 14.65 -16.04 6.12
CA ILE E 18 14.40 -17.45 5.89
C ILE E 18 13.12 -17.88 6.58
N LEU E 19 12.89 -17.39 7.80
CA LEU E 19 11.69 -17.78 8.54
C LEU E 19 10.43 -17.27 7.84
N VAL E 20 10.44 -16.02 7.36
CA VAL E 20 9.26 -15.51 6.67
C VAL E 20 9.01 -16.30 5.40
N ILE E 21 10.07 -16.64 4.66
CA ILE E 21 9.88 -17.36 3.42
C ILE E 21 9.31 -18.76 3.68
N VAL E 22 9.84 -19.46 4.68
CA VAL E 22 9.33 -20.79 4.99
C VAL E 22 7.88 -20.71 5.47
N TYR E 23 7.59 -19.78 6.37
CA TYR E 23 6.23 -19.57 6.84
C TYR E 23 5.26 -19.35 5.68
N ALA E 24 5.68 -18.60 4.68
CA ALA E 24 4.79 -18.24 3.60
C ALA E 24 4.78 -19.23 2.45
N LEU E 25 5.69 -20.20 2.42
CA LEU E 25 5.73 -21.17 1.34
C LEU E 25 5.46 -22.60 1.75
N ILE E 26 5.44 -22.92 3.04
CA ILE E 26 5.27 -24.32 3.45
C ILE E 26 3.88 -24.87 3.13
N PRO E 27 2.80 -24.10 3.06
CA PRO E 27 1.51 -24.69 2.70
C PRO E 27 1.19 -24.66 1.22
N VAL E 28 2.13 -24.27 0.36
CA VAL E 28 1.95 -24.29 -1.07
C VAL E 28 2.78 -25.45 -1.61
N LEU E 29 3.92 -25.72 -0.97
CA LEU E 29 4.76 -26.84 -1.32
C LEU E 29 4.33 -28.13 -0.62
N TRP E 30 3.20 -28.10 0.07
CA TRP E 30 2.55 -29.32 0.55
C TRP E 30 1.54 -29.82 -0.46
N ILE E 31 0.80 -28.90 -1.08
CA ILE E 31 -0.10 -29.28 -2.17
C ILE E 31 0.68 -29.93 -3.30
N LEU E 32 1.80 -29.33 -3.70
CA LEU E 32 2.58 -29.89 -4.80
C LEU E 32 3.17 -31.23 -4.43
N SER E 33 3.79 -31.31 -3.25
CA SER E 33 4.38 -32.56 -2.79
C SER E 33 3.34 -33.65 -2.57
N LEU E 34 2.07 -33.29 -2.40
CA LEU E 34 1.00 -34.27 -2.30
C LEU E 34 0.46 -34.66 -3.67
N SER E 35 0.45 -33.73 -4.62
CA SER E 35 0.00 -34.00 -5.97
C SER E 35 1.01 -34.78 -6.78
N LEU E 36 2.27 -34.83 -6.36
CA LEU E 36 3.27 -35.64 -7.05
C LEU E 36 3.51 -36.98 -6.39
N LYS E 37 2.86 -37.27 -5.26
CA LYS E 37 3.10 -38.53 -4.56
C LYS E 37 2.27 -39.65 -5.19
N PRO E 38 2.86 -40.80 -5.46
CA PRO E 38 2.12 -41.87 -6.15
C PRO E 38 1.08 -42.48 -5.24
N THR E 39 0.00 -42.99 -5.86
CA THR E 39 -1.16 -43.43 -5.11
C THR E 39 -0.86 -44.57 -4.16
N SER E 40 0.17 -45.36 -4.42
CA SER E 40 0.45 -46.51 -3.56
C SER E 40 1.05 -46.07 -2.22
N SER E 41 1.54 -44.83 -2.13
CA SER E 41 2.20 -44.37 -0.91
C SER E 41 1.87 -42.94 -0.53
N VAL E 42 0.66 -42.44 -0.85
CA VAL E 42 0.31 -41.10 -0.43
C VAL E 42 0.19 -41.03 1.08
N LYS E 43 -0.18 -42.13 1.73
CA LYS E 43 -0.38 -42.14 3.16
C LYS E 43 0.95 -42.23 3.90
N ASP E 44 1.88 -41.33 3.56
CA ASP E 44 3.13 -41.17 4.28
C ASP E 44 3.33 -39.68 4.51
N GLY E 45 3.57 -39.30 5.76
CA GLY E 45 3.67 -37.90 6.11
C GLY E 45 4.94 -37.23 5.59
N LYS E 46 5.64 -37.89 4.68
CA LYS E 46 6.89 -37.37 4.14
C LYS E 46 6.61 -36.12 3.32
N LEU E 47 7.03 -34.97 3.85
CA LEU E 47 6.86 -33.70 3.15
C LEU E 47 7.63 -33.64 1.83
N ILE E 48 8.54 -34.56 1.60
CA ILE E 48 9.34 -34.61 0.38
C ILE E 48 8.87 -35.82 -0.44
N PRO E 49 8.39 -35.62 -1.65
CA PRO E 49 7.73 -36.72 -2.37
C PRO E 49 8.69 -37.68 -3.06
N THR E 50 9.17 -38.69 -2.34
CA THR E 50 9.98 -39.71 -2.97
C THR E 50 9.18 -40.44 -4.05
N GLU E 51 9.85 -40.74 -5.16
CA GLU E 51 9.26 -41.48 -6.29
C GLU E 51 8.04 -40.75 -6.86
N ILE E 52 8.29 -39.57 -7.43
CA ILE E 52 7.22 -38.77 -8.01
C ILE E 52 6.67 -39.46 -9.25
N THR E 53 5.52 -38.99 -9.72
CA THR E 53 4.90 -39.46 -10.96
C THR E 53 3.85 -38.45 -11.38
N PHE E 54 3.64 -38.33 -12.68
CA PHE E 54 2.70 -37.35 -13.23
C PHE E 54 1.40 -38.00 -13.69
N ALA E 55 0.91 -39.02 -12.97
CA ALA E 55 -0.35 -39.66 -13.30
C ALA E 55 -1.53 -39.00 -12.59
N ASN E 56 -1.29 -37.91 -11.86
CA ASN E 56 -2.36 -37.14 -11.24
C ASN E 56 -2.66 -35.85 -12.01
N TYR E 57 -1.72 -35.37 -12.83
CA TYR E 57 -1.99 -34.29 -13.75
C TYR E 57 -2.36 -34.77 -15.14
N LYS E 58 -1.99 -36.01 -15.49
CA LYS E 58 -2.41 -36.60 -16.75
C LYS E 58 -3.87 -37.03 -16.75
N ALA E 59 -4.60 -36.78 -15.66
CA ALA E 59 -6.00 -37.17 -15.56
C ALA E 59 -6.90 -36.02 -15.12
N ILE E 60 -6.34 -34.82 -14.95
CA ILE E 60 -7.16 -33.65 -14.65
C ILE E 60 -7.62 -32.94 -15.92
N PHE E 61 -6.83 -32.99 -16.99
CA PHE E 61 -7.18 -32.32 -18.23
C PHE E 61 -7.90 -33.23 -19.22
N SER E 62 -7.97 -34.53 -18.96
CA SER E 62 -8.69 -35.46 -19.81
C SER E 62 -10.17 -35.29 -19.55
N GLY E 63 -10.77 -34.29 -20.20
CA GLY E 63 -12.17 -33.94 -19.97
C GLY E 63 -12.21 -32.48 -19.52
N ASP E 64 -12.92 -31.67 -20.30
CA ASP E 64 -12.93 -30.22 -20.10
C ASP E 64 -13.78 -29.88 -18.89
N ALA E 65 -13.30 -30.27 -17.71
CA ALA E 65 -13.95 -29.88 -16.46
C ALA E 65 -13.14 -28.91 -15.63
N PHE E 66 -11.82 -28.90 -15.76
CA PHE E 66 -10.98 -27.93 -15.09
C PHE E 66 -10.44 -26.88 -16.04
N THR E 67 -10.62 -27.04 -17.35
CA THR E 67 -10.23 -26.01 -18.30
C THR E 67 -11.38 -25.06 -18.60
N SER E 68 -12.59 -25.59 -18.78
CA SER E 68 -13.74 -24.72 -18.99
C SER E 68 -14.01 -23.85 -17.77
N ALA E 69 -13.75 -24.37 -16.57
CA ALA E 69 -13.91 -23.54 -15.38
C ALA E 69 -12.86 -22.44 -15.34
N LEU E 70 -11.63 -22.73 -15.75
CA LEU E 70 -10.62 -21.69 -15.84
C LEU E 70 -11.03 -20.63 -16.85
N PHE E 71 -11.56 -21.04 -17.99
CA PHE E 71 -12.01 -20.09 -19.00
C PHE E 71 -13.15 -19.23 -18.48
N ASN E 72 -14.11 -19.83 -17.77
CA ASN E 72 -15.22 -19.04 -17.24
C ASN E 72 -14.75 -18.06 -16.18
N SER E 73 -13.87 -18.49 -15.29
CA SER E 73 -13.36 -17.58 -14.27
C SER E 73 -12.59 -16.43 -14.90
N ILE E 74 -11.79 -16.72 -15.94
CA ILE E 74 -11.01 -15.67 -16.58
C ILE E 74 -11.92 -14.69 -17.32
N GLY E 75 -12.93 -15.21 -18.03
CA GLY E 75 -13.83 -14.32 -18.74
C GLY E 75 -14.64 -13.44 -17.80
N ILE E 76 -15.18 -14.03 -16.73
CA ILE E 76 -15.92 -13.25 -15.75
C ILE E 76 -15.02 -12.20 -15.12
N GLY E 77 -13.81 -12.59 -14.73
CA GLY E 77 -12.89 -11.64 -14.16
C GLY E 77 -12.57 -10.48 -15.09
N LEU E 78 -12.30 -10.79 -16.36
CA LEU E 78 -11.96 -9.73 -17.31
C LEU E 78 -13.13 -8.78 -17.54
N ILE E 79 -14.34 -9.32 -17.69
CA ILE E 79 -15.48 -8.44 -17.97
C ILE E 79 -15.80 -7.58 -16.77
N THR E 80 -15.81 -8.16 -15.56
CA THR E 80 -16.09 -7.33 -14.39
C THR E 80 -14.95 -6.35 -14.13
N THR E 81 -13.73 -6.70 -14.49
CA THR E 81 -12.61 -5.78 -14.36
C THR E 81 -12.77 -4.60 -15.29
N ILE E 82 -13.12 -4.85 -16.54
CA ILE E 82 -13.31 -3.76 -17.50
C ILE E 82 -14.42 -2.83 -17.03
N ILE E 83 -15.56 -3.40 -16.64
CA ILE E 83 -16.68 -2.54 -16.25
C ILE E 83 -16.36 -1.77 -14.97
N ALA E 84 -15.79 -2.44 -13.97
CA ALA E 84 -15.46 -1.77 -12.72
C ALA E 84 -14.42 -0.69 -12.93
N VAL E 85 -13.40 -0.97 -13.74
CA VAL E 85 -12.36 0.03 -14.00
C VAL E 85 -12.97 1.24 -14.69
N VAL E 86 -13.80 1.03 -15.70
CA VAL E 86 -14.39 2.16 -16.42
C VAL E 86 -15.21 3.02 -15.47
N ILE E 87 -16.15 2.41 -14.75
CA ILE E 87 -17.08 3.21 -13.95
C ILE E 87 -16.37 3.80 -12.73
N GLY E 88 -15.54 3.01 -12.05
CA GLY E 88 -14.77 3.52 -10.94
C GLY E 88 -13.76 4.58 -11.31
N GLY E 89 -13.28 4.58 -12.55
CA GLY E 89 -12.39 5.65 -12.98
C GLY E 89 -13.18 6.90 -13.23
N MET E 90 -14.32 6.76 -13.91
CA MET E 90 -15.20 7.90 -14.12
C MET E 90 -15.63 8.53 -12.79
N ALA E 91 -15.73 7.72 -11.74
CA ALA E 91 -16.16 8.23 -10.44
C ALA E 91 -15.00 8.56 -9.50
N ALA E 92 -13.78 8.12 -9.79
CA ALA E 92 -12.62 8.43 -8.98
C ALA E 92 -11.80 9.57 -9.54
N TYR E 93 -12.05 9.98 -10.78
CA TYR E 93 -11.51 11.24 -11.25
C TYR E 93 -12.29 12.41 -10.67
N ALA E 94 -13.54 12.19 -10.27
CA ALA E 94 -14.34 13.24 -9.68
C ALA E 94 -14.14 13.38 -8.17
N VAL E 95 -13.43 12.45 -7.54
CA VAL E 95 -13.11 12.56 -6.13
C VAL E 95 -11.60 12.72 -5.92
N ALA E 96 -10.86 13.00 -6.98
CA ALA E 96 -9.45 13.30 -6.90
C ALA E 96 -9.08 14.62 -7.54
N ARG E 97 -9.99 15.23 -8.30
CA ARG E 97 -9.75 16.53 -8.92
C ARG E 97 -10.85 17.54 -8.66
N LEU E 98 -12.09 17.12 -8.52
CA LEU E 98 -13.23 18.01 -8.37
C LEU E 98 -13.58 18.19 -6.90
N GLN E 99 -14.22 19.32 -6.60
CA GLN E 99 -14.59 19.68 -5.23
C GLN E 99 -16.10 19.85 -5.15
N PHE E 100 -16.80 18.76 -4.92
CA PHE E 100 -18.25 18.76 -4.77
C PHE E 100 -18.63 18.39 -3.35
N PRO E 101 -19.82 18.79 -2.88
CA PRO E 101 -20.17 18.53 -1.48
C PRO E 101 -20.47 17.06 -1.24
N GLY E 102 -19.88 16.53 -0.18
CA GLY E 102 -20.07 15.13 0.17
C GLY E 102 -19.22 14.19 -0.64
N LYS E 103 -17.90 14.36 -0.58
CA LYS E 103 -16.96 13.45 -1.25
C LYS E 103 -16.12 12.65 -0.28
N GLN E 104 -15.97 13.10 0.96
CA GLN E 104 -15.38 12.27 1.99
C GLN E 104 -16.36 11.23 2.53
N LEU E 105 -17.62 11.30 2.11
CA LEU E 105 -18.62 10.31 2.45
C LEU E 105 -18.76 9.24 1.39
N LEU E 106 -18.56 9.58 0.12
CA LEU E 106 -18.68 8.59 -0.95
C LEU E 106 -17.59 7.54 -0.85
N ILE E 107 -16.36 7.96 -0.60
CA ILE E 107 -15.27 7.00 -0.46
C ILE E 107 -15.50 6.10 0.73
N GLY E 108 -15.99 6.67 1.84
CA GLY E 108 -16.29 5.86 3.02
C GLY E 108 -17.38 4.84 2.75
N VAL E 109 -18.46 5.27 2.10
CA VAL E 109 -19.56 4.35 1.82
C VAL E 109 -19.13 3.26 0.86
N ALA E 110 -18.35 3.62 -0.16
CA ALA E 110 -17.84 2.61 -1.08
C ALA E 110 -16.98 1.58 -0.35
N LEU E 111 -15.96 2.05 0.38
CA LEU E 111 -15.10 1.12 1.09
C LEU E 111 -15.83 0.34 2.17
N LEU E 112 -16.96 0.85 2.65
CA LEU E 112 -17.74 0.10 3.64
C LEU E 112 -18.52 -1.02 2.97
N ILE E 113 -19.17 -0.73 1.85
CA ILE E 113 -19.99 -1.74 1.19
C ILE E 113 -19.11 -2.60 0.29
N ALA E 114 -17.80 -2.38 0.34
CA ALA E 114 -16.89 -3.38 -0.18
C ALA E 114 -16.70 -4.54 0.79
N MET E 115 -17.09 -4.36 2.05
CA MET E 115 -17.06 -5.40 3.07
C MET E 115 -18.44 -5.98 3.33
N PHE E 116 -19.38 -5.76 2.42
CA PHE E 116 -20.68 -6.39 2.49
C PHE E 116 -20.50 -7.91 2.60
N PRO E 117 -21.29 -8.59 3.43
CA PRO E 117 -21.19 -10.05 3.50
C PRO E 117 -21.98 -10.72 2.39
N HIS E 118 -21.37 -11.75 1.80
CA HIS E 118 -21.96 -12.38 0.62
C HIS E 118 -23.29 -13.06 0.95
N ILE E 119 -23.40 -13.65 2.14
CA ILE E 119 -24.59 -14.42 2.47
C ILE E 119 -25.84 -13.55 2.43
N SER E 120 -25.79 -12.38 3.05
CA SER E 120 -26.94 -11.49 3.05
C SER E 120 -27.34 -11.06 1.65
N LEU E 121 -26.49 -11.32 0.65
CA LEU E 121 -26.77 -10.97 -0.73
C LEU E 121 -27.31 -12.14 -1.54
N VAL E 122 -27.14 -13.37 -1.07
CA VAL E 122 -27.43 -14.53 -1.91
C VAL E 122 -28.85 -15.05 -1.72
N THR E 123 -29.52 -14.68 -0.64
CA THR E 123 -30.90 -15.09 -0.43
C THR E 123 -31.88 -14.26 -1.26
N PRO E 124 -31.73 -12.94 -1.33
CA PRO E 124 -32.61 -12.19 -2.25
C PRO E 124 -32.24 -12.38 -3.71
N ILE E 125 -30.95 -12.34 -4.04
CA ILE E 125 -30.52 -12.44 -5.43
C ILE E 125 -31.05 -13.72 -6.06
N PHE E 126 -30.89 -14.86 -5.37
CA PHE E 126 -31.35 -16.12 -5.92
C PHE E 126 -32.84 -16.13 -6.24
N ASN E 127 -33.60 -15.15 -5.75
CA ASN E 127 -35.02 -15.06 -6.04
C ASN E 127 -35.38 -13.94 -7.00
N MET E 128 -34.46 -13.03 -7.29
CA MET E 128 -34.84 -11.78 -7.94
C MET E 128 -35.20 -12.01 -9.40
N TRP E 129 -35.35 -10.90 -10.12
CA TRP E 129 -35.36 -10.93 -11.58
C TRP E 129 -34.04 -11.52 -12.09
N ARG E 130 -32.97 -11.34 -11.32
CA ARG E 130 -31.70 -12.00 -11.56
C ARG E 130 -31.74 -13.47 -11.09
N GLY E 131 -32.94 -14.01 -10.90
CA GLY E 131 -33.18 -15.43 -10.80
C GLY E 131 -34.41 -15.84 -11.58
N ILE E 132 -34.76 -15.07 -12.63
CA ILE E 132 -35.99 -15.34 -13.38
C ILE E 132 -35.65 -15.65 -14.85
N GLY E 133 -34.48 -16.24 -15.08
CA GLY E 133 -34.02 -16.48 -16.42
C GLY E 133 -32.59 -16.03 -16.56
N LEU E 134 -31.93 -15.94 -15.41
CA LEU E 134 -30.55 -15.48 -15.31
C LEU E 134 -29.75 -16.36 -14.35
N PHE E 135 -30.21 -17.59 -14.13
CA PHE E 135 -29.73 -18.40 -13.01
C PHE E 135 -28.24 -18.66 -13.09
N ASP E 136 -27.79 -19.41 -14.10
CA ASP E 136 -26.37 -19.65 -14.28
C ASP E 136 -25.97 -19.18 -15.68
N THR E 137 -25.75 -17.88 -15.80
CA THR E 137 -25.20 -17.32 -17.02
C THR E 137 -24.05 -16.43 -16.63
N TRP E 138 -23.47 -15.71 -17.59
CA TRP E 138 -22.39 -14.82 -17.20
C TRP E 138 -22.89 -13.53 -16.57
N PRO E 139 -23.94 -12.87 -17.11
CA PRO E 139 -24.43 -11.65 -16.43
C PRO E 139 -24.81 -11.87 -14.98
N GLY E 140 -25.45 -12.99 -14.68
CA GLY E 140 -25.88 -13.27 -13.33
C GLY E 140 -24.75 -13.28 -12.32
N LEU E 141 -23.51 -13.50 -12.78
CA LEU E 141 -22.35 -13.43 -11.91
C LEU E 141 -21.56 -12.15 -12.08
N ILE E 142 -21.60 -11.54 -13.26
CA ILE E 142 -20.92 -10.26 -13.46
C ILE E 142 -21.55 -9.19 -12.60
N ILE E 143 -22.86 -9.26 -12.35
CA ILE E 143 -23.54 -8.22 -11.60
C ILE E 143 -23.03 -8.15 -10.15
N PRO E 144 -23.11 -9.23 -9.35
CA PRO E 144 -22.62 -9.12 -7.96
C PRO E 144 -21.11 -8.95 -7.87
N TYR E 145 -20.35 -9.53 -8.80
CA TYR E 145 -18.91 -9.28 -8.80
C TYR E 145 -18.62 -7.81 -9.01
N ILE E 146 -19.42 -7.14 -9.85
CA ILE E 146 -19.28 -5.70 -10.00
C ILE E 146 -19.62 -5.00 -8.70
N THR E 147 -20.70 -5.44 -8.03
CA THR E 147 -21.04 -4.92 -6.71
C THR E 147 -19.83 -4.89 -5.79
N PHE E 148 -19.11 -6.01 -5.72
CA PHE E 148 -17.98 -6.11 -4.81
C PHE E 148 -16.68 -5.54 -5.37
N ALA E 149 -16.63 -5.24 -6.67
CA ALA E 149 -15.38 -4.81 -7.29
C ALA E 149 -15.30 -3.30 -7.53
N LEU E 150 -16.44 -2.61 -7.64
CA LEU E 150 -16.38 -1.16 -7.83
C LEU E 150 -15.59 -0.46 -6.72
N PRO E 151 -15.91 -0.64 -5.44
CA PRO E 151 -15.21 0.13 -4.40
C PRO E 151 -13.70 -0.05 -4.40
N LEU E 152 -13.20 -1.25 -4.71
CA LEU E 152 -11.76 -1.42 -4.83
C LEU E 152 -11.20 -0.56 -5.97
N ALA E 153 -11.91 -0.52 -7.10
CA ALA E 153 -11.47 0.32 -8.21
C ALA E 153 -11.47 1.80 -7.82
N ILE E 154 -12.54 2.25 -7.15
CA ILE E 154 -12.62 3.64 -6.73
C ILE E 154 -11.45 3.98 -5.81
N TYR E 155 -11.21 3.14 -4.81
CA TYR E 155 -10.16 3.40 -3.83
C TYR E 155 -8.79 3.42 -4.48
N THR E 156 -8.46 2.38 -5.25
CA THR E 156 -7.14 2.30 -5.86
C THR E 156 -6.92 3.41 -6.89
N LEU E 157 -7.93 3.72 -7.71
CA LEU E 157 -7.76 4.74 -8.72
C LEU E 157 -7.71 6.13 -8.11
N SER E 158 -8.41 6.36 -7.01
CA SER E 158 -8.26 7.63 -6.30
C SER E 158 -6.87 7.77 -5.73
N ALA E 159 -6.30 6.66 -5.24
CA ALA E 159 -4.91 6.71 -4.79
C ALA E 159 -3.96 6.99 -5.96
N PHE E 160 -4.29 6.45 -7.14
CA PHE E 160 -3.43 6.61 -8.31
C PHE E 160 -3.63 7.92 -9.05
N PHE E 161 -4.67 8.68 -8.71
CA PHE E 161 -4.94 9.96 -9.36
C PHE E 161 -4.47 11.15 -8.56
N ARG E 162 -4.62 11.11 -7.23
CA ARG E 162 -4.25 12.25 -6.40
C ARG E 162 -2.78 12.61 -6.56
N GLU E 163 -1.94 11.66 -6.96
CA GLU E 163 -0.50 11.89 -6.97
C GLU E 163 0.02 12.50 -8.27
N ILE E 164 -0.69 12.32 -9.38
CA ILE E 164 -0.18 12.88 -10.64
C ILE E 164 -0.30 14.41 -10.59
N PRO E 165 0.70 15.14 -11.08
CA PRO E 165 0.66 16.61 -10.98
C PRO E 165 -0.13 17.22 -12.11
N TRP E 166 -1.24 17.86 -11.78
CA TRP E 166 -2.07 18.49 -12.79
C TRP E 166 -1.56 19.87 -13.22
N ASP E 167 -0.51 20.38 -12.58
CA ASP E 167 0.16 21.56 -13.11
C ASP E 167 0.84 21.27 -14.43
N LEU E 168 1.17 20.00 -14.70
CA LEU E 168 1.67 19.62 -16.01
C LEU E 168 0.65 19.93 -17.09
N GLU E 169 -0.64 19.89 -16.77
CA GLU E 169 -1.66 20.27 -17.74
C GLU E 169 -1.54 21.75 -18.10
N LYS E 170 -1.28 22.59 -17.09
CA LYS E 170 -1.04 24.01 -17.35
C LYS E 170 0.22 24.20 -18.19
N ALA E 171 1.30 23.51 -17.83
CA ALA E 171 2.52 23.57 -18.63
C ALA E 171 2.24 23.21 -20.08
N ALA E 172 1.40 22.20 -20.30
CA ALA E 172 1.05 21.81 -21.66
C ALA E 172 0.25 22.91 -22.36
N LYS E 173 -0.76 23.44 -21.67
CA LYS E 173 -1.59 24.49 -22.27
C LYS E 173 -0.81 25.76 -22.51
N MET E 174 0.42 25.87 -21.99
CA MET E 174 1.29 26.94 -22.44
C MET E 174 1.76 26.78 -23.87
N ASP E 175 1.49 25.64 -24.51
CA ASP E 175 1.91 25.37 -25.89
C ASP E 175 0.67 24.92 -26.66
N GLY E 176 0.02 25.86 -27.34
CA GLY E 176 -1.16 25.57 -28.13
C GLY E 176 -2.46 25.68 -27.37
N ALA E 177 -2.45 25.30 -26.09
CA ALA E 177 -3.56 25.39 -25.15
C ALA E 177 -4.72 24.48 -25.51
N THR E 178 -4.62 23.67 -26.55
CA THR E 178 -5.69 22.77 -26.94
C THR E 178 -5.94 21.75 -25.83
N PRO E 179 -7.08 21.82 -25.14
CA PRO E 179 -7.27 20.93 -23.98
C PRO E 179 -7.39 19.46 -24.35
N ALA E 180 -7.95 19.15 -25.51
CA ALA E 180 -8.08 17.75 -25.90
C ALA E 180 -6.72 17.13 -26.16
N GLN E 181 -5.90 17.78 -26.99
CA GLN E 181 -4.58 17.23 -27.31
C GLN E 181 -3.69 17.19 -26.08
N ALA E 182 -3.83 18.18 -25.20
CA ALA E 182 -3.05 18.18 -23.97
C ALA E 182 -3.46 17.03 -23.05
N PHE E 183 -4.76 16.89 -22.79
CA PHE E 183 -5.24 15.81 -21.93
C PHE E 183 -4.99 14.45 -22.55
N ARG E 184 -4.79 14.38 -23.86
CA ARG E 184 -4.50 13.11 -24.51
C ARG E 184 -3.01 12.77 -24.56
N LYS E 185 -2.13 13.76 -24.63
CA LYS E 185 -0.71 13.49 -24.79
C LYS E 185 0.13 13.79 -23.55
N VAL E 186 -0.45 14.35 -22.50
CA VAL E 186 0.34 14.68 -21.32
C VAL E 186 -0.24 14.02 -20.07
N ILE E 187 -1.54 13.74 -20.09
CA ILE E 187 -2.22 13.27 -18.90
C ILE E 187 -2.53 11.78 -19.03
N ALA E 188 -2.84 11.34 -20.25
CA ALA E 188 -3.14 9.92 -20.46
C ALA E 188 -1.93 9.03 -20.23
N PRO E 189 -0.76 9.27 -20.83
CA PRO E 189 0.38 8.39 -20.58
C PRO E 189 0.90 8.46 -19.15
N LEU E 190 0.48 9.46 -18.37
CA LEU E 190 0.82 9.51 -16.96
C LEU E 190 -0.10 8.62 -16.14
N ALA E 191 -1.40 8.66 -16.43
CA ALA E 191 -2.37 7.92 -15.63
C ALA E 191 -2.41 6.44 -15.99
N ALA E 192 -2.19 6.10 -17.27
CA ALA E 192 -2.35 4.73 -17.76
C ALA E 192 -1.79 3.64 -16.86
N PRO E 193 -0.55 3.73 -16.34
CA PRO E 193 -0.06 2.64 -15.49
C PRO E 193 -0.84 2.48 -14.19
N GLY E 194 -1.31 3.59 -13.61
CA GLY E 194 -2.17 3.46 -12.44
C GLY E 194 -3.46 2.74 -12.77
N ILE E 195 -4.03 3.00 -13.94
CA ILE E 195 -5.24 2.30 -14.36
C ILE E 195 -4.96 0.82 -14.54
N VAL E 196 -3.81 0.48 -15.12
CA VAL E 196 -3.51 -0.93 -15.36
C VAL E 196 -3.27 -1.66 -14.04
N THR E 197 -2.62 -1.00 -13.08
CA THR E 197 -2.43 -1.62 -11.78
C THR E 197 -3.76 -1.80 -11.05
N ALA E 198 -4.65 -0.80 -11.14
CA ALA E 198 -5.97 -0.94 -10.53
C ALA E 198 -6.75 -2.09 -11.16
N ALA E 199 -6.63 -2.25 -12.48
CA ALA E 199 -7.31 -3.35 -13.15
C ALA E 199 -6.75 -4.69 -12.71
N ILE E 200 -5.41 -4.78 -12.57
CA ILE E 200 -4.80 -6.01 -12.07
C ILE E 200 -5.36 -6.34 -10.69
N LEU E 201 -5.43 -5.36 -9.80
CA LEU E 201 -5.90 -5.61 -8.45
C LEU E 201 -7.37 -6.02 -8.43
N VAL E 202 -8.19 -5.37 -9.25
CA VAL E 202 -9.62 -5.74 -9.30
C VAL E 202 -9.78 -7.16 -9.83
N PHE E 203 -9.00 -7.51 -10.86
CA PHE E 203 -9.10 -8.86 -11.41
C PHE E 203 -8.65 -9.91 -10.42
N ILE E 204 -7.63 -9.60 -9.61
CA ILE E 204 -7.20 -10.56 -8.59
C ILE E 204 -8.24 -10.68 -7.50
N PHE E 205 -8.86 -9.57 -7.09
CA PHE E 205 -9.83 -9.62 -6.01
C PHE E 205 -11.14 -10.26 -6.43
N ALA E 206 -11.47 -10.20 -7.72
CA ALA E 206 -12.70 -10.79 -8.24
C ALA E 206 -12.45 -12.14 -8.88
N TRP E 207 -11.54 -12.92 -8.30
CA TRP E 207 -11.16 -14.21 -8.86
C TRP E 207 -11.27 -15.35 -7.86
N ASN E 208 -11.48 -15.07 -6.58
CA ASN E 208 -11.43 -16.09 -5.54
C ASN E 208 -12.72 -16.21 -4.73
N ASP E 209 -13.80 -15.58 -5.16
CA ASP E 209 -15.05 -15.65 -4.43
C ASP E 209 -15.74 -16.99 -4.66
N LEU E 210 -16.22 -17.61 -3.59
CA LEU E 210 -16.81 -18.95 -3.65
C LEU E 210 -18.31 -18.98 -3.43
N LEU E 211 -18.85 -18.18 -2.51
CA LEU E 211 -20.25 -18.35 -2.13
C LEU E 211 -21.19 -17.99 -3.27
N LEU E 212 -20.98 -16.85 -3.91
CA LEU E 212 -21.88 -16.43 -4.98
C LEU E 212 -21.78 -17.36 -6.18
N ALA E 213 -20.56 -17.69 -6.60
CA ALA E 213 -20.37 -18.60 -7.71
C ALA E 213 -20.77 -20.03 -7.36
N LEU E 214 -20.96 -20.34 -6.08
CA LEU E 214 -21.39 -21.66 -5.66
C LEU E 214 -22.90 -21.75 -5.55
N SER E 215 -23.57 -20.63 -5.32
CA SER E 215 -25.02 -20.63 -5.22
C SER E 215 -25.74 -20.21 -6.50
N LEU E 216 -25.06 -19.55 -7.44
CA LEU E 216 -25.71 -19.08 -8.66
C LEU E 216 -25.10 -19.68 -9.92
N THR E 217 -24.53 -20.88 -9.80
CA THR E 217 -23.90 -21.53 -10.98
C THR E 217 -24.22 -23.04 -10.99
N ALA E 218 -24.80 -23.53 -12.09
CA ALA E 218 -25.13 -24.94 -12.18
C ALA E 218 -24.42 -25.68 -13.31
N THR E 219 -24.46 -25.17 -14.54
CA THR E 219 -24.10 -25.96 -15.70
C THR E 219 -22.58 -25.88 -15.94
N GLN E 220 -22.13 -26.42 -17.06
CA GLN E 220 -20.72 -26.30 -17.44
C GLN E 220 -20.37 -24.87 -17.84
N ARG E 221 -21.33 -24.15 -18.39
CA ARG E 221 -21.15 -22.72 -18.63
C ARG E 221 -21.36 -21.94 -17.33
N ALA E 222 -20.56 -20.91 -17.16
CA ALA E 222 -20.64 -20.05 -15.98
C ALA E 222 -20.50 -20.87 -14.70
N ILE E 223 -19.34 -21.50 -14.54
CA ILE E 223 -18.98 -22.14 -13.28
C ILE E 223 -17.50 -21.90 -13.03
N THR E 224 -17.20 -21.02 -12.09
CA THR E 224 -15.84 -20.53 -11.91
C THR E 224 -14.94 -21.64 -11.38
N ALA E 225 -13.65 -21.30 -11.21
CA ALA E 225 -12.68 -22.31 -10.77
C ALA E 225 -12.83 -22.67 -9.30
N PRO E 226 -12.94 -21.72 -8.36
CA PRO E 226 -13.15 -22.10 -6.96
C PRO E 226 -14.32 -23.05 -6.76
N VAL E 227 -15.37 -22.94 -7.56
CA VAL E 227 -16.49 -23.86 -7.43
C VAL E 227 -16.18 -25.19 -8.10
N ALA E 228 -15.39 -25.18 -9.17
CA ALA E 228 -15.05 -26.44 -9.82
C ALA E 228 -14.14 -27.29 -8.96
N ILE E 229 -13.30 -26.67 -8.14
CA ILE E 229 -12.45 -27.45 -7.25
C ILE E 229 -13.17 -27.79 -5.95
N ALA E 230 -14.02 -26.90 -5.45
CA ALA E 230 -14.79 -27.22 -4.25
C ALA E 230 -15.71 -28.42 -4.46
N ASN E 231 -16.14 -28.63 -5.70
CA ASN E 231 -16.98 -29.77 -6.05
C ASN E 231 -16.19 -30.94 -6.60
N PHE E 232 -14.86 -30.83 -6.67
CA PHE E 232 -14.06 -31.90 -7.23
C PHE E 232 -14.00 -33.07 -6.25
N THR E 233 -14.12 -34.27 -6.80
CA THR E 233 -14.15 -35.50 -6.01
C THR E 233 -12.97 -36.42 -6.25
N GLY E 234 -12.41 -36.43 -7.43
CA GLY E 234 -11.30 -37.31 -7.77
C GLY E 234 -11.42 -37.75 -9.22
N SER E 235 -10.27 -38.14 -9.78
CA SER E 235 -10.24 -38.55 -11.18
C SER E 235 -10.94 -39.90 -11.37
N SER E 236 -10.45 -40.94 -10.74
CA SER E 236 -11.10 -42.24 -10.78
C SER E 236 -12.06 -42.36 -9.61
N GLN E 237 -13.02 -43.29 -9.74
CA GLN E 237 -14.10 -43.40 -8.78
C GLN E 237 -13.87 -44.46 -7.71
N PHE E 238 -12.83 -45.29 -7.85
CA PHE E 238 -12.57 -46.35 -6.88
C PHE E 238 -11.16 -46.28 -6.32
N GLU E 239 -10.52 -45.12 -6.35
CA GLU E 239 -9.19 -44.93 -5.82
C GLU E 239 -9.16 -43.69 -4.94
N GLU E 240 -8.18 -43.65 -4.05
CA GLU E 240 -8.15 -42.60 -3.03
C GLU E 240 -7.97 -41.23 -3.68
N PRO E 241 -8.74 -40.22 -3.29
CA PRO E 241 -8.78 -38.95 -4.02
C PRO E 241 -7.84 -37.86 -3.52
N THR E 242 -6.94 -38.13 -2.57
CA THR E 242 -6.11 -37.07 -2.03
C THR E 242 -5.17 -36.50 -3.08
N GLY E 243 -4.45 -37.37 -3.77
CA GLY E 243 -3.55 -36.91 -4.82
C GLY E 243 -4.28 -36.16 -5.92
N SER E 244 -5.46 -36.65 -6.31
CA SER E 244 -6.20 -36.03 -7.39
C SER E 244 -6.74 -34.66 -6.98
N ILE E 245 -7.19 -34.53 -5.74
CA ILE E 245 -7.69 -33.24 -5.27
C ILE E 245 -6.54 -32.25 -5.12
N ALA E 246 -5.39 -32.71 -4.66
CA ALA E 246 -4.23 -31.82 -4.60
C ALA E 246 -3.77 -31.41 -6.00
N ALA E 247 -3.86 -32.33 -6.96
CA ALA E 247 -3.53 -31.99 -8.34
C ALA E 247 -4.48 -30.93 -8.89
N GLY E 248 -5.78 -31.07 -8.62
CA GLY E 248 -6.73 -30.06 -9.07
C GLY E 248 -6.48 -28.71 -8.42
N ALA E 249 -6.19 -28.70 -7.12
CA ALA E 249 -5.90 -27.45 -6.43
C ALA E 249 -4.66 -26.78 -7.01
N MET E 250 -3.62 -27.57 -7.31
CA MET E 250 -2.41 -26.99 -7.89
C MET E 250 -2.67 -26.48 -9.30
N VAL E 251 -3.50 -27.18 -10.08
CA VAL E 251 -3.83 -26.70 -11.41
C VAL E 251 -4.56 -25.36 -11.33
N ILE E 252 -5.48 -25.21 -10.38
CA ILE E 252 -6.24 -23.96 -10.31
C ILE E 252 -5.41 -22.82 -9.72
N THR E 253 -4.50 -23.13 -8.80
CA THR E 253 -3.78 -22.08 -8.09
C THR E 253 -2.78 -21.35 -8.99
N ILE E 254 -2.02 -22.11 -9.79
CA ILE E 254 -0.90 -21.53 -10.53
C ILE E 254 -1.28 -20.33 -11.39
N PRO E 255 -2.35 -20.38 -12.22
CA PRO E 255 -2.61 -19.25 -13.13
C PRO E 255 -2.80 -17.90 -12.46
N ILE E 256 -2.86 -17.85 -11.13
CA ILE E 256 -2.88 -16.58 -10.43
C ILE E 256 -1.61 -16.35 -9.60
N ILE E 257 -0.94 -17.42 -9.18
CA ILE E 257 0.36 -17.27 -8.55
C ILE E 257 1.35 -16.66 -9.54
N ILE E 258 1.35 -17.13 -10.79
CA ILE E 258 2.22 -16.55 -11.79
C ILE E 258 1.89 -15.07 -11.98
N PHE E 259 0.60 -14.74 -11.99
CA PHE E 259 0.17 -13.35 -12.10
C PHE E 259 0.78 -12.48 -11.01
N VAL E 260 0.55 -12.86 -9.75
CA VAL E 260 1.02 -12.06 -8.63
C VAL E 260 2.55 -12.00 -8.61
N LEU E 261 3.21 -13.08 -9.05
CA LEU E 261 4.67 -13.05 -9.07
C LEU E 261 5.21 -12.10 -10.12
N ILE E 262 4.58 -12.09 -11.30
CA ILE E 262 5.06 -11.20 -12.37
C ILE E 262 4.81 -9.75 -12.00
N PHE E 263 3.62 -9.44 -11.50
CA PHE E 263 3.22 -8.06 -11.28
C PHE E 263 3.37 -7.62 -9.82
N GLN E 264 4.41 -8.10 -9.13
CA GLN E 264 4.51 -7.82 -7.69
C GLN E 264 4.86 -6.36 -7.42
N ARG E 265 5.77 -5.79 -8.21
CA ARG E 265 6.16 -4.39 -7.98
C ARG E 265 4.99 -3.45 -8.15
N ARG E 266 4.06 -3.76 -9.06
CA ARG E 266 2.87 -2.94 -9.23
C ARG E 266 1.89 -3.16 -8.08
N ILE E 267 1.67 -4.41 -7.70
CA ILE E 267 0.66 -4.73 -6.69
C ILE E 267 1.03 -4.12 -5.34
N VAL E 268 2.30 -4.27 -4.93
CA VAL E 268 2.71 -3.76 -3.62
C VAL E 268 2.52 -2.25 -3.56
N ALA E 269 2.86 -1.54 -4.64
CA ALA E 269 2.73 -0.09 -4.67
C ALA E 269 1.29 0.36 -4.84
N GLY E 270 0.44 -0.46 -5.42
CA GLY E 270 -0.95 -0.09 -5.60
C GLY E 270 -1.78 -0.31 -4.37
N LEU E 271 -1.51 -1.39 -3.64
CA LEU E 271 -2.26 -1.66 -2.41
C LEU E 271 -1.92 -0.65 -1.33
N THR E 272 -0.68 -0.18 -1.29
CA THR E 272 -0.20 0.74 -0.27
C THR E 272 -0.46 2.20 -0.61
N SER E 273 -1.37 2.48 -1.54
CA SER E 273 -1.66 3.84 -1.98
C SER E 273 -0.40 4.57 -2.44
N GLY E 274 0.53 3.86 -3.05
CA GLY E 274 1.75 4.45 -3.53
C GLY E 274 2.75 4.84 -2.47
N ALA E 275 2.52 4.46 -1.21
CA ALA E 275 3.46 4.80 -0.14
C ALA E 275 4.82 4.18 -0.40
N VAL E 276 4.88 2.85 -0.42
CA VAL E 276 6.14 2.17 -0.71
C VAL E 276 6.37 2.14 -2.22
N LYS E 277 7.63 2.05 -2.62
CA LYS E 277 7.98 2.04 -4.03
C LYS E 277 9.08 1.02 -4.32
C1 GLC F . -26.32 -44.89 -0.23
C2 GLC F . -27.69 -45.50 -0.39
C3 GLC F . -28.72 -44.51 -0.03
C4 GLC F . -28.52 -44.12 1.40
C5 GLC F . -27.26 -43.31 1.51
C6 GLC F . -26.53 -43.69 2.77
O2 GLC F . -27.87 -45.88 -1.76
O3 GLC F . -30.03 -45.11 -0.16
O4 GLC F . -29.63 -43.33 1.81
O5 GLC F . -26.34 -43.51 0.36
O6 GLC F . -25.37 -42.80 2.91
C1 GLC F . -24.39 -44.53 -1.39
C2 GLC F . -24.08 -43.34 -2.26
C3 GLC F . -24.50 -43.60 -3.64
C4 GLC F . -23.92 -44.87 -4.19
C5 GLC F . -24.08 -46.05 -3.25
C6 GLC F . -23.20 -47.18 -3.73
O1 GLC F . -25.76 -44.81 -1.48
O2 GLC F . -24.78 -42.21 -1.78
O3 GLC F . -24.05 -42.47 -4.48
O4 GLC F . -24.59 -45.15 -5.43
O5 GLC F . -23.67 -45.72 -1.88
O6 GLC F . -23.84 -48.40 -3.53
#